data_8TTZ
#
_entry.id   8TTZ
#
_cell.length_a   97.805
_cell.length_b   138.691
_cell.length_c   148.671
_cell.angle_alpha   90.00
_cell.angle_beta   90.00
_cell.angle_gamma   90.00
#
_symmetry.space_group_name_H-M   'P 21 21 21'
#
loop_
_entity.id
_entity.type
_entity.pdbx_description
1 polymer 'Toll-like receptor 7'
2 branched 2-acetamido-2-deoxy-beta-D-glucopyranose-(1-4)-2-acetamido-2-deoxy-beta-D-glucopyranose
3 non-polymer 2-acetamido-2-deoxy-beta-D-glucopyranose
4 non-polymer 'SULFATE ION'
5 non-polymer (3S)-3-({5-amino-1-[(2-methoxy-4-{[(oxan-4-yl)amino]methyl}phenyl)methyl]-1H-pyrazolo[4,3-d]pyrimidin-7-yl}amino)hexan-1-ol
6 water water
#
_entity_poly.entity_id   1
_entity_poly.type   'polypeptide(L)'
_entity_poly.pdbx_seq_one_letter_code
;RSPWARWFPKTLPCDVTLDVSKNHVIVDCTDKHLTEIPGGIPTNTTNLTLTINHIPDISPASFHRLVHLVEIDFRCNCVP
IRLGSKSNMCPRRLQIKPRSFSGLTYLKSLYLDGNQLLEIPQGLPPSLQLLSLEANNIFSIRKEQLTELANIEILYLGQN
CYYRNPCYVSYSIEKDAFLNLTKLKVLSLKDNNVTTVPTVLPSTLTELYLYNNMIAEIQEDDFNNLNQLQILDLSGNCPR
CYNAPFPCTPCKNNSPLQIPVNAFDALTELKVLRLHSNSLQHVPPRWFKNINNLQELDLSQNFLAKEIGDAKFLHFLPNL
IQLDLSFNFELQVYRASMNLSQAFSSLKSLKILRIRGYVFKELKSFQLSPLHNLQNLEVLDLGTNFIKIANLSMFKQFKR
LKVIDLSVNKISPSGDSSEVGFCSNARTSVESYEPQVLEQLYYFRYDKYARSCRFKNKEASFTSVQESCYKYGQTLDLSK
NSIFFIKSSDFQHLSFLKCLNLSGNLISQTLNGSEFQPLAELRYLDFSNNRLDLLHSTAFEELRKLEVLDISSNSHYFQS
EGITHMLNFTKNLKVLQKLMMNDNDISSSTSRTMESESLRTLEFRGNHLDVLWRDGDNRYLQLFKNLLKLEELDISKNSL
SFLPSGVFDGMPPNLKNLSLAKNGLKSFIWEKLRYLKNLETLDLSHNQLTTVPERLSNCSRSLKNLILKNNQIRSLTKYF
LQDAFQLRYLDLSSNKIQMIQKTSFPENVLNNLKMLLLHHNRFLCTCDAVWFVWWVQHTEVTIPYLATDVTCVGPGAHKG
QSVISLDLYTCELDLTN
;
_entity_poly.pdbx_strand_id   A,B
#
loop_
_chem_comp.id
_chem_comp.type
_chem_comp.name
_chem_comp.formula
NAG D-saccharide, beta linking 2-acetamido-2-deoxy-beta-D-glucopyranose 'C8 H15 N O6'
QCX non-polymer (3S)-3-({5-amino-1-[(2-methoxy-4-{[(oxan-4-yl)amino]methyl}phenyl)methyl]-1H-pyrazolo[4,3-d]pyrimidin-7-yl}amino)hexan-1-ol 'C25 H37 N7 O3'
SO4 non-polymer 'SULFATE ION' 'O4 S -2'
#
# COMPACT_ATOMS: atom_id res chain seq x y z
N ALA A 5 -24.59 36.43 12.73
CA ALA A 5 -23.45 36.83 13.56
C ALA A 5 -22.67 37.98 12.90
N ARG A 6 -22.29 37.81 11.62
CA ARG A 6 -21.58 38.82 10.83
C ARG A 6 -22.60 39.74 10.15
N TRP A 7 -22.22 41.00 9.86
CA TRP A 7 -23.08 41.94 9.17
C TRP A 7 -22.76 41.95 7.68
N PHE A 8 -21.47 41.81 7.34
CA PHE A 8 -21.00 41.78 5.97
C PHE A 8 -20.18 40.52 5.74
N PRO A 9 -20.67 39.57 4.88
CA PRO A 9 -19.92 38.34 4.65
C PRO A 9 -18.59 38.57 3.95
N LYS A 10 -17.58 37.77 4.30
CA LYS A 10 -16.26 37.87 3.69
C LYS A 10 -16.30 37.10 2.37
N THR A 11 -16.38 37.84 1.26
CA THR A 11 -16.49 37.29 -0.10
C THR A 11 -15.11 37.08 -0.77
N LEU A 12 -14.05 37.77 -0.27
CA LEU A 12 -12.70 37.70 -0.81
C LEU A 12 -12.12 36.28 -0.73
N PRO A 13 -11.58 35.74 -1.85
CA PRO A 13 -11.05 34.37 -1.82
C PRO A 13 -9.64 34.25 -1.22
N CYS A 14 -9.35 35.03 -0.18
CA CYS A 14 -8.06 35.06 0.49
C CYS A 14 -8.19 35.04 1.99
N ASP A 15 -7.29 34.32 2.68
CA ASP A 15 -7.31 34.25 4.14
C ASP A 15 -6.80 35.56 4.75
N VAL A 16 -7.73 36.36 5.28
CA VAL A 16 -7.42 37.65 5.91
C VAL A 16 -7.27 37.46 7.43
N THR A 17 -6.11 37.87 7.95
CA THR A 17 -5.74 37.79 9.36
C THR A 17 -5.34 39.20 9.81
N LEU A 18 -5.51 39.47 11.10
CA LEU A 18 -5.19 40.73 11.74
C LEU A 18 -4.28 40.48 12.94
N ASP A 19 -3.11 41.11 12.94
CA ASP A 19 -2.17 41.00 14.05
C ASP A 19 -1.89 42.41 14.57
N VAL A 20 -2.82 42.94 15.41
CA VAL A 20 -2.78 44.29 15.98
C VAL A 20 -1.46 44.55 16.78
N SER A 21 -0.81 43.46 17.26
CA SER A 21 0.46 43.49 18.00
C SER A 21 1.60 44.08 17.14
N LYS A 22 1.61 43.72 15.83
CA LYS A 22 2.59 44.20 14.84
C LYS A 22 1.97 45.12 13.77
N ASN A 23 0.67 45.46 13.91
CA ASN A 23 -0.13 46.31 13.01
C ASN A 23 -0.15 45.80 11.56
N HIS A 24 -0.08 44.47 11.39
CA HIS A 24 -0.08 43.84 10.08
C HIS A 24 -1.46 43.29 9.68
N VAL A 25 -1.95 43.72 8.50
CA VAL A 25 -3.19 43.22 7.90
C VAL A 25 -2.69 42.27 6.81
N ILE A 26 -2.63 40.97 7.18
CA ILE A 26 -2.10 39.89 6.36
C ILE A 26 -3.16 39.27 5.47
N VAL A 27 -3.00 39.42 4.14
CA VAL A 27 -3.91 38.86 3.13
C VAL A 27 -3.14 37.76 2.36
N ASP A 28 -3.61 36.50 2.50
CA ASP A 28 -2.99 35.34 1.88
C ASP A 28 -3.85 34.71 0.76
N CYS A 29 -3.39 34.83 -0.49
CA CYS A 29 -4.07 34.28 -1.67
C CYS A 29 -3.23 33.16 -2.30
N THR A 30 -2.49 32.37 -1.47
CA THR A 30 -1.67 31.27 -1.98
C THR A 30 -2.55 30.21 -2.62
N ASP A 31 -2.23 29.85 -3.88
CA ASP A 31 -2.91 28.85 -4.71
C ASP A 31 -4.44 28.94 -4.65
N LYS A 32 -4.98 30.07 -5.15
CA LYS A 32 -6.42 30.31 -5.17
C LYS A 32 -6.91 30.41 -6.61
N HIS A 33 -6.12 29.84 -7.56
CA HIS A 33 -6.38 29.76 -9.01
C HIS A 33 -6.76 31.11 -9.64
N LEU A 34 -6.16 32.19 -9.12
CA LEU A 34 -6.42 33.57 -9.54
C LEU A 34 -5.82 33.89 -10.90
N THR A 35 -6.51 34.75 -11.67
CA THR A 35 -6.11 35.21 -13.01
C THR A 35 -6.01 36.74 -13.05
N GLU A 36 -6.44 37.40 -11.95
CA GLU A 36 -6.43 38.84 -11.71
C GLU A 36 -6.17 39.02 -10.22
N ILE A 37 -5.64 40.19 -9.80
CA ILE A 37 -5.46 40.46 -8.37
C ILE A 37 -6.89 40.66 -7.81
N PRO A 38 -7.32 39.86 -6.81
CA PRO A 38 -8.70 39.97 -6.30
C PRO A 38 -9.12 41.37 -5.88
N GLY A 39 -10.25 41.81 -6.39
CA GLY A 39 -10.83 43.11 -6.08
C GLY A 39 -11.31 43.16 -4.66
N GLY A 40 -11.16 44.33 -4.04
CA GLY A 40 -11.57 44.58 -2.67
C GLY A 40 -10.68 43.97 -1.62
N ILE A 41 -9.38 44.32 -1.66
CA ILE A 41 -8.40 43.91 -0.65
C ILE A 41 -8.37 45.08 0.34
N PRO A 42 -8.32 44.89 1.69
CA PRO A 42 -8.32 46.06 2.60
C PRO A 42 -7.26 47.10 2.27
N THR A 43 -7.59 48.40 2.43
CA THR A 43 -6.66 49.50 2.16
C THR A 43 -5.52 49.47 3.18
N ASN A 44 -5.87 49.07 4.42
CA ASN A 44 -4.95 48.93 5.54
C ASN A 44 -3.98 47.70 5.45
N THR A 45 -4.01 46.93 4.33
CA THR A 45 -3.19 45.73 4.09
C THR A 45 -1.70 46.03 4.03
N THR A 46 -0.89 45.29 4.82
CA THR A 46 0.56 45.43 4.90
C THR A 46 1.27 44.25 4.22
N ASN A 47 0.86 43.00 4.54
CA ASN A 47 1.45 41.80 3.94
C ASN A 47 0.46 41.16 2.96
N LEU A 48 0.84 41.07 1.67
CA LEU A 48 0.01 40.47 0.63
C LEU A 48 0.76 39.35 -0.09
N THR A 49 0.18 38.12 -0.08
CA THR A 49 0.74 36.92 -0.71
C THR A 49 -0.12 36.46 -1.87
N LEU A 50 0.49 36.29 -3.05
CA LEU A 50 -0.16 35.88 -4.30
C LEU A 50 0.61 34.75 -5.03
N THR A 51 1.22 33.84 -4.26
CA THR A 51 2.00 32.71 -4.77
C THR A 51 1.08 31.65 -5.42
N ILE A 52 1.62 30.92 -6.42
CA ILE A 52 0.99 29.83 -7.20
C ILE A 52 -0.37 30.28 -7.77
N ASN A 53 -0.35 31.39 -8.51
CA ASN A 53 -1.53 31.89 -9.19
C ASN A 53 -1.21 32.06 -10.67
N HIS A 54 -2.13 32.60 -11.46
CA HIS A 54 -1.93 32.78 -12.88
C HIS A 54 -2.15 34.22 -13.31
N ILE A 55 -1.72 35.18 -12.48
CA ILE A 55 -1.82 36.60 -12.79
C ILE A 55 -0.77 36.91 -13.88
N PRO A 56 -1.21 37.35 -15.09
CA PRO A 56 -0.25 37.52 -16.20
C PRO A 56 0.56 38.82 -16.21
N ASP A 57 0.10 39.85 -15.47
CA ASP A 57 0.77 41.14 -15.43
C ASP A 57 0.61 41.91 -14.12
N ILE A 58 1.52 42.89 -13.90
CA ILE A 58 1.53 43.80 -12.76
C ILE A 58 1.61 45.22 -13.34
N SER A 59 0.47 45.93 -13.32
CA SER A 59 0.33 47.32 -13.80
C SER A 59 0.24 48.25 -12.58
N PRO A 60 0.43 49.59 -12.69
CA PRO A 60 0.30 50.46 -11.48
C PRO A 60 -1.02 50.31 -10.73
N ALA A 61 -2.11 50.00 -11.46
CA ALA A 61 -3.45 49.79 -10.95
C ALA A 61 -3.58 48.63 -9.95
N SER A 62 -2.61 47.68 -9.97
CA SER A 62 -2.55 46.47 -9.14
C SER A 62 -2.66 46.72 -7.62
N PHE A 63 -1.80 47.61 -7.08
CA PHE A 63 -1.74 47.91 -5.64
C PHE A 63 -2.22 49.34 -5.32
N HIS A 64 -2.97 49.95 -6.26
CA HIS A 64 -3.52 51.31 -6.26
C HIS A 64 -3.86 51.90 -4.87
N ARG A 65 -4.85 51.31 -4.16
CA ARG A 65 -5.30 51.82 -2.85
C ARG A 65 -4.39 51.44 -1.69
N LEU A 66 -3.96 50.16 -1.65
CA LEU A 66 -3.13 49.58 -0.60
C LEU A 66 -1.71 50.14 -0.63
N VAL A 67 -1.56 51.37 -0.11
CA VAL A 67 -0.30 52.09 -0.04
C VAL A 67 0.41 51.81 1.30
N HIS A 68 -0.20 50.95 2.13
CA HIS A 68 0.30 50.56 3.45
C HIS A 68 1.11 49.27 3.40
N LEU A 69 1.35 48.74 2.19
CA LEU A 69 2.10 47.51 1.94
C LEU A 69 3.55 47.59 2.40
N VAL A 70 4.03 46.52 3.05
CA VAL A 70 5.39 46.35 3.55
C VAL A 70 6.05 45.12 2.91
N GLU A 71 5.22 44.09 2.55
CA GLU A 71 5.67 42.86 1.89
C GLU A 71 4.74 42.47 0.75
N ILE A 72 5.32 42.11 -0.40
CA ILE A 72 4.61 41.61 -1.58
C ILE A 72 5.26 40.28 -1.97
N ASP A 73 4.46 39.21 -1.96
CA ASP A 73 4.88 37.87 -2.29
C ASP A 73 4.20 37.46 -3.60
N PHE A 74 4.80 37.84 -4.73
CA PHE A 74 4.28 37.54 -6.06
C PHE A 74 5.09 36.41 -6.73
N ARG A 75 5.35 35.34 -5.98
CA ARG A 75 6.13 34.19 -6.42
C ARG A 75 5.34 33.22 -7.30
N CYS A 76 6.07 32.42 -8.11
CA CYS A 76 5.62 31.34 -9.00
C CYS A 76 4.30 31.61 -9.77
N ASN A 77 4.18 32.79 -10.40
CA ASN A 77 3.01 33.13 -11.22
C ASN A 77 3.27 32.80 -12.69
N CYS A 78 4.52 32.48 -13.02
CA CYS A 78 5.01 32.05 -14.32
C CYS A 78 6.28 31.22 -14.14
N VAL A 79 6.18 30.15 -13.35
CA VAL A 79 7.27 29.24 -12.98
C VAL A 79 7.87 28.54 -14.24
N PRO A 80 9.22 28.60 -14.45
CA PRO A 80 9.84 27.98 -15.65
C PRO A 80 9.44 26.53 -15.90
N ILE A 81 9.17 26.22 -17.19
CA ILE A 81 8.72 24.93 -17.75
C ILE A 81 9.21 23.68 -16.96
N ARG A 82 10.55 23.50 -16.83
CA ARG A 82 11.18 22.34 -16.16
C ARG A 82 10.95 22.29 -14.65
N LEU A 83 10.69 23.44 -14.02
CA LEU A 83 10.44 23.57 -12.59
C LEU A 83 8.96 23.56 -12.20
N GLY A 84 8.10 24.05 -13.10
CA GLY A 84 6.68 24.16 -12.85
C GLY A 84 5.79 23.09 -13.44
N SER A 85 4.47 23.23 -13.20
CA SER A 85 3.38 22.36 -13.66
C SER A 85 3.36 22.21 -15.18
N LYS A 86 3.23 20.95 -15.65
CA LYS A 86 3.17 20.60 -17.07
C LYS A 86 1.73 20.51 -17.59
N SER A 87 0.75 20.34 -16.67
CA SER A 87 -0.68 20.29 -16.99
C SER A 87 -1.17 21.74 -17.20
N ASN A 88 -0.78 22.65 -16.29
CA ASN A 88 -1.10 24.07 -16.37
C ASN A 88 0.22 24.86 -16.47
N MET A 89 0.77 24.91 -17.70
CA MET A 89 2.02 25.59 -18.04
C MET A 89 1.80 27.10 -18.24
N CYS A 90 2.84 27.90 -18.01
CA CYS A 90 2.77 29.35 -18.21
C CYS A 90 2.94 29.69 -19.70
N PRO A 91 1.99 30.45 -20.30
CA PRO A 91 2.10 30.76 -21.73
C PRO A 91 3.17 31.81 -22.09
N ARG A 92 3.12 32.98 -21.43
CA ARG A 92 4.01 34.12 -21.63
C ARG A 92 4.49 34.58 -20.26
N ARG A 93 5.76 35.05 -20.16
CA ARG A 93 6.38 35.54 -18.93
C ARG A 93 5.61 36.69 -18.27
N LEU A 94 5.73 36.84 -16.93
CA LEU A 94 5.07 37.90 -16.16
C LEU A 94 5.50 39.28 -16.65
N GLN A 95 4.52 40.13 -16.97
CA GLN A 95 4.76 41.47 -17.50
C GLN A 95 4.62 42.51 -16.40
N ILE A 96 5.76 43.09 -15.97
CA ILE A 96 5.75 44.13 -14.94
C ILE A 96 5.84 45.49 -15.65
N LYS A 97 4.70 46.20 -15.67
CA LYS A 97 4.54 47.52 -16.29
C LYS A 97 5.25 48.58 -15.46
N PRO A 98 5.77 49.68 -16.06
CA PRO A 98 6.49 50.70 -15.25
C PRO A 98 5.62 51.41 -14.22
N ARG A 99 6.27 51.90 -13.14
CA ARG A 99 5.68 52.65 -12.01
C ARG A 99 4.70 51.80 -11.16
N SER A 100 4.78 50.46 -11.29
CA SER A 100 3.92 49.50 -10.57
C SER A 100 4.25 49.43 -9.09
N PHE A 101 5.52 49.66 -8.72
CA PHE A 101 6.02 49.58 -7.35
C PHE A 101 6.45 50.89 -6.75
N SER A 102 7.01 51.79 -7.58
CA SER A 102 7.55 53.09 -7.15
C SER A 102 6.63 53.90 -6.22
N GLY A 103 5.31 53.73 -6.37
CA GLY A 103 4.32 54.42 -5.56
C GLY A 103 4.20 53.88 -4.14
N LEU A 104 4.48 52.58 -3.95
CA LEU A 104 4.39 51.88 -2.66
C LEU A 104 5.53 52.28 -1.71
N THR A 105 5.40 53.50 -1.16
CA THR A 105 6.31 54.20 -0.24
C THR A 105 6.86 53.33 0.91
N TYR A 106 6.01 52.51 1.57
CA TYR A 106 6.40 51.73 2.74
C TYR A 106 6.90 50.30 2.47
N LEU A 107 7.03 49.88 1.19
CA LEU A 107 7.47 48.53 0.80
C LEU A 107 8.89 48.18 1.27
N LYS A 108 9.04 47.06 2.02
CA LYS A 108 10.30 46.55 2.57
C LYS A 108 10.75 45.22 1.94
N SER A 109 9.80 44.31 1.61
CA SER A 109 10.10 43.01 0.99
C SER A 109 9.33 42.81 -0.31
N LEU A 110 9.99 42.28 -1.34
CA LEU A 110 9.39 42.00 -2.64
C LEU A 110 9.96 40.71 -3.23
N TYR A 111 9.11 39.66 -3.27
CA TYR A 111 9.43 38.35 -3.79
C TYR A 111 8.86 38.22 -5.18
N LEU A 112 9.72 37.99 -6.18
CA LEU A 112 9.33 37.83 -7.58
C LEU A 112 9.97 36.58 -8.20
N ASP A 113 10.14 35.52 -7.39
CA ASP A 113 10.72 34.26 -7.80
C ASP A 113 9.85 33.48 -8.75
N GLY A 114 10.48 32.81 -9.71
CA GLY A 114 9.84 31.96 -10.71
C GLY A 114 8.74 32.63 -11.49
N ASN A 115 9.08 33.72 -12.19
CA ASN A 115 8.13 34.46 -13.01
C ASN A 115 8.67 34.68 -14.42
N GLN A 116 9.77 33.94 -14.76
CA GLN A 116 10.50 33.99 -16.04
C GLN A 116 10.93 35.42 -16.44
N LEU A 117 11.22 36.27 -15.44
CA LEU A 117 11.60 37.67 -15.63
C LEU A 117 12.94 37.81 -16.35
N LEU A 118 12.99 38.66 -17.38
CA LEU A 118 14.20 38.85 -18.19
C LEU A 118 15.18 39.88 -17.61
N GLU A 119 14.70 40.83 -16.79
CA GLU A 119 15.53 41.89 -16.18
C GLU A 119 15.12 42.23 -14.76
N ILE A 120 16.00 42.97 -14.04
CA ILE A 120 15.75 43.44 -12.68
C ILE A 120 14.63 44.50 -12.76
N PRO A 121 13.48 44.26 -12.09
CA PRO A 121 12.37 45.23 -12.16
C PRO A 121 12.81 46.62 -11.73
N GLN A 122 12.80 47.57 -12.67
CA GLN A 122 13.18 48.95 -12.36
C GLN A 122 11.98 49.71 -11.82
N GLY A 123 12.23 50.84 -11.17
CA GLY A 123 11.19 51.66 -10.55
C GLY A 123 10.68 51.07 -9.26
N LEU A 124 11.62 50.68 -8.38
CA LEU A 124 11.30 50.10 -7.07
C LEU A 124 11.49 51.14 -5.97
N PRO A 125 10.67 51.10 -4.89
CA PRO A 125 10.80 52.12 -3.82
C PRO A 125 12.12 52.08 -3.04
N PRO A 126 12.64 53.26 -2.62
CA PRO A 126 13.92 53.29 -1.89
C PRO A 126 13.88 52.73 -0.46
N SER A 127 12.70 52.27 -0.03
CA SER A 127 12.45 51.69 1.29
C SER A 127 12.70 50.19 1.32
N LEU A 128 12.80 49.55 0.13
CA LEU A 128 13.00 48.11 -0.03
C LEU A 128 14.31 47.63 0.59
N GLN A 129 14.22 46.55 1.40
CA GLN A 129 15.32 45.92 2.11
C GLN A 129 15.59 44.52 1.54
N LEU A 130 14.53 43.78 1.18
CA LEU A 130 14.63 42.43 0.60
C LEU A 130 14.07 42.39 -0.82
N LEU A 131 14.83 41.78 -1.74
CA LEU A 131 14.42 41.56 -3.11
C LEU A 131 14.81 40.15 -3.49
N SER A 132 13.82 39.36 -3.89
CA SER A 132 14.01 37.97 -4.28
C SER A 132 13.64 37.80 -5.75
N LEU A 133 14.62 37.39 -6.57
CA LEU A 133 14.45 37.18 -8.01
C LEU A 133 14.94 35.79 -8.45
N GLU A 134 14.82 34.78 -7.55
CA GLU A 134 15.18 33.39 -7.82
C GLU A 134 14.32 32.81 -8.96
N ALA A 135 14.81 31.76 -9.64
CA ALA A 135 14.11 31.06 -10.73
C ALA A 135 13.57 31.96 -11.89
N ASN A 136 14.23 33.11 -12.13
CA ASN A 136 13.86 33.97 -13.26
C ASN A 136 14.92 33.79 -14.35
N ASN A 137 14.92 34.64 -15.40
CA ASN A 137 15.90 34.51 -16.49
C ASN A 137 16.82 35.74 -16.57
N ILE A 138 17.33 36.19 -15.41
CA ILE A 138 18.26 37.32 -15.27
C ILE A 138 19.66 36.74 -15.04
N PHE A 139 20.50 36.74 -16.09
CA PHE A 139 21.86 36.17 -16.08
C PHE A 139 22.93 37.18 -16.55
N SER A 140 22.60 38.47 -16.47
CA SER A 140 23.47 39.59 -16.80
C SER A 140 23.18 40.75 -15.86
N ILE A 141 24.04 40.91 -14.84
CA ILE A 141 23.93 41.95 -13.82
C ILE A 141 24.85 43.13 -14.20
N ARG A 142 24.26 44.32 -14.35
CA ARG A 142 24.98 45.55 -14.69
C ARG A 142 24.79 46.59 -13.59
N LYS A 143 25.78 47.47 -13.40
CA LYS A 143 25.78 48.52 -12.36
C LYS A 143 24.56 49.43 -12.41
N GLU A 144 24.15 49.84 -13.63
CA GLU A 144 23.00 50.71 -13.90
C GLU A 144 21.71 50.12 -13.32
N GLN A 145 21.53 48.80 -13.45
CA GLN A 145 20.35 48.08 -12.95
C GLN A 145 20.18 48.18 -11.42
N LEU A 146 21.27 48.12 -10.64
CA LEU A 146 21.20 48.17 -9.18
C LEU A 146 21.27 49.59 -8.55
N THR A 147 21.24 50.67 -9.37
CA THR A 147 21.30 52.06 -8.87
C THR A 147 20.09 52.41 -8.01
N GLU A 148 18.90 51.89 -8.38
CA GLU A 148 17.64 52.08 -7.67
C GLU A 148 17.64 51.34 -6.33
N LEU A 149 18.36 50.21 -6.27
CA LEU A 149 18.46 49.30 -5.11
C LEU A 149 19.53 49.72 -4.07
N ALA A 150 19.78 51.03 -3.93
CA ALA A 150 20.78 51.60 -3.01
C ALA A 150 20.69 51.12 -1.54
N ASN A 151 19.44 51.03 -1.00
CA ASN A 151 19.14 50.64 0.38
C ASN A 151 18.93 49.13 0.64
N ILE A 152 19.08 48.27 -0.39
CA ILE A 152 18.86 46.83 -0.27
C ILE A 152 19.82 46.17 0.76
N GLU A 153 19.29 45.23 1.56
CA GLU A 153 20.01 44.50 2.60
C GLU A 153 20.12 43.02 2.27
N ILE A 154 19.03 42.41 1.78
CA ILE A 154 19.01 41.00 1.40
C ILE A 154 18.68 40.87 -0.10
N LEU A 155 19.54 40.14 -0.86
CA LEU A 155 19.38 39.97 -2.30
C LEU A 155 19.51 38.52 -2.77
N TYR A 156 18.45 37.99 -3.40
CA TYR A 156 18.41 36.64 -3.93
C TYR A 156 18.38 36.68 -5.45
N LEU A 157 19.49 36.30 -6.08
CA LEU A 157 19.62 36.27 -7.54
C LEU A 157 19.85 34.85 -8.10
N GLY A 158 19.89 33.86 -7.19
CA GLY A 158 20.13 32.45 -7.52
C GLY A 158 19.13 31.77 -8.44
N GLN A 159 19.46 30.52 -8.87
CA GLN A 159 18.65 29.63 -9.73
C GLN A 159 18.21 30.27 -11.08
N ASN A 160 18.96 31.26 -11.57
CA ASN A 160 18.67 31.96 -12.82
C ASN A 160 19.33 31.31 -14.05
N CYS A 161 20.27 30.37 -13.82
CA CYS A 161 20.95 29.65 -14.91
C CYS A 161 21.52 28.30 -14.46
N TYR A 162 20.65 27.28 -14.34
CA TYR A 162 21.08 25.92 -13.95
C TYR A 162 20.34 24.84 -14.79
N TYR A 163 20.57 23.54 -14.54
CA TYR A 163 19.97 22.47 -15.36
C TYR A 163 18.43 22.47 -15.42
N ARG A 164 17.73 22.95 -14.38
CA ARG A 164 16.26 23.02 -14.35
C ARG A 164 15.75 24.33 -14.98
N ASN A 165 16.64 25.30 -15.21
CA ASN A 165 16.30 26.61 -15.77
C ASN A 165 17.53 27.16 -16.54
N PRO A 166 17.83 26.59 -17.73
CA PRO A 166 19.06 27.00 -18.44
C PRO A 166 19.00 28.34 -19.13
N CYS A 167 20.20 28.94 -19.32
CA CYS A 167 20.40 30.21 -20.02
C CYS A 167 21.42 30.06 -21.15
N TYR A 168 22.09 28.88 -21.24
CA TYR A 168 23.04 28.42 -22.29
C TYR A 168 24.24 29.35 -22.55
N VAL A 169 24.61 30.16 -21.54
CA VAL A 169 25.75 31.10 -21.50
C VAL A 169 26.27 31.16 -20.06
N SER A 170 27.39 31.83 -19.82
CA SER A 170 27.91 32.01 -18.47
C SER A 170 27.25 33.23 -17.83
N TYR A 171 27.14 33.24 -16.49
CA TYR A 171 26.54 34.36 -15.76
C TYR A 171 27.50 35.54 -15.83
N SER A 172 26.98 36.73 -16.16
CA SER A 172 27.77 37.95 -16.31
C SER A 172 27.47 38.98 -15.23
N ILE A 173 28.52 39.44 -14.54
CA ILE A 173 28.42 40.46 -13.49
C ILE A 173 29.50 41.52 -13.73
N GLU A 174 29.08 42.78 -13.86
CA GLU A 174 29.94 43.93 -14.09
C GLU A 174 30.93 44.13 -12.95
N LYS A 175 32.09 44.73 -13.24
CA LYS A 175 33.11 45.02 -12.23
C LYS A 175 32.52 46.06 -11.26
N ASP A 176 32.51 45.71 -9.95
CA ASP A 176 31.99 46.52 -8.85
C ASP A 176 30.49 46.80 -8.99
N ALA A 177 29.71 45.76 -9.40
CA ALA A 177 28.26 45.86 -9.58
C ALA A 177 27.55 46.07 -8.24
N PHE A 178 27.91 45.28 -7.22
CA PHE A 178 27.30 45.35 -5.89
C PHE A 178 28.04 46.28 -4.91
N LEU A 179 29.13 46.93 -5.36
CA LEU A 179 29.97 47.80 -4.52
C LEU A 179 29.26 49.04 -3.96
N ASN A 180 28.36 49.68 -4.73
CA ASN A 180 27.66 50.88 -4.23
C ASN A 180 26.47 50.56 -3.32
N LEU A 181 26.05 49.28 -3.23
CA LEU A 181 24.96 48.83 -2.34
C LEU A 181 25.55 48.74 -0.92
N THR A 182 25.87 49.92 -0.35
CA THR A 182 26.50 50.19 0.94
C THR A 182 25.75 49.61 2.17
N LYS A 183 24.52 49.10 1.96
CA LYS A 183 23.70 48.52 3.03
C LYS A 183 23.48 47.00 2.88
N LEU A 184 24.04 46.40 1.80
CA LEU A 184 23.93 44.97 1.50
C LEU A 184 24.55 44.10 2.57
N LYS A 185 23.76 43.14 3.07
CA LYS A 185 24.14 42.20 4.13
C LYS A 185 24.11 40.75 3.63
N VAL A 186 23.09 40.37 2.85
CA VAL A 186 22.98 39.01 2.30
C VAL A 186 22.99 39.06 0.78
N LEU A 187 23.75 38.13 0.15
CA LEU A 187 23.87 38.00 -1.30
C LEU A 187 24.01 36.53 -1.71
N SER A 188 22.94 35.98 -2.33
CA SER A 188 22.86 34.61 -2.83
C SER A 188 22.99 34.65 -4.35
N LEU A 189 23.91 33.83 -4.89
CA LEU A 189 24.17 33.72 -6.33
C LEU A 189 24.26 32.24 -6.73
N LYS A 190 23.69 31.37 -5.88
CA LYS A 190 23.62 29.92 -6.02
C LYS A 190 22.97 29.47 -7.33
N ASP A 191 23.40 28.32 -7.86
CA ASP A 191 22.85 27.70 -9.07
C ASP A 191 22.73 28.68 -10.26
N ASN A 192 23.84 29.38 -10.59
CA ASN A 192 23.80 30.42 -11.62
C ASN A 192 24.83 30.35 -12.77
N ASN A 193 25.69 29.30 -12.85
CA ASN A 193 26.71 29.21 -13.93
C ASN A 193 27.78 30.36 -13.83
N VAL A 194 28.03 30.86 -12.60
CA VAL A 194 28.98 31.93 -12.29
C VAL A 194 30.41 31.35 -12.43
N THR A 195 31.25 31.94 -13.30
CA THR A 195 32.61 31.44 -13.56
C THR A 195 33.69 31.92 -12.57
N THR A 196 33.55 33.15 -12.04
CA THR A 196 34.49 33.78 -11.12
C THR A 196 33.74 34.57 -10.05
N VAL A 197 34.35 34.69 -8.85
CA VAL A 197 33.77 35.43 -7.71
C VAL A 197 33.55 36.91 -8.10
N PRO A 198 32.30 37.43 -8.04
CA PRO A 198 32.07 38.84 -8.40
C PRO A 198 32.80 39.77 -7.45
N THR A 199 33.56 40.73 -8.00
CA THR A 199 34.36 41.68 -7.23
C THR A 199 34.26 43.10 -7.82
N VAL A 200 34.34 44.17 -7.00
CA VAL A 200 34.50 44.15 -5.54
C VAL A 200 33.13 44.12 -4.83
N LEU A 201 32.99 43.24 -3.83
CA LEU A 201 31.75 43.12 -3.06
C LEU A 201 31.74 44.11 -1.90
N PRO A 202 30.55 44.53 -1.38
CA PRO A 202 30.56 45.50 -0.26
C PRO A 202 31.01 44.88 1.07
N SER A 203 31.93 45.57 1.80
CA SER A 203 32.50 45.16 3.10
C SER A 203 31.44 44.90 4.20
N THR A 204 30.21 45.40 3.97
CA THR A 204 29.05 45.32 4.84
C THR A 204 28.37 43.92 4.80
N LEU A 205 28.75 43.05 3.83
CA LEU A 205 28.20 41.70 3.68
C LEU A 205 28.47 40.82 4.91
N THR A 206 27.51 39.93 5.24
CA THR A 206 27.59 38.98 6.37
C THR A 206 27.28 37.54 5.92
N GLU A 207 26.62 37.39 4.77
CA GLU A 207 26.26 36.09 4.22
C GLU A 207 26.52 36.07 2.71
N LEU A 208 27.30 35.08 2.24
CA LEU A 208 27.65 34.95 0.83
C LEU A 208 27.47 33.53 0.37
N TYR A 209 26.60 33.35 -0.63
CA TYR A 209 26.27 32.05 -1.20
C TYR A 209 26.63 32.04 -2.69
N LEU A 210 27.67 31.27 -3.03
CA LEU A 210 28.20 31.14 -4.39
C LEU A 210 28.23 29.67 -4.80
N TYR A 211 27.44 28.83 -4.12
CA TYR A 211 27.45 27.40 -4.38
C TYR A 211 26.73 26.99 -5.67
N ASN A 212 27.11 25.82 -6.22
CA ASN A 212 26.63 25.26 -7.49
C ASN A 212 26.88 26.21 -8.68
N ASN A 213 28.15 26.45 -9.02
CA ASN A 213 28.54 27.33 -10.12
C ASN A 213 29.74 26.79 -10.94
N MET A 214 30.32 27.64 -11.82
CA MET A 214 31.47 27.33 -12.69
C MET A 214 32.78 27.87 -12.11
N ILE A 215 32.79 28.31 -10.83
CA ILE A 215 33.99 28.86 -10.19
C ILE A 215 35.04 27.75 -10.02
N ALA A 216 36.17 27.88 -10.74
CA ALA A 216 37.23 26.86 -10.72
C ALA A 216 38.39 27.25 -9.83
N GLU A 217 38.62 28.56 -9.68
CA GLU A 217 39.69 29.11 -8.84
C GLU A 217 39.19 30.31 -8.07
N ILE A 218 39.75 30.50 -6.88
CA ILE A 218 39.50 31.65 -6.00
C ILE A 218 40.79 32.48 -6.04
N GLN A 219 40.66 33.81 -6.06
CA GLN A 219 41.83 34.70 -6.01
C GLN A 219 42.07 35.00 -4.54
N GLU A 220 43.31 35.38 -4.17
CA GLU A 220 43.62 35.71 -2.76
C GLU A 220 42.87 36.97 -2.29
N ASP A 221 42.68 37.95 -3.19
CA ASP A 221 41.99 39.21 -2.91
C ASP A 221 40.46 39.14 -3.09
N ASP A 222 39.93 37.95 -3.41
CA ASP A 222 38.51 37.76 -3.67
C ASP A 222 37.63 38.16 -2.48
N PHE A 223 38.12 37.98 -1.24
CA PHE A 223 37.38 38.34 -0.02
C PHE A 223 38.20 39.23 0.94
N ASN A 224 39.10 40.05 0.37
CA ASN A 224 40.01 40.96 1.08
C ASN A 224 39.33 42.03 1.93
N ASN A 225 38.09 42.42 1.59
CA ASN A 225 37.39 43.49 2.32
C ASN A 225 36.20 42.99 3.15
N LEU A 226 35.74 41.75 2.95
CA LEU A 226 34.58 41.21 3.68
C LEU A 226 34.93 40.79 5.12
N ASN A 227 35.34 41.76 5.94
CA ASN A 227 35.69 41.54 7.35
C ASN A 227 34.46 41.16 8.20
N GLN A 228 33.28 41.72 7.85
CA GLN A 228 32.02 41.49 8.55
C GLN A 228 31.35 40.16 8.21
N LEU A 229 31.85 39.43 7.17
CA LEU A 229 31.31 38.14 6.70
C LEU A 229 31.25 37.07 7.78
N GLN A 230 30.06 36.45 7.94
CA GLN A 230 29.78 35.42 8.93
C GLN A 230 29.56 34.05 8.30
N ILE A 231 28.87 33.98 7.14
CA ILE A 231 28.62 32.71 6.41
C ILE A 231 29.15 32.82 4.98
N LEU A 232 29.89 31.79 4.52
CA LEU A 232 30.40 31.65 3.16
C LEU A 232 30.20 30.21 2.64
N ASP A 233 29.57 30.06 1.47
CA ASP A 233 29.31 28.76 0.85
C ASP A 233 29.90 28.73 -0.56
N LEU A 234 30.91 27.87 -0.78
CA LEU A 234 31.58 27.72 -2.08
C LEU A 234 31.41 26.30 -2.65
N SER A 235 30.37 25.58 -2.20
CA SER A 235 30.04 24.22 -2.60
C SER A 235 29.65 24.06 -4.08
N GLY A 236 29.73 22.83 -4.61
CA GLY A 236 29.34 22.52 -5.99
C GLY A 236 30.07 23.26 -7.09
N ASN A 237 31.34 23.59 -6.83
CA ASN A 237 32.30 24.24 -7.73
C ASN A 237 33.43 23.21 -7.80
N CYS A 238 33.54 22.47 -8.93
CA CYS A 238 34.41 21.31 -9.14
C CYS A 238 33.75 20.18 -8.32
N PRO A 239 32.57 19.67 -8.70
CA PRO A 239 31.90 18.68 -7.85
C PRO A 239 32.35 17.22 -7.98
N ARG A 240 32.07 16.44 -6.92
CA ARG A 240 32.29 15.01 -6.85
C ARG A 240 31.01 14.48 -7.52
N CYS A 241 31.10 14.09 -8.81
CA CYS A 241 29.93 13.68 -9.58
C CYS A 241 29.58 12.19 -9.49
N TYR A 242 30.29 11.41 -8.66
CA TYR A 242 29.99 9.98 -8.53
C TYR A 242 28.68 9.73 -7.76
N ASN A 243 27.76 9.00 -8.43
CA ASN A 243 26.41 8.63 -7.97
C ASN A 243 25.52 9.86 -7.76
N ALA A 244 25.78 10.93 -8.53
CA ALA A 244 25.02 12.17 -8.47
C ALA A 244 23.64 11.97 -9.13
N PRO A 245 22.53 12.22 -8.41
CA PRO A 245 21.20 12.05 -9.00
C PRO A 245 20.70 13.29 -9.77
N PHE A 246 21.63 14.09 -10.29
CA PHE A 246 21.37 15.30 -11.06
C PHE A 246 22.51 15.51 -12.06
N PRO A 247 22.25 16.12 -13.26
CA PRO A 247 23.34 16.35 -14.22
C PRO A 247 24.50 17.12 -13.58
N CYS A 248 25.62 16.42 -13.38
CA CYS A 248 26.79 16.92 -12.70
C CYS A 248 28.02 16.89 -13.63
N THR A 249 28.74 18.02 -13.74
CA THR A 249 29.95 18.11 -14.56
C THR A 249 31.14 18.59 -13.71
N PRO A 250 32.18 17.74 -13.53
CA PRO A 250 33.32 18.15 -12.68
C PRO A 250 34.39 18.97 -13.40
N CYS A 251 35.22 19.71 -12.62
CA CYS A 251 36.32 20.53 -13.13
C CYS A 251 37.25 19.64 -13.94
N LYS A 252 37.79 20.14 -15.08
CA LYS A 252 38.66 19.31 -15.93
C LYS A 252 39.80 18.64 -15.16
N ASN A 253 40.06 17.34 -15.47
CA ASN A 253 41.07 16.45 -14.85
C ASN A 253 40.72 16.17 -13.37
N ASN A 254 39.42 16.28 -13.03
CA ASN A 254 38.83 16.08 -11.69
C ASN A 254 39.44 17.00 -10.62
N SER A 255 40.16 18.06 -11.07
CA SER A 255 40.83 19.10 -10.28
C SER A 255 39.93 19.68 -9.18
N PRO A 256 40.48 20.00 -7.99
CA PRO A 256 39.63 20.56 -6.93
C PRO A 256 39.44 22.06 -7.09
N LEU A 257 38.53 22.66 -6.29
CA LEU A 257 38.35 24.10 -6.26
C LEU A 257 39.66 24.66 -5.69
N GLN A 258 40.45 25.32 -6.56
CA GLN A 258 41.75 25.88 -6.18
C GLN A 258 41.53 27.11 -5.33
N ILE A 259 41.86 27.01 -4.03
CA ILE A 259 41.72 28.13 -3.08
C ILE A 259 43.12 28.49 -2.54
N PRO A 260 43.59 29.76 -2.69
CA PRO A 260 44.87 30.13 -2.09
C PRO A 260 44.84 29.99 -0.57
N VAL A 261 45.99 29.69 0.04
CA VAL A 261 46.14 29.49 1.47
C VAL A 261 45.70 30.73 2.29
N ASN A 262 45.97 31.94 1.76
CA ASN A 262 45.65 33.22 2.41
C ASN A 262 44.30 33.83 1.97
N ALA A 263 43.41 33.03 1.32
CA ALA A 263 42.11 33.50 0.82
C ALA A 263 41.12 33.92 1.91
N PHE A 264 41.12 33.22 3.06
CA PHE A 264 40.19 33.51 4.16
C PHE A 264 40.81 34.36 5.30
N ASP A 265 41.91 35.08 5.02
CA ASP A 265 42.64 35.92 5.99
C ASP A 265 41.85 37.13 6.52
N ALA A 266 40.97 37.71 5.70
CA ALA A 266 40.18 38.87 6.09
C ALA A 266 38.93 38.53 6.89
N LEU A 267 38.42 37.28 6.74
CA LEU A 267 37.18 36.78 7.34
C LEU A 267 37.35 36.35 8.81
N THR A 268 37.62 37.31 9.70
CA THR A 268 37.81 37.07 11.14
C THR A 268 36.50 36.69 11.82
N GLU A 269 35.37 37.25 11.33
CA GLU A 269 34.05 37.04 11.88
C GLU A 269 33.33 35.83 11.28
N LEU A 270 34.05 35.04 10.44
CA LEU A 270 33.46 33.85 9.81
C LEU A 270 33.14 32.78 10.84
N LYS A 271 31.91 32.25 10.77
CA LYS A 271 31.38 31.24 11.67
C LYS A 271 31.01 29.95 10.90
N VAL A 272 30.53 30.09 9.63
CA VAL A 272 30.11 28.99 8.77
C VAL A 272 30.89 28.99 7.45
N LEU A 273 31.56 27.88 7.14
CA LEU A 273 32.31 27.68 5.91
C LEU A 273 31.91 26.35 5.30
N ARG A 274 31.12 26.39 4.23
CA ARG A 274 30.63 25.19 3.56
C ARG A 274 31.36 24.94 2.25
N LEU A 275 32.11 23.84 2.22
CA LEU A 275 32.93 23.41 1.10
C LEU A 275 32.57 21.98 0.64
N HIS A 276 31.26 21.73 0.51
CA HIS A 276 30.67 20.47 0.04
C HIS A 276 30.89 20.28 -1.47
N SER A 277 31.23 19.07 -1.93
CA SER A 277 31.43 18.78 -3.37
C SER A 277 32.29 19.79 -4.11
N ASN A 278 33.61 19.84 -3.76
CA ASN A 278 34.64 20.71 -4.34
C ASN A 278 35.87 19.90 -4.77
N SER A 279 35.71 18.56 -4.88
CA SER A 279 36.74 17.59 -5.28
C SER A 279 38.08 17.69 -4.51
N LEU A 280 38.06 18.35 -3.32
CA LEU A 280 39.23 18.59 -2.47
C LEU A 280 39.98 17.33 -2.06
N GLN A 281 41.32 17.37 -2.15
CA GLN A 281 42.20 16.27 -1.78
C GLN A 281 43.01 16.56 -0.51
N HIS A 282 43.36 17.84 -0.28
CA HIS A 282 44.12 18.27 0.90
C HIS A 282 43.56 19.58 1.46
N VAL A 283 43.41 19.65 2.79
CA VAL A 283 42.92 20.83 3.50
C VAL A 283 44.14 21.50 4.18
N PRO A 284 44.66 22.61 3.61
CA PRO A 284 45.83 23.27 4.22
C PRO A 284 45.50 23.94 5.56
N PRO A 285 46.32 23.68 6.60
CA PRO A 285 46.09 24.31 7.91
C PRO A 285 46.16 25.83 7.87
N ARG A 286 46.93 26.40 6.92
CA ARG A 286 47.11 27.84 6.71
C ARG A 286 45.77 28.59 6.43
N TRP A 287 44.74 27.90 5.91
CA TRP A 287 43.43 28.50 5.61
C TRP A 287 42.85 29.19 6.84
N PHE A 288 42.83 28.48 7.99
CA PHE A 288 42.25 28.89 9.27
C PHE A 288 43.23 29.58 10.25
N LYS A 289 44.19 30.34 9.71
CA LYS A 289 45.18 31.05 10.52
C LYS A 289 44.53 32.21 11.30
N ASN A 290 43.61 32.95 10.64
CA ASN A 290 42.92 34.11 11.23
C ASN A 290 41.43 33.86 11.55
N ILE A 291 40.91 32.65 11.30
CA ILE A 291 39.52 32.35 11.62
C ILE A 291 39.47 31.49 12.89
N ASN A 292 39.45 32.15 14.06
CA ASN A 292 39.40 31.44 15.34
C ASN A 292 37.98 31.39 15.94
N ASN A 293 36.99 31.86 15.16
CA ASN A 293 35.59 31.90 15.58
C ASN A 293 34.71 30.97 14.74
N LEU A 294 35.31 30.14 13.86
CA LEU A 294 34.58 29.19 13.01
C LEU A 294 33.91 28.09 13.86
N GLN A 295 32.61 27.85 13.61
CA GLN A 295 31.80 26.88 14.33
C GLN A 295 31.28 25.77 13.43
N GLU A 296 30.95 26.09 12.16
CA GLU A 296 30.41 25.11 11.21
C GLU A 296 31.29 24.95 9.97
N LEU A 297 31.85 23.75 9.78
CA LEU A 297 32.69 23.41 8.63
C LEU A 297 32.17 22.15 7.91
N ASP A 298 31.61 22.34 6.69
CA ASP A 298 31.10 21.26 5.86
C ASP A 298 32.15 20.87 4.83
N LEU A 299 32.77 19.69 5.03
CA LEU A 299 33.80 19.16 4.12
C LEU A 299 33.34 17.86 3.44
N SER A 300 32.02 17.67 3.32
CA SER A 300 31.44 16.49 2.70
C SER A 300 31.60 16.47 1.16
N GLN A 301 31.47 15.26 0.54
CA GLN A 301 31.55 15.00 -0.91
C GLN A 301 32.87 15.49 -1.54
N ASN A 302 34.01 15.23 -0.88
CA ASN A 302 35.32 15.55 -1.43
C ASN A 302 36.11 14.25 -1.51
N PHE A 303 37.45 14.31 -1.62
CA PHE A 303 38.33 13.13 -1.64
C PHE A 303 39.33 13.27 -0.49
N LEU A 304 38.80 13.44 0.73
CA LEU A 304 39.66 13.64 1.90
C LEU A 304 39.79 12.39 2.77
N ALA A 305 39.57 11.18 2.19
CA ALA A 305 39.68 9.91 2.91
C ALA A 305 41.07 9.74 3.54
N LYS A 306 42.15 10.11 2.80
CA LYS A 306 43.52 10.05 3.29
C LYS A 306 43.79 11.20 4.27
N GLU A 307 43.21 12.39 3.99
CA GLU A 307 43.35 13.58 4.82
C GLU A 307 42.70 13.40 6.20
N ILE A 308 41.67 12.53 6.33
CA ILE A 308 41.02 12.24 7.62
C ILE A 308 42.03 11.62 8.61
N GLY A 309 42.95 10.80 8.10
CA GLY A 309 44.00 10.17 8.87
C GLY A 309 45.13 11.09 9.29
N ASP A 310 45.25 12.28 8.62
CA ASP A 310 46.27 13.28 8.91
C ASP A 310 45.68 14.51 9.62
N ALA A 311 44.78 15.25 8.94
CA ALA A 311 44.01 16.41 9.38
C ALA A 311 44.73 17.38 10.33
N LYS A 312 45.88 17.91 9.88
CA LYS A 312 46.70 18.87 10.64
C LYS A 312 45.98 20.21 10.86
N PHE A 313 44.97 20.50 10.02
CA PHE A 313 44.15 21.71 10.07
C PHE A 313 43.24 21.79 11.29
N LEU A 314 42.88 20.62 11.90
CA LEU A 314 41.97 20.52 13.05
C LEU A 314 42.48 21.20 14.31
N HIS A 315 43.80 21.44 14.38
CA HIS A 315 44.47 22.10 15.49
C HIS A 315 44.16 23.59 15.55
N PHE A 316 43.76 24.18 14.41
CA PHE A 316 43.41 25.60 14.27
C PHE A 316 41.92 25.86 14.49
N LEU A 317 41.13 24.81 14.76
CA LEU A 317 39.68 24.88 14.98
C LEU A 317 39.27 24.41 16.39
N PRO A 318 39.71 25.08 17.50
CA PRO A 318 39.29 24.62 18.83
C PRO A 318 37.92 25.16 19.28
N ASN A 319 37.29 25.99 18.43
CA ASN A 319 35.97 26.59 18.69
C ASN A 319 34.89 25.97 17.84
N LEU A 320 35.29 25.07 16.89
CA LEU A 320 34.39 24.37 15.97
C LEU A 320 33.36 23.51 16.70
N ILE A 321 32.09 23.64 16.31
CA ILE A 321 30.95 22.92 16.88
C ILE A 321 30.51 21.77 15.97
N GLN A 322 30.30 22.04 14.67
CA GLN A 322 29.86 21.05 13.69
C GLN A 322 30.95 20.68 12.71
N LEU A 323 31.17 19.37 12.51
CA LEU A 323 32.14 18.87 11.54
C LEU A 323 31.56 17.75 10.71
N ASP A 324 31.37 18.01 9.41
CA ASP A 324 30.83 17.07 8.44
C ASP A 324 31.92 16.66 7.45
N LEU A 325 32.28 15.37 7.46
CA LEU A 325 33.31 14.80 6.57
C LEU A 325 32.72 13.58 5.84
N SER A 326 31.41 13.68 5.49
CA SER A 326 30.68 12.58 4.85
C SER A 326 30.92 12.43 3.34
N PHE A 327 30.96 11.16 2.89
CA PHE A 327 31.16 10.71 1.51
C PHE A 327 32.47 11.26 0.92
N ASN A 328 33.58 10.94 1.61
CA ASN A 328 34.94 11.31 1.24
C ASN A 328 35.70 10.08 0.81
N PHE A 329 35.01 8.92 0.78
CA PHE A 329 35.58 7.63 0.43
C PHE A 329 36.28 7.62 -0.91
N GLU A 330 37.21 6.70 -1.10
CA GLU A 330 37.84 6.54 -2.39
C GLU A 330 37.20 5.37 -3.09
N LEU A 331 36.63 5.64 -4.27
CA LEU A 331 35.99 4.68 -5.16
C LEU A 331 37.08 3.64 -5.47
N GLN A 332 36.75 2.34 -5.38
CA GLN A 332 37.68 1.20 -5.58
C GLN A 332 38.36 0.72 -4.27
N VAL A 333 38.21 1.50 -3.19
CA VAL A 333 38.79 1.10 -1.90
C VAL A 333 37.69 0.86 -0.85
N TYR A 334 37.55 -0.42 -0.46
CA TYR A 334 36.67 -0.87 0.62
C TYR A 334 37.67 -1.11 1.74
N ARG A 335 37.96 -0.05 2.53
CA ARG A 335 38.95 -0.07 3.61
C ARG A 335 38.70 -1.14 4.67
N ALA A 336 39.76 -1.57 5.36
CA ALA A 336 39.63 -2.56 6.41
C ALA A 336 39.12 -1.92 7.70
N SER A 337 39.60 -0.70 8.01
CA SER A 337 39.23 0.06 9.20
C SER A 337 39.30 1.57 8.95
N MET A 338 38.64 2.35 9.81
CA MET A 338 38.63 3.80 9.71
C MET A 338 39.82 4.45 10.42
N ASN A 339 40.72 5.06 9.63
CA ASN A 339 41.89 5.77 10.15
C ASN A 339 41.50 7.19 10.53
N LEU A 340 41.26 7.41 11.84
CA LEU A 340 40.94 8.72 12.41
C LEU A 340 42.21 9.33 12.95
N SER A 341 42.49 10.59 12.58
CA SER A 341 43.70 11.31 13.05
C SER A 341 43.63 11.62 14.54
N GLN A 342 44.79 11.53 15.23
CA GLN A 342 44.89 11.86 16.65
C GLN A 342 44.61 13.36 16.89
N ALA A 343 44.57 14.17 15.81
CA ALA A 343 44.29 15.61 15.81
C ALA A 343 42.84 15.93 16.19
N PHE A 344 41.91 14.97 16.00
CA PHE A 344 40.50 15.12 16.35
C PHE A 344 40.28 15.45 17.84
N SER A 345 41.30 15.15 18.68
CA SER A 345 41.31 15.40 20.12
C SER A 345 41.46 16.89 20.47
N SER A 346 41.91 17.72 19.50
CA SER A 346 42.11 19.15 19.68
C SER A 346 40.83 19.98 19.41
N LEU A 347 39.70 19.30 19.14
CA LEU A 347 38.41 19.93 18.86
C LEU A 347 37.55 20.07 20.14
N LYS A 348 38.16 20.66 21.20
CA LYS A 348 37.64 20.94 22.56
C LYS A 348 36.15 21.39 22.63
N SER A 349 35.63 22.02 21.55
CA SER A 349 34.26 22.54 21.48
C SER A 349 33.25 21.62 20.79
N LEU A 350 33.71 20.82 19.80
CA LEU A 350 32.90 19.93 18.93
C LEU A 350 31.75 19.20 19.65
N LYS A 351 30.53 19.41 19.11
CA LYS A 351 29.28 18.80 19.59
C LYS A 351 28.78 17.77 18.57
N ILE A 352 28.85 18.12 17.26
CA ILE A 352 28.39 17.24 16.18
C ILE A 352 29.53 16.84 15.24
N LEU A 353 29.72 15.52 15.09
CA LEU A 353 30.67 14.92 14.16
C LEU A 353 29.94 13.97 13.22
N ARG A 354 30.11 14.16 11.91
CA ARG A 354 29.48 13.33 10.89
C ARG A 354 30.54 12.76 9.95
N ILE A 355 30.65 11.43 9.91
CA ILE A 355 31.57 10.71 9.01
C ILE A 355 30.83 9.54 8.36
N ARG A 356 29.91 9.88 7.46
CA ARG A 356 29.18 8.89 6.68
C ARG A 356 30.02 8.66 5.42
N GLY A 357 29.83 7.51 4.77
CA GLY A 357 30.54 7.18 3.55
C GLY A 357 32.05 7.31 3.57
N TYR A 358 32.70 6.79 4.63
CA TYR A 358 34.17 6.72 4.70
C TYR A 358 34.50 5.37 4.02
N VAL A 359 33.54 4.41 4.14
CA VAL A 359 33.51 3.05 3.60
C VAL A 359 34.67 2.21 4.17
N PHE A 360 34.34 1.41 5.20
CA PHE A 360 35.26 0.52 5.88
C PHE A 360 34.55 -0.72 6.42
N LYS A 361 35.23 -1.87 6.35
CA LYS A 361 34.73 -3.18 6.74
C LYS A 361 34.54 -3.37 8.25
N GLU A 362 35.44 -2.84 9.09
CA GLU A 362 35.42 -3.10 10.54
C GLU A 362 35.57 -1.88 11.43
N LEU A 363 34.72 -1.82 12.49
CA LEU A 363 34.75 -0.77 13.52
C LEU A 363 35.27 -1.35 14.83
N LYS A 364 36.30 -0.70 15.41
CA LYS A 364 36.95 -1.12 16.67
C LYS A 364 37.11 0.06 17.63
N SER A 365 37.09 -0.21 18.95
CA SER A 365 37.20 0.80 20.01
C SER A 365 38.38 1.73 19.82
N PHE A 366 39.54 1.12 19.46
CA PHE A 366 40.81 1.80 19.20
C PHE A 366 40.71 2.92 18.15
N GLN A 367 39.91 2.70 17.08
CA GLN A 367 39.73 3.65 15.97
C GLN A 367 39.17 4.99 16.43
N LEU A 368 38.22 4.95 17.38
CA LEU A 368 37.53 6.12 17.92
C LEU A 368 38.23 6.77 19.13
N SER A 369 39.49 6.34 19.41
CA SER A 369 40.30 6.85 20.52
C SER A 369 40.53 8.39 20.53
N PRO A 370 40.70 9.13 19.39
CA PRO A 370 40.88 10.59 19.49
C PRO A 370 39.64 11.33 20.01
N LEU A 371 38.46 10.70 19.90
CA LEU A 371 37.18 11.28 20.34
C LEU A 371 36.85 10.97 21.80
N HIS A 372 37.62 10.07 22.46
CA HIS A 372 37.45 9.64 23.84
C HIS A 372 37.40 10.76 24.89
N ASN A 373 38.12 11.87 24.66
CA ASN A 373 38.15 12.98 25.62
C ASN A 373 37.44 14.25 25.12
N LEU A 374 36.65 14.14 24.01
CA LEU A 374 35.87 15.27 23.48
C LEU A 374 34.60 15.46 24.34
N GLN A 375 34.78 16.22 25.43
CA GLN A 375 33.81 16.53 26.48
C GLN A 375 32.46 17.04 25.99
N ASN A 376 32.42 17.88 24.95
CA ASN A 376 31.17 18.46 24.46
C ASN A 376 30.42 17.63 23.40
N LEU A 377 31.05 16.55 22.88
CA LEU A 377 30.47 15.70 21.84
C LEU A 377 29.10 15.11 22.23
N GLU A 378 28.10 15.37 21.36
CA GLU A 378 26.70 14.95 21.47
C GLU A 378 26.30 13.96 20.36
N VAL A 379 26.69 14.23 19.11
CA VAL A 379 26.32 13.38 17.98
C VAL A 379 27.53 12.80 17.25
N LEU A 380 27.47 11.49 16.94
CA LEU A 380 28.46 10.73 16.17
C LEU A 380 27.69 9.95 15.11
N ASP A 381 27.80 10.42 13.85
CA ASP A 381 27.11 9.82 12.71
C ASP A 381 28.08 9.02 11.85
N LEU A 382 28.01 7.69 11.95
CA LEU A 382 28.89 6.80 11.18
C LEU A 382 28.07 5.87 10.28
N GLY A 383 26.94 6.40 9.80
CA GLY A 383 26.03 5.70 8.91
C GLY A 383 26.56 5.57 7.49
N THR A 384 25.83 4.79 6.65
CA THR A 384 26.11 4.49 5.23
C THR A 384 27.61 4.29 5.04
N ASN A 385 28.18 3.34 5.82
CA ASN A 385 29.63 3.06 5.85
C ASN A 385 29.98 1.62 5.50
N PHE A 386 28.98 0.75 5.31
CA PHE A 386 29.12 -0.66 4.96
C PHE A 386 29.99 -1.45 5.98
N ILE A 387 29.92 -1.08 7.28
CA ILE A 387 30.63 -1.73 8.39
C ILE A 387 30.03 -3.11 8.57
N LYS A 388 30.83 -4.15 8.38
CA LYS A 388 30.44 -5.54 8.48
C LYS A 388 30.52 -6.06 9.92
N ILE A 389 31.63 -5.75 10.61
CA ILE A 389 31.96 -6.16 11.98
C ILE A 389 32.06 -4.93 12.90
N ALA A 390 31.40 -4.98 14.07
CA ALA A 390 31.41 -3.92 15.09
C ALA A 390 30.93 -4.43 16.46
N ASN A 391 31.72 -4.16 17.53
CA ASN A 391 31.38 -4.56 18.91
C ASN A 391 30.81 -3.36 19.67
N LEU A 392 29.47 -3.31 19.75
CA LEU A 392 28.65 -2.27 20.38
C LEU A 392 29.07 -1.88 21.81
N SER A 393 29.73 -2.80 22.55
CA SER A 393 30.21 -2.57 23.91
C SER A 393 31.28 -1.46 23.98
N MET A 394 31.85 -1.05 22.81
CA MET A 394 32.86 0.01 22.69
C MET A 394 32.31 1.42 23.01
N PHE A 395 30.98 1.60 22.87
CA PHE A 395 30.30 2.87 23.09
C PHE A 395 30.05 3.17 24.58
N LYS A 396 30.76 2.46 25.47
CA LYS A 396 30.71 2.69 26.92
C LYS A 396 31.53 3.93 27.27
N GLN A 397 32.45 4.31 26.36
CA GLN A 397 33.28 5.51 26.47
C GLN A 397 32.58 6.70 25.79
N PHE A 398 31.29 6.52 25.41
CA PHE A 398 30.46 7.52 24.75
C PHE A 398 29.06 7.68 25.40
N LYS A 399 28.98 7.49 26.74
CA LYS A 399 27.77 7.62 27.57
C LYS A 399 27.20 9.05 27.56
N ARG A 400 28.09 10.06 27.44
CA ARG A 400 27.77 11.49 27.40
C ARG A 400 27.00 11.88 26.13
N LEU A 401 27.22 11.13 25.04
CA LEU A 401 26.63 11.36 23.72
C LEU A 401 25.12 11.14 23.67
N LYS A 402 24.44 12.03 22.95
CA LYS A 402 23.00 12.03 22.74
C LYS A 402 22.57 11.02 21.67
N VAL A 403 23.28 11.01 20.51
CA VAL A 403 22.99 10.14 19.36
C VAL A 403 24.26 9.44 18.82
N ILE A 404 24.23 8.11 18.73
CA ILE A 404 25.30 7.30 18.15
C ILE A 404 24.64 6.57 16.97
N ASP A 405 24.74 7.21 15.78
CA ASP A 405 24.14 6.74 14.54
C ASP A 405 25.07 5.77 13.80
N LEU A 406 24.53 4.57 13.49
CA LEU A 406 25.20 3.50 12.75
C LEU A 406 24.21 2.91 11.72
N SER A 407 23.18 3.72 11.39
CA SER A 407 22.10 3.42 10.47
C SER A 407 22.61 3.20 9.04
N VAL A 408 22.03 2.22 8.33
CA VAL A 408 22.38 1.84 6.95
C VAL A 408 23.82 1.27 6.90
N ASN A 409 24.03 0.13 7.56
CA ASN A 409 25.33 -0.53 7.54
C ASN A 409 25.12 -2.03 7.30
N LYS A 410 26.13 -2.88 7.55
CA LYS A 410 25.99 -4.31 7.34
C LYS A 410 26.40 -5.11 8.59
N ILE A 411 26.25 -4.48 9.79
CA ILE A 411 26.60 -5.08 11.09
C ILE A 411 25.73 -6.31 11.37
N SER A 412 26.37 -7.45 11.64
CA SER A 412 25.73 -8.73 11.92
C SER A 412 26.59 -9.57 12.89
N PRO A 413 25.98 -10.51 13.68
CA PRO A 413 26.78 -11.32 14.61
C PRO A 413 27.70 -12.33 13.92
N VAL A 437 17.24 15.46 13.22
CA VAL A 437 17.12 14.39 12.23
C VAL A 437 17.21 14.91 10.79
N LEU A 438 18.14 14.32 10.00
CA LEU A 438 18.40 14.67 8.58
C LEU A 438 17.40 13.99 7.62
N GLU A 439 17.16 14.61 6.45
CA GLU A 439 16.24 14.12 5.41
C GLU A 439 16.70 12.84 4.70
N GLN A 440 15.78 12.24 3.89
CA GLN A 440 16.00 11.02 3.10
C GLN A 440 17.13 11.21 2.06
N LEU A 441 17.18 12.40 1.43
CA LEU A 441 18.19 12.82 0.47
C LEU A 441 18.77 14.11 1.04
N TYR A 442 20.01 14.05 1.57
CA TYR A 442 20.68 15.18 2.22
C TYR A 442 22.01 15.53 1.58
N TYR A 443 22.90 14.54 1.41
CA TYR A 443 24.23 14.74 0.82
C TYR A 443 24.22 14.60 -0.68
N PHE A 444 23.16 13.97 -1.24
CA PHE A 444 23.09 13.72 -2.67
C PHE A 444 22.06 14.59 -3.40
N ARG A 445 21.50 15.61 -2.74
CA ARG A 445 20.61 16.50 -3.48
C ARG A 445 21.34 17.75 -3.94
N TYR A 446 21.04 18.20 -5.17
CA TYR A 446 21.61 19.37 -5.84
C TYR A 446 21.61 20.62 -4.94
N ASP A 447 20.45 20.95 -4.37
CA ASP A 447 20.34 22.09 -3.47
C ASP A 447 19.33 21.79 -2.37
N LYS A 448 19.83 21.51 -1.16
CA LYS A 448 18.96 21.20 -0.03
C LYS A 448 18.27 22.46 0.48
N TYR A 449 18.93 23.62 0.36
CA TYR A 449 18.38 24.91 0.78
C TYR A 449 17.53 25.57 -0.32
N ALA A 450 17.11 24.79 -1.35
CA ALA A 450 16.27 25.29 -2.45
C ALA A 450 14.87 25.59 -1.94
N ARG A 451 14.29 26.69 -2.43
CA ARG A 451 12.97 27.20 -2.02
C ARG A 451 11.82 26.63 -2.87
N SER A 452 10.65 26.44 -2.24
CA SER A 452 9.42 25.96 -2.86
C SER A 452 8.49 27.17 -3.21
N CYS A 453 7.22 26.90 -3.60
CA CYS A 453 6.25 27.94 -3.89
C CYS A 453 5.13 27.98 -2.82
N SER A 468 10.21 10.95 16.91
CA SER A 468 11.58 10.58 17.19
C SER A 468 11.94 10.55 18.68
N CYS A 469 12.40 9.36 19.14
CA CYS A 469 12.78 8.92 20.49
C CYS A 469 13.92 9.72 21.17
N TYR A 470 14.74 10.48 20.40
CA TYR A 470 15.88 11.26 20.87
C TYR A 470 15.64 11.99 22.21
N LYS A 471 14.40 12.44 22.45
CA LYS A 471 13.92 13.13 23.67
C LYS A 471 14.09 12.31 24.96
N TYR A 472 14.04 10.96 24.85
CA TYR A 472 14.17 10.01 25.96
C TYR A 472 15.56 9.95 26.58
N GLY A 473 16.58 10.35 25.81
CA GLY A 473 17.96 10.36 26.27
C GLY A 473 18.94 9.81 25.26
N GLN A 474 19.94 9.03 25.75
CA GLN A 474 20.98 8.43 24.91
C GLN A 474 20.35 7.47 23.91
N THR A 475 20.68 7.65 22.63
CA THR A 475 20.14 6.87 21.53
C THR A 475 21.24 6.17 20.72
N LEU A 476 21.03 4.87 20.39
CA LEU A 476 21.91 4.09 19.53
C LEU A 476 21.11 3.60 18.33
N ASP A 477 21.37 4.19 17.17
CA ASP A 477 20.69 3.85 15.93
C ASP A 477 21.41 2.69 15.23
N LEU A 478 20.76 1.53 15.15
CA LEU A 478 21.31 0.35 14.49
C LEU A 478 20.35 -0.13 13.38
N SER A 479 19.49 0.80 12.92
CA SER A 479 18.51 0.55 11.90
C SER A 479 19.12 0.30 10.52
N LYS A 480 18.42 -0.48 9.67
CA LYS A 480 18.81 -0.84 8.31
C LYS A 480 20.15 -1.63 8.26
N ASN A 481 20.41 -2.44 9.29
CA ASN A 481 21.62 -3.26 9.38
C ASN A 481 21.37 -4.72 8.99
N SER A 482 22.25 -5.65 9.39
CA SER A 482 22.11 -7.05 9.02
C SER A 482 22.09 -8.04 10.21
N ILE A 483 21.77 -7.51 11.43
CA ILE A 483 21.66 -8.29 12.67
C ILE A 483 20.55 -9.32 12.48
N PHE A 484 20.91 -10.60 12.43
CA PHE A 484 19.92 -11.67 12.25
C PHE A 484 19.54 -12.36 13.58
N PHE A 485 20.46 -12.35 14.55
CA PHE A 485 20.26 -12.94 15.88
C PHE A 485 20.82 -12.01 16.96
N ILE A 486 20.11 -11.91 18.09
CA ILE A 486 20.50 -11.09 19.22
C ILE A 486 20.59 -11.89 20.52
N LYS A 487 21.50 -11.48 21.41
CA LYS A 487 21.75 -12.08 22.73
C LYS A 487 22.17 -11.01 23.76
N SER A 488 21.99 -11.30 25.05
CA SER A 488 22.32 -10.38 26.16
C SER A 488 23.74 -9.84 26.11
N SER A 489 24.72 -10.69 25.72
CA SER A 489 26.15 -10.35 25.61
C SER A 489 26.46 -9.25 24.57
N ASP A 490 25.56 -9.04 23.58
CA ASP A 490 25.73 -8.02 22.54
C ASP A 490 25.62 -6.61 23.11
N PHE A 491 24.72 -6.42 24.10
CA PHE A 491 24.42 -5.13 24.73
C PHE A 491 25.12 -4.92 26.08
N GLN A 492 26.13 -5.77 26.36
CA GLN A 492 26.95 -5.71 27.56
C GLN A 492 27.59 -4.31 27.65
N HIS A 493 27.60 -3.71 28.86
CA HIS A 493 28.13 -2.38 29.20
C HIS A 493 27.27 -1.21 28.70
N LEU A 494 26.20 -1.46 27.91
CA LEU A 494 25.31 -0.42 27.36
C LEU A 494 24.04 -0.18 28.21
N SER A 495 24.13 -0.46 29.52
CA SER A 495 23.05 -0.29 30.51
C SER A 495 22.44 1.11 30.54
N PHE A 496 23.24 2.13 30.18
CA PHE A 496 22.91 3.54 30.16
C PHE A 496 21.89 3.98 29.10
N LEU A 497 21.79 3.23 27.98
CA LEU A 497 20.91 3.57 26.85
C LEU A 497 19.46 3.82 27.23
N LYS A 498 18.84 4.78 26.54
CA LYS A 498 17.45 5.19 26.76
C LYS A 498 16.60 4.88 25.51
N CYS A 499 17.21 4.92 24.32
CA CYS A 499 16.53 4.56 23.08
C CYS A 499 17.41 3.68 22.20
N LEU A 500 16.85 2.60 21.66
CA LEU A 500 17.55 1.72 20.74
C LEU A 500 16.71 1.47 19.50
N ASN A 501 17.28 1.73 18.32
CA ASN A 501 16.62 1.50 17.05
C ASN A 501 17.20 0.26 16.36
N LEU A 502 16.39 -0.81 16.28
CA LEU A 502 16.76 -2.06 15.62
C LEU A 502 15.84 -2.27 14.42
N SER A 503 15.25 -1.16 13.94
CA SER A 503 14.35 -1.14 12.79
C SER A 503 15.07 -1.63 11.53
N GLY A 504 14.38 -2.45 10.74
CA GLY A 504 14.92 -2.94 9.49
C GLY A 504 16.14 -3.83 9.59
N ASN A 505 16.11 -4.78 10.52
CA ASN A 505 17.17 -5.77 10.67
C ASN A 505 16.67 -7.14 10.19
N LEU A 506 17.45 -8.20 10.39
CA LEU A 506 17.02 -9.51 9.91
C LEU A 506 16.67 -10.44 11.07
N ILE A 507 16.25 -9.85 12.23
CA ILE A 507 15.91 -10.59 13.46
C ILE A 507 14.65 -11.44 13.23
N SER A 508 14.86 -12.74 12.96
CA SER A 508 13.83 -13.74 12.72
C SER A 508 13.92 -14.72 13.91
N GLN A 509 13.68 -14.19 15.12
CA GLN A 509 13.87 -14.87 16.41
C GLN A 509 12.63 -15.01 17.29
N THR A 510 12.65 -16.02 18.20
CA THR A 510 11.60 -16.27 19.20
C THR A 510 12.12 -15.70 20.55
N LEU A 511 11.74 -14.45 20.86
CA LEU A 511 12.20 -13.80 22.09
C LEU A 511 11.49 -14.35 23.33
N ASN A 512 12.28 -14.71 24.34
CA ASN A 512 11.80 -15.26 25.61
C ASN A 512 12.05 -14.31 26.80
N GLY A 513 12.48 -13.08 26.50
CA GLY A 513 12.78 -12.06 27.49
C GLY A 513 14.11 -12.21 28.18
N SER A 514 15.12 -12.69 27.43
CA SER A 514 16.49 -12.89 27.91
C SER A 514 17.50 -12.46 26.82
N GLU A 515 17.12 -11.47 26.01
CA GLU A 515 17.92 -10.97 24.91
C GLU A 515 18.51 -9.59 25.16
N PHE A 516 17.79 -8.73 25.89
CA PHE A 516 18.19 -7.34 26.18
C PHE A 516 18.42 -7.08 27.69
N GLN A 517 18.84 -8.12 28.46
CA GLN A 517 19.08 -8.05 29.90
C GLN A 517 19.95 -6.81 30.33
N PRO A 518 21.08 -6.43 29.67
CA PRO A 518 21.83 -5.25 30.16
C PRO A 518 21.13 -3.89 30.07
N LEU A 519 20.31 -3.66 29.02
CA LEU A 519 19.58 -2.41 28.79
C LEU A 519 18.44 -2.18 29.83
N ALA A 520 18.84 -1.84 31.07
CA ALA A 520 17.92 -1.60 32.18
C ALA A 520 17.33 -0.19 32.17
N GLU A 521 18.05 0.81 31.63
CA GLU A 521 17.57 2.19 31.58
C GLU A 521 16.65 2.47 30.40
N LEU A 522 16.73 1.64 29.32
CA LEU A 522 15.96 1.76 28.07
C LEU A 522 14.48 2.06 28.26
N ARG A 523 14.02 3.12 27.60
CA ARG A 523 12.65 3.64 27.65
C ARG A 523 11.95 3.51 26.29
N TYR A 524 12.71 3.46 25.18
CA TYR A 524 12.18 3.31 23.83
C TYR A 524 12.91 2.24 23.04
N LEU A 525 12.15 1.31 22.43
CA LEU A 525 12.68 0.29 21.54
C LEU A 525 11.91 0.30 20.22
N ASP A 526 12.59 0.61 19.09
CA ASP A 526 11.99 0.57 17.76
C ASP A 526 12.46 -0.76 17.17
N PHE A 527 11.55 -1.77 17.14
CA PHE A 527 11.81 -3.12 16.65
C PHE A 527 10.99 -3.38 15.38
N SER A 528 10.64 -2.30 14.66
CA SER A 528 9.87 -2.40 13.42
C SER A 528 10.71 -3.00 12.27
N ASN A 529 10.04 -3.52 11.21
CA ASN A 529 10.68 -4.12 10.02
C ASN A 529 11.66 -5.25 10.38
N ASN A 530 11.16 -6.23 11.11
CA ASN A 530 11.87 -7.42 11.52
C ASN A 530 10.93 -8.61 11.40
N ARG A 531 11.36 -9.80 11.85
CA ARG A 531 10.54 -11.01 11.79
C ARG A 531 10.34 -11.55 13.20
N LEU A 532 9.65 -10.76 14.05
CA LEU A 532 9.36 -11.14 15.43
C LEU A 532 8.52 -12.41 15.44
N ASP A 533 8.86 -13.35 16.34
CA ASP A 533 8.14 -14.60 16.49
C ASP A 533 7.62 -14.65 17.92
N LEU A 534 6.31 -14.32 18.11
CA LEU A 534 5.69 -14.31 19.44
C LEU A 534 5.23 -15.71 19.89
N LEU A 535 6.20 -16.60 20.09
CA LEU A 535 6.00 -17.96 20.57
C LEU A 535 5.86 -17.93 22.09
N HIS A 536 6.62 -17.01 22.73
CA HIS A 536 6.63 -16.83 24.18
C HIS A 536 6.01 -15.49 24.57
N SER A 537 5.16 -15.50 25.63
CA SER A 537 4.51 -14.31 26.19
C SER A 537 5.47 -13.58 27.14
N THR A 538 6.66 -14.17 27.34
CA THR A 538 7.74 -13.64 28.17
C THR A 538 8.65 -12.71 27.34
N ALA A 539 8.28 -12.45 26.07
CA ALA A 539 9.04 -11.58 25.19
C ALA A 539 9.04 -10.13 25.71
N PHE A 540 10.18 -9.44 25.55
CA PHE A 540 10.46 -8.05 25.92
C PHE A 540 10.39 -7.74 27.44
N GLU A 541 10.04 -8.72 28.29
CA GLU A 541 9.88 -8.52 29.74
C GLU A 541 11.14 -8.01 30.49
N GLU A 542 12.36 -8.28 29.95
CA GLU A 542 13.63 -7.88 30.57
C GLU A 542 13.83 -6.35 30.58
N LEU A 543 13.17 -5.63 29.63
CA LEU A 543 13.23 -4.17 29.50
C LEU A 543 12.19 -3.59 30.44
N ARG A 544 12.52 -3.61 31.73
CA ARG A 544 11.68 -3.25 32.87
C ARG A 544 11.39 -1.75 33.02
N LYS A 545 12.12 -0.88 32.29
CA LYS A 545 11.89 0.57 32.34
C LYS A 545 11.27 1.14 31.05
N LEU A 546 10.97 0.24 30.07
CA LEU A 546 10.42 0.55 28.74
C LEU A 546 9.04 1.20 28.77
N GLU A 547 8.93 2.33 28.06
CA GLU A 547 7.72 3.14 27.92
C GLU A 547 7.14 3.05 26.51
N VAL A 548 8.00 2.95 25.47
CA VAL A 548 7.53 2.86 24.08
C VAL A 548 8.16 1.66 23.34
N LEU A 549 7.30 0.78 22.79
CA LEU A 549 7.69 -0.40 22.03
C LEU A 549 7.01 -0.37 20.67
N ASP A 550 7.80 -0.50 19.60
CA ASP A 550 7.28 -0.51 18.23
C ASP A 550 7.61 -1.86 17.60
N ILE A 551 6.59 -2.71 17.44
CA ILE A 551 6.74 -4.03 16.84
C ILE A 551 6.02 -4.09 15.48
N SER A 552 5.80 -2.91 14.86
CA SER A 552 5.12 -2.77 13.56
C SER A 552 5.90 -3.38 12.41
N SER A 553 5.20 -3.79 11.35
CA SER A 553 5.76 -4.39 10.13
C SER A 553 6.63 -5.64 10.41
N ASN A 554 6.14 -6.53 11.29
CA ASN A 554 6.77 -7.80 11.67
C ASN A 554 5.81 -8.94 11.29
N SER A 555 5.10 -8.72 10.16
CA SER A 555 4.05 -9.54 9.54
C SER A 555 4.41 -10.99 9.20
N HIS A 556 5.69 -11.25 8.87
CA HIS A 556 6.24 -12.54 8.45
C HIS A 556 5.56 -13.78 9.05
N TYR A 557 5.57 -13.88 10.38
CA TYR A 557 5.03 -15.07 11.00
C TYR A 557 3.50 -15.06 11.11
N PHE A 558 2.89 -13.86 11.16
CA PHE A 558 1.43 -13.72 11.23
C PHE A 558 0.76 -14.07 9.91
N GLN A 559 1.57 -14.04 8.82
CA GLN A 559 1.15 -14.34 7.45
C GLN A 559 1.14 -15.84 7.12
N SER A 560 1.38 -16.71 8.13
CA SER A 560 1.40 -18.16 7.95
C SER A 560 0.53 -18.85 9.00
N GLU A 561 -0.27 -19.83 8.55
CA GLU A 561 -1.25 -20.54 9.39
C GLU A 561 -0.67 -21.55 10.38
N GLY A 562 -1.31 -21.65 11.54
CA GLY A 562 -0.97 -22.60 12.59
C GLY A 562 0.09 -22.22 13.59
N ILE A 563 0.82 -21.12 13.32
CA ILE A 563 1.87 -20.59 14.16
C ILE A 563 1.28 -19.90 15.42
N THR A 564 1.89 -20.17 16.59
CA THR A 564 1.47 -19.63 17.89
C THR A 564 1.85 -18.15 18.00
N HIS A 565 0.89 -17.32 18.42
CA HIS A 565 1.07 -15.88 18.58
C HIS A 565 0.55 -15.50 19.95
N MET A 566 1.45 -15.00 20.80
CA MET A 566 1.12 -14.60 22.17
C MET A 566 1.07 -13.09 22.27
N LEU A 567 -0.14 -12.50 22.14
CA LEU A 567 -0.31 -11.03 22.19
C LEU A 567 -0.45 -10.53 23.63
N ASN A 568 -0.62 -11.45 24.59
CA ASN A 568 -0.75 -11.15 26.01
C ASN A 568 0.62 -10.79 26.66
N PHE A 569 1.70 -10.75 25.85
CA PHE A 569 3.07 -10.40 26.23
C PHE A 569 3.17 -9.00 26.90
N THR A 570 2.17 -8.15 26.65
CA THR A 570 1.99 -6.77 27.13
C THR A 570 1.87 -6.68 28.67
N LYS A 571 1.39 -7.77 29.30
CA LYS A 571 1.14 -7.91 30.74
C LYS A 571 2.37 -7.71 31.61
N ASN A 572 3.52 -8.27 31.18
CA ASN A 572 4.78 -8.20 31.94
C ASN A 572 5.46 -6.82 31.88
N LEU A 573 5.16 -6.03 30.83
CA LEU A 573 5.69 -4.66 30.65
C LEU A 573 4.86 -3.70 31.52
N LYS A 574 5.33 -3.55 32.78
CA LYS A 574 4.70 -2.80 33.87
C LYS A 574 4.69 -1.27 33.70
N VAL A 575 5.53 -0.72 32.80
CA VAL A 575 5.57 0.74 32.60
C VAL A 575 5.32 1.15 31.13
N LEU A 576 4.97 0.19 30.25
CA LEU A 576 4.71 0.47 28.84
C LEU A 576 3.56 1.46 28.71
N GLN A 577 3.78 2.53 27.93
CA GLN A 577 2.82 3.61 27.72
C GLN A 577 2.23 3.55 26.32
N LYS A 578 3.08 3.33 25.30
CA LYS A 578 2.69 3.28 23.90
C LYS A 578 3.16 1.97 23.24
N LEU A 579 2.27 1.35 22.47
CA LEU A 579 2.57 0.13 21.72
C LEU A 579 2.07 0.23 20.28
N MET A 580 2.95 -0.09 19.33
CA MET A 580 2.62 -0.03 17.91
C MET A 580 2.79 -1.40 17.29
N MET A 581 1.69 -1.97 16.78
CA MET A 581 1.77 -3.23 16.04
C MET A 581 1.02 -3.08 14.72
N ASN A 582 1.47 -2.06 13.95
CA ASN A 582 0.90 -1.69 12.66
C ASN A 582 1.41 -2.56 11.53
N ASP A 583 0.55 -2.80 10.52
CA ASP A 583 0.86 -3.57 9.30
C ASP A 583 1.56 -4.90 9.61
N ASN A 584 0.97 -5.67 10.53
CA ASN A 584 1.49 -6.96 10.95
C ASN A 584 0.63 -8.09 10.37
N ASP A 585 -0.49 -7.75 9.73
CA ASP A 585 -1.43 -8.69 9.11
C ASP A 585 -1.96 -9.75 10.10
N ILE A 586 -2.12 -9.37 11.40
CA ILE A 586 -2.61 -10.23 12.50
C ILE A 586 -4.04 -10.66 12.24
N SER A 587 -4.24 -11.96 11.94
CA SER A 587 -5.53 -12.56 11.65
C SER A 587 -5.87 -13.64 12.66
N SER A 588 -4.87 -14.07 13.43
CA SER A 588 -5.01 -15.10 14.48
C SER A 588 -4.22 -14.70 15.72
N SER A 589 -4.57 -15.27 16.87
CA SER A 589 -3.90 -15.06 18.16
C SER A 589 -4.20 -16.23 19.06
N THR A 590 -3.16 -16.77 19.70
CA THR A 590 -3.29 -17.91 20.63
C THR A 590 -3.91 -17.44 21.95
N SER A 591 -3.62 -16.19 22.35
CA SER A 591 -4.16 -15.54 23.55
C SER A 591 -5.37 -14.71 23.15
N ARG A 592 -6.50 -14.94 23.85
CA ARG A 592 -7.79 -14.29 23.61
C ARG A 592 -7.88 -12.84 24.10
N THR A 593 -6.95 -12.43 25.00
CA THR A 593 -6.93 -11.08 25.56
C THR A 593 -5.52 -10.52 25.71
N MET A 594 -5.42 -9.20 25.56
CA MET A 594 -4.20 -8.44 25.78
C MET A 594 -4.39 -7.78 27.15
N GLU A 595 -3.41 -7.95 28.04
CA GLU A 595 -3.51 -7.45 29.40
C GLU A 595 -2.49 -6.34 29.66
N SER A 596 -2.91 -5.24 30.31
CA SER A 596 -2.05 -4.11 30.69
C SER A 596 -2.71 -3.19 31.70
N GLU A 597 -1.92 -2.75 32.68
CA GLU A 597 -2.34 -1.81 33.72
C GLU A 597 -1.64 -0.45 33.51
N SER A 598 -0.76 -0.33 32.49
CA SER A 598 -0.01 0.89 32.21
C SER A 598 -0.27 1.50 30.86
N LEU A 599 -0.48 0.66 29.82
CA LEU A 599 -0.68 1.09 28.43
C LEU A 599 -1.80 2.10 28.26
N ARG A 600 -1.50 3.18 27.50
CA ARG A 600 -2.40 4.31 27.24
C ARG A 600 -2.68 4.47 25.76
N THR A 601 -1.73 4.05 24.89
CA THR A 601 -1.84 4.16 23.44
C THR A 601 -1.51 2.84 22.73
N LEU A 602 -2.43 2.38 21.87
CA LEU A 602 -2.19 1.19 21.07
C LEU A 602 -2.57 1.43 19.62
N GLU A 603 -1.59 1.25 18.71
CA GLU A 603 -1.74 1.38 17.26
C GLU A 603 -1.81 -0.04 16.69
N PHE A 604 -2.98 -0.39 16.14
CA PHE A 604 -3.28 -1.71 15.60
C PHE A 604 -3.73 -1.59 14.14
N ARG A 605 -3.26 -0.54 13.46
CA ARG A 605 -3.55 -0.21 12.07
C ARG A 605 -2.95 -1.25 11.11
N GLY A 606 -3.73 -1.70 10.13
CA GLY A 606 -3.24 -2.64 9.12
C GLY A 606 -3.16 -4.10 9.51
N ASN A 607 -4.10 -4.57 10.32
CA ASN A 607 -4.15 -5.98 10.71
C ASN A 607 -5.42 -6.62 10.14
N HIS A 608 -5.84 -7.77 10.67
CA HIS A 608 -7.04 -8.47 10.20
C HIS A 608 -8.00 -8.74 11.33
N LEU A 609 -8.48 -7.66 11.95
CA LEU A 609 -9.46 -7.76 13.03
C LEU A 609 -10.77 -8.33 12.49
N ASP A 610 -11.04 -8.14 11.18
CA ASP A 610 -12.22 -8.68 10.48
C ASP A 610 -12.24 -10.21 10.54
N VAL A 611 -11.07 -10.86 10.62
CA VAL A 611 -10.93 -12.32 10.72
C VAL A 611 -11.01 -12.74 12.19
N LEU A 612 -10.39 -11.96 13.11
CA LEU A 612 -10.42 -12.22 14.55
C LEU A 612 -11.86 -12.06 15.10
N TRP A 613 -12.60 -11.11 14.50
CA TRP A 613 -13.96 -10.74 14.86
C TRP A 613 -15.01 -11.31 13.89
N ARG A 614 -14.62 -12.33 13.07
CA ARG A 614 -15.51 -13.04 12.13
C ARG A 614 -16.86 -13.31 12.81
N ASP A 615 -18.00 -12.86 12.22
CA ASP A 615 -19.31 -13.05 12.84
C ASP A 615 -19.54 -14.52 13.18
N GLY A 616 -19.80 -14.79 14.46
CA GLY A 616 -19.96 -16.14 14.98
C GLY A 616 -18.85 -16.49 15.96
N ASP A 617 -17.65 -15.91 15.75
CA ASP A 617 -16.47 -16.07 16.61
C ASP A 617 -16.40 -14.91 17.64
N ASN A 618 -16.78 -15.24 18.89
CA ASN A 618 -16.88 -14.29 20.01
C ASN A 618 -15.68 -14.33 20.97
N ARG A 619 -14.67 -15.13 20.64
CA ARG A 619 -13.48 -15.33 21.46
C ARG A 619 -12.57 -14.11 21.60
N TYR A 620 -12.46 -13.29 20.54
CA TYR A 620 -11.53 -12.16 20.58
C TYR A 620 -12.23 -10.79 20.72
N LEU A 621 -13.51 -10.77 21.13
CA LEU A 621 -14.28 -9.53 21.27
C LEU A 621 -13.84 -8.68 22.48
N GLN A 622 -13.27 -9.33 23.51
CA GLN A 622 -12.78 -8.65 24.71
C GLN A 622 -11.23 -8.55 24.70
N LEU A 623 -10.62 -8.62 23.48
CA LEU A 623 -9.17 -8.56 23.27
C LEU A 623 -8.51 -7.35 23.90
N PHE A 624 -9.03 -6.13 23.58
CA PHE A 624 -8.51 -4.86 24.09
C PHE A 624 -9.13 -4.40 25.43
N LYS A 625 -10.14 -5.13 25.94
CA LYS A 625 -10.86 -4.82 27.18
C LYS A 625 -10.00 -4.73 28.45
N ASN A 626 -8.96 -5.56 28.55
CA ASN A 626 -8.13 -5.63 29.76
C ASN A 626 -6.94 -4.66 29.78
N LEU A 627 -6.85 -3.75 28.79
CA LEU A 627 -5.82 -2.70 28.75
C LEU A 627 -6.56 -1.54 29.41
N LEU A 628 -6.62 -1.55 30.76
CA LEU A 628 -7.40 -0.64 31.59
C LEU A 628 -7.12 0.86 31.42
N LYS A 629 -5.85 1.28 31.50
CA LYS A 629 -5.49 2.69 31.38
C LYS A 629 -5.53 3.25 29.94
N LEU A 630 -5.80 2.38 28.92
CA LEU A 630 -5.88 2.74 27.49
C LEU A 630 -6.88 3.86 27.22
N GLU A 631 -6.39 4.91 26.54
CA GLU A 631 -7.14 6.11 26.15
C GLU A 631 -7.22 6.27 24.63
N GLU A 632 -6.22 5.74 23.90
CA GLU A 632 -6.12 5.83 22.45
C GLU A 632 -6.02 4.44 21.82
N LEU A 633 -6.85 4.18 20.79
CA LEU A 633 -6.86 2.92 20.04
C LEU A 633 -7.07 3.13 18.54
N ASP A 634 -6.02 2.84 17.75
CA ASP A 634 -6.09 2.96 16.30
C ASP A 634 -6.37 1.60 15.65
N ILE A 635 -7.63 1.35 15.25
CA ILE A 635 -7.95 0.09 14.60
C ILE A 635 -8.41 0.36 13.14
N SER A 636 -7.72 1.33 12.49
CA SER A 636 -7.95 1.68 11.10
C SER A 636 -7.32 0.57 10.23
N LYS A 637 -7.56 0.58 8.90
CA LYS A 637 -7.01 -0.39 7.94
C LYS A 637 -7.14 -1.89 8.36
N ASN A 638 -8.20 -2.24 9.12
CA ASN A 638 -8.40 -3.62 9.58
C ASN A 638 -9.45 -4.39 8.79
N SER A 639 -9.86 -3.86 7.62
CA SER A 639 -10.81 -4.45 6.67
C SER A 639 -12.19 -4.75 7.31
N LEU A 640 -12.60 -3.90 8.28
CA LEU A 640 -13.86 -4.02 9.02
C LEU A 640 -14.98 -3.30 8.28
N SER A 641 -15.72 -4.06 7.48
CA SER A 641 -16.84 -3.57 6.67
C SER A 641 -18.09 -3.32 7.55
N PHE A 642 -18.12 -3.99 8.70
CA PHE A 642 -19.16 -3.94 9.71
C PHE A 642 -18.49 -4.23 11.06
N LEU A 643 -19.01 -3.64 12.14
CA LEU A 643 -18.47 -3.94 13.45
C LEU A 643 -19.40 -4.93 14.12
N PRO A 644 -18.88 -6.11 14.54
CA PRO A 644 -19.75 -7.09 15.20
C PRO A 644 -20.25 -6.59 16.55
N SER A 645 -21.50 -6.91 16.88
CA SER A 645 -22.10 -6.52 18.16
C SER A 645 -21.31 -7.18 19.30
N GLY A 646 -20.82 -6.34 20.21
CA GLY A 646 -20.01 -6.80 21.34
C GLY A 646 -18.61 -6.21 21.33
N VAL A 647 -18.24 -5.54 20.23
CA VAL A 647 -16.94 -4.88 20.07
C VAL A 647 -16.93 -3.65 20.98
N PHE A 648 -18.04 -2.87 21.00
CA PHE A 648 -18.22 -1.67 21.82
C PHE A 648 -18.26 -2.00 23.31
N ASP A 649 -18.93 -3.11 23.67
CA ASP A 649 -19.04 -3.57 25.06
C ASP A 649 -17.70 -4.07 25.61
N GLY A 650 -16.86 -4.63 24.74
CA GLY A 650 -15.54 -5.13 25.09
C GLY A 650 -14.40 -4.16 24.82
N MET A 651 -14.65 -2.87 25.03
CA MET A 651 -13.64 -1.82 24.83
C MET A 651 -13.11 -1.39 26.20
N PRO A 652 -11.82 -0.98 26.33
CA PRO A 652 -11.32 -0.53 27.65
C PRO A 652 -12.14 0.63 28.26
N PRO A 653 -12.31 0.65 29.60
CA PRO A 653 -13.19 1.65 30.22
C PRO A 653 -12.83 3.12 30.01
N ASN A 654 -11.54 3.46 29.88
CA ASN A 654 -11.12 4.86 29.75
C ASN A 654 -10.79 5.29 28.32
N LEU A 655 -11.37 4.60 27.30
CA LEU A 655 -11.10 4.94 25.89
C LEU A 655 -11.65 6.32 25.54
N LYS A 656 -10.79 7.18 24.93
CA LYS A 656 -11.09 8.56 24.56
C LYS A 656 -11.07 8.77 23.04
N ASN A 657 -9.95 8.41 22.37
N ASN A 657 -9.95 8.42 22.38
CA ASN A 657 -9.75 8.55 20.94
CA ASN A 657 -9.77 8.59 20.93
C ASN A 657 -9.80 7.18 20.27
C ASN A 657 -9.78 7.21 20.26
N LEU A 658 -10.73 7.00 19.32
CA LEU A 658 -10.87 5.74 18.57
C LEU A 658 -10.98 5.98 17.07
N SER A 659 -10.06 5.38 16.30
CA SER A 659 -10.06 5.47 14.85
C SER A 659 -10.51 4.16 14.22
N LEU A 660 -11.48 4.26 13.32
CA LEU A 660 -12.02 3.16 12.53
C LEU A 660 -11.91 3.58 11.05
N ALA A 661 -10.99 4.53 10.76
CA ALA A 661 -10.77 5.07 9.42
C ALA A 661 -10.26 3.99 8.47
N LYS A 662 -10.42 4.19 7.14
CA LYS A 662 -9.92 3.29 6.08
C LYS A 662 -10.28 1.80 6.32
N ASN A 663 -11.54 1.53 6.68
CA ASN A 663 -12.02 0.16 6.97
C ASN A 663 -13.04 -0.35 5.93
N GLY A 664 -13.60 0.56 5.16
CA GLY A 664 -14.65 0.23 4.21
C GLY A 664 -15.94 -0.10 4.92
N LEU A 665 -16.17 0.56 6.08
CA LEU A 665 -17.36 0.39 6.94
C LEU A 665 -18.58 0.81 6.15
N LYS A 666 -19.45 -0.14 5.86
CA LYS A 666 -20.67 0.13 5.11
C LYS A 666 -21.81 0.50 6.07
N SER A 667 -21.83 -0.14 7.27
CA SER A 667 -22.85 0.09 8.29
C SER A 667 -22.28 0.24 9.69
N PHE A 668 -22.84 1.20 10.45
CA PHE A 668 -22.42 1.50 11.82
C PHE A 668 -23.62 1.70 12.74
N ILE A 669 -23.63 1.03 13.91
CA ILE A 669 -24.71 1.19 14.89
C ILE A 669 -24.29 2.22 15.92
N TRP A 670 -24.55 3.48 15.58
CA TRP A 670 -24.24 4.68 16.33
C TRP A 670 -24.67 4.61 17.79
N GLU A 671 -25.86 4.03 18.05
CA GLU A 671 -26.45 3.87 19.39
C GLU A 671 -25.50 3.16 20.35
N LYS A 672 -24.72 2.19 19.84
CA LYS A 672 -23.74 1.39 20.58
C LYS A 672 -22.60 2.24 21.15
N LEU A 673 -22.49 3.52 20.76
CA LEU A 673 -21.46 4.40 21.32
C LEU A 673 -21.79 4.76 22.80
N ARG A 674 -22.98 4.34 23.27
CA ARG A 674 -23.43 4.54 24.64
C ARG A 674 -22.54 3.76 25.63
N TYR A 675 -21.84 2.70 25.13
CA TYR A 675 -20.92 1.87 25.91
C TYR A 675 -19.60 2.59 26.14
N LEU A 676 -19.14 3.38 25.16
CA LEU A 676 -17.89 4.15 25.19
C LEU A 676 -18.16 5.46 25.96
N LYS A 677 -18.28 5.31 27.29
CA LYS A 677 -18.66 6.37 28.23
C LYS A 677 -17.60 7.47 28.43
N ASN A 678 -16.36 7.24 27.99
CA ASN A 678 -15.29 8.23 28.11
C ASN A 678 -14.84 8.79 26.75
N LEU A 679 -15.43 8.29 25.63
CA LEU A 679 -15.11 8.68 24.25
C LEU A 679 -15.24 10.19 23.95
N GLU A 680 -14.20 10.78 23.37
CA GLU A 680 -14.15 12.20 23.01
C GLU A 680 -13.93 12.40 21.52
N THR A 681 -13.10 11.54 20.89
CA THR A 681 -12.80 11.60 19.46
C THR A 681 -13.20 10.31 18.73
N LEU A 682 -13.76 10.42 17.51
CA LEU A 682 -14.16 9.27 16.71
C LEU A 682 -13.87 9.53 15.23
N ASP A 683 -12.83 8.85 14.73
CA ASP A 683 -12.39 8.94 13.34
C ASP A 683 -13.01 7.84 12.49
N LEU A 684 -13.93 8.22 11.57
CA LEU A 684 -14.61 7.29 10.67
C LEU A 684 -14.39 7.71 9.21
N SER A 685 -13.27 8.41 8.96
CA SER A 685 -12.90 8.87 7.62
C SER A 685 -12.58 7.72 6.66
N HIS A 686 -12.71 7.95 5.34
CA HIS A 686 -12.43 6.95 4.30
C HIS A 686 -13.19 5.63 4.51
N ASN A 687 -14.50 5.73 4.59
CA ASN A 687 -15.39 4.59 4.76
C ASN A 687 -16.56 4.65 3.77
N GLN A 688 -17.52 3.75 3.88
CA GLN A 688 -18.66 3.64 2.97
C GLN A 688 -19.98 3.95 3.69
N LEU A 689 -19.92 4.88 4.66
CA LEU A 689 -21.12 5.20 5.43
C LEU A 689 -22.05 6.15 4.67
N THR A 690 -23.35 5.86 4.66
CA THR A 690 -24.36 6.66 3.94
C THR A 690 -25.28 7.53 4.81
N THR A 691 -25.41 7.17 6.09
CA THR A 691 -26.31 7.85 7.02
C THR A 691 -25.69 8.17 8.37
N VAL A 692 -26.09 9.31 8.94
CA VAL A 692 -25.70 9.79 10.26
C VAL A 692 -26.83 9.37 11.28
N PRO A 693 -26.62 9.38 12.62
CA PRO A 693 -27.74 8.98 13.51
C PRO A 693 -28.85 10.03 13.54
N GLU A 694 -30.12 9.62 13.82
CA GLU A 694 -31.28 10.53 13.90
C GLU A 694 -31.07 11.71 14.86
N ARG A 695 -30.37 11.45 16.01
CA ARG A 695 -29.93 12.39 17.04
C ARG A 695 -28.58 11.89 17.58
N LEU A 696 -27.49 12.63 17.28
CA LEU A 696 -26.13 12.29 17.69
C LEU A 696 -26.00 12.35 19.21
N SER A 697 -26.70 13.29 19.84
CA SER A 697 -26.75 13.51 21.28
C SER A 697 -27.20 12.27 22.06
N ASN A 698 -28.05 11.43 21.42
CA ASN A 698 -28.60 10.22 22.01
C ASN A 698 -27.67 8.99 21.89
N CYS A 699 -26.54 9.12 21.17
CA CYS A 699 -25.57 8.04 20.95
C CYS A 699 -24.39 8.07 21.89
N SER A 700 -24.02 9.25 22.38
CA SER A 700 -22.94 9.48 23.34
C SER A 700 -23.20 10.80 24.05
N ARG A 701 -22.71 10.91 25.28
CA ARG A 701 -22.83 12.11 26.10
C ARG A 701 -21.50 12.86 26.17
N SER A 702 -20.42 12.20 25.77
CA SER A 702 -19.07 12.76 25.86
C SER A 702 -18.44 13.18 24.55
N LEU A 703 -18.80 12.51 23.42
CA LEU A 703 -18.18 12.80 22.11
C LEU A 703 -18.05 14.32 21.83
N LYS A 704 -16.80 14.73 21.61
CA LYS A 704 -16.41 16.11 21.34
C LYS A 704 -16.09 16.30 19.85
N ASN A 705 -15.15 15.52 19.27
CA ASN A 705 -14.70 15.62 17.87
C ASN A 705 -15.13 14.42 17.02
N LEU A 706 -15.96 14.68 15.99
CA LEU A 706 -16.43 13.64 15.09
C LEU A 706 -15.88 13.86 13.66
N ILE A 707 -15.28 12.81 13.10
CA ILE A 707 -14.70 12.84 11.76
C ILE A 707 -15.47 11.86 10.86
N LEU A 708 -16.08 12.41 9.80
CA LEU A 708 -16.87 11.64 8.84
C LEU A 708 -16.42 11.93 7.41
N LYS A 709 -15.22 12.49 7.23
CA LYS A 709 -14.73 12.81 5.90
C LYS A 709 -14.55 11.55 5.00
N ASN A 710 -14.66 11.74 3.69
CA ASN A 710 -14.52 10.69 2.68
C ASN A 710 -15.46 9.52 2.96
N ASN A 711 -16.76 9.82 2.95
CA ASN A 711 -17.83 8.85 3.12
C ASN A 711 -18.88 9.09 2.04
N GLN A 712 -20.01 8.38 2.11
CA GLN A 712 -21.07 8.45 1.11
C GLN A 712 -22.36 9.15 1.62
N ILE A 713 -22.26 10.01 2.65
CA ILE A 713 -23.43 10.71 3.21
C ILE A 713 -24.07 11.62 2.18
N ARG A 714 -25.38 11.41 1.92
CA ARG A 714 -26.13 12.17 0.93
C ARG A 714 -27.01 13.25 1.56
N SER A 715 -27.48 12.99 2.80
CA SER A 715 -28.36 13.88 3.56
C SER A 715 -28.23 13.63 5.06
N LEU A 716 -28.30 14.70 5.85
CA LEU A 716 -28.22 14.60 7.30
C LEU A 716 -29.62 14.35 7.86
N THR A 717 -29.69 13.83 9.09
CA THR A 717 -30.99 13.55 9.72
C THR A 717 -31.67 14.86 10.17
N LYS A 718 -33.01 14.85 10.31
CA LYS A 718 -33.79 16.04 10.67
C LYS A 718 -33.25 16.80 11.87
N TYR A 719 -32.86 16.11 12.96
CA TYR A 719 -32.33 16.77 14.16
C TYR A 719 -30.97 16.18 14.59
N PHE A 720 -30.07 15.98 13.62
CA PHE A 720 -28.75 15.38 13.79
C PHE A 720 -27.95 15.96 14.97
N LEU A 721 -27.48 17.22 14.85
CA LEU A 721 -26.69 17.89 15.88
C LEU A 721 -27.49 18.48 17.01
N GLN A 722 -28.82 18.27 17.03
CA GLN A 722 -29.71 18.79 18.07
C GLN A 722 -29.29 18.32 19.47
N ASP A 723 -29.13 19.29 20.41
CA ASP A 723 -28.73 19.13 21.84
C ASP A 723 -27.35 18.49 22.08
N ALA A 724 -26.50 18.39 21.06
CA ALA A 724 -25.16 17.82 21.17
C ALA A 724 -24.18 18.89 21.69
N PHE A 725 -24.48 19.39 22.92
CA PHE A 725 -23.73 20.46 23.59
C PHE A 725 -22.24 20.20 23.80
N GLN A 726 -21.82 18.91 23.81
CA GLN A 726 -20.42 18.55 24.04
C GLN A 726 -19.54 18.61 22.80
N LEU A 727 -20.16 18.65 21.60
CA LEU A 727 -19.46 18.68 20.31
C LEU A 727 -18.67 19.97 20.05
N ARG A 728 -17.39 19.83 19.64
CA ARG A 728 -16.51 20.98 19.32
C ARG A 728 -15.85 20.89 17.93
N TYR A 729 -15.82 19.73 17.33
CA TYR A 729 -15.21 19.54 16.02
C TYR A 729 -16.07 18.59 15.18
N LEU A 730 -16.37 19.00 13.93
CA LEU A 730 -17.13 18.20 12.97
C LEU A 730 -16.57 18.34 11.57
N ASP A 731 -16.13 17.19 11.04
CA ASP A 731 -15.60 17.06 9.69
C ASP A 731 -16.63 16.27 8.91
N LEU A 732 -17.37 16.98 8.06
CA LEU A 732 -18.39 16.41 7.19
C LEU A 732 -17.94 16.53 5.75
N SER A 733 -16.66 16.94 5.53
CA SER A 733 -16.07 17.16 4.21
C SER A 733 -16.04 15.90 3.34
N SER A 734 -15.73 16.09 2.04
CA SER A 734 -15.59 15.03 1.03
C SER A 734 -16.70 13.95 1.11
N ASN A 735 -17.97 14.39 1.13
CA ASN A 735 -19.15 13.52 1.14
C ASN A 735 -20.03 13.87 -0.09
N LYS A 736 -21.29 13.42 -0.11
CA LYS A 736 -22.19 13.69 -1.23
C LYS A 736 -23.46 14.48 -0.76
N ILE A 737 -23.32 15.31 0.30
CA ILE A 737 -24.41 16.11 0.89
C ILE A 737 -24.87 17.19 -0.09
N GLN A 738 -26.22 17.30 -0.27
CA GLN A 738 -26.89 18.26 -1.15
C GLN A 738 -27.44 19.47 -0.38
N MET A 739 -28.24 19.22 0.67
CA MET A 739 -28.85 20.25 1.50
C MET A 739 -28.52 20.03 2.97
N ILE A 740 -28.52 21.13 3.75
CA ILE A 740 -28.36 21.15 5.21
C ILE A 740 -29.39 22.15 5.74
N GLN A 741 -30.27 21.67 6.64
CA GLN A 741 -31.33 22.51 7.21
C GLN A 741 -31.02 22.99 8.64
N LYS A 742 -31.71 24.05 9.10
CA LYS A 742 -31.53 24.66 10.41
C LYS A 742 -31.75 23.67 11.56
N THR A 743 -32.70 22.73 11.38
CA THR A 743 -33.04 21.71 12.38
C THR A 743 -31.88 20.73 12.63
N SER A 744 -31.20 20.32 11.54
CA SER A 744 -30.07 19.39 11.60
C SER A 744 -28.91 20.04 12.31
N PHE A 745 -28.69 21.37 12.09
CA PHE A 745 -27.57 22.16 12.64
C PHE A 745 -28.06 23.30 13.55
N PRO A 746 -28.55 23.05 14.80
CA PRO A 746 -29.00 24.18 15.64
C PRO A 746 -27.92 25.23 15.85
N GLU A 747 -28.31 26.51 15.85
CA GLU A 747 -27.43 27.66 16.04
C GLU A 747 -26.68 27.55 17.40
N ASN A 748 -27.37 27.00 18.45
CA ASN A 748 -26.85 26.81 19.81
C ASN A 748 -25.71 25.77 19.90
N VAL A 749 -25.74 24.74 19.04
CA VAL A 749 -24.69 23.72 18.99
C VAL A 749 -23.52 24.22 18.11
N LEU A 750 -23.86 24.86 16.97
CA LEU A 750 -22.93 25.38 15.96
C LEU A 750 -21.89 26.37 16.46
N ASN A 751 -22.26 27.26 17.40
CA ASN A 751 -21.36 28.28 17.94
C ASN A 751 -20.25 27.67 18.84
N ASN A 752 -20.57 26.55 19.52
CA ASN A 752 -19.65 25.78 20.36
C ASN A 752 -18.57 25.11 19.50
N LEU A 753 -18.84 24.92 18.19
CA LEU A 753 -17.90 24.33 17.25
C LEU A 753 -16.68 25.22 17.03
N LYS A 754 -15.50 24.65 17.25
CA LYS A 754 -14.21 25.31 17.06
C LYS A 754 -13.95 25.37 15.57
N MET A 755 -14.27 24.26 14.85
CA MET A 755 -14.10 24.11 13.41
C MET A 755 -15.17 23.17 12.82
N LEU A 756 -15.75 23.57 11.67
CA LEU A 756 -16.75 22.83 10.90
C LEU A 756 -16.28 22.67 9.45
N LEU A 757 -15.98 21.42 9.03
CA LEU A 757 -15.50 21.10 7.69
C LEU A 757 -16.65 20.62 6.83
N LEU A 758 -16.92 21.34 5.71
CA LEU A 758 -18.04 21.09 4.79
C LEU A 758 -17.63 20.97 3.32
N HIS A 759 -16.40 21.37 2.98
CA HIS A 759 -15.90 21.39 1.61
C HIS A 759 -15.94 20.02 0.87
N HIS A 760 -15.92 20.07 -0.47
CA HIS A 760 -15.95 18.93 -1.38
C HIS A 760 -17.24 18.09 -1.27
N ASN A 761 -18.39 18.77 -1.06
CA ASN A 761 -19.74 18.20 -0.99
C ASN A 761 -20.60 18.65 -2.20
N ARG A 762 -21.63 17.85 -2.53
CA ARG A 762 -22.52 18.02 -3.70
C ARG A 762 -23.72 18.99 -3.46
N PHE A 763 -23.41 20.23 -3.00
CA PHE A 763 -24.37 21.28 -2.62
C PHE A 763 -25.25 21.83 -3.76
N LEU A 764 -26.56 21.78 -3.52
CA LEU A 764 -27.58 22.24 -4.45
C LEU A 764 -28.14 23.58 -3.99
N CYS A 765 -27.77 24.62 -4.73
CA CYS A 765 -28.08 26.01 -4.44
C CYS A 765 -29.43 26.50 -4.99
N THR A 766 -30.50 25.83 -4.52
CA THR A 766 -31.89 26.17 -4.86
C THR A 766 -32.44 27.08 -3.75
N CYS A 767 -33.76 27.29 -3.71
CA CYS A 767 -34.37 28.13 -2.69
C CYS A 767 -34.58 27.41 -1.35
N ASP A 768 -34.36 26.09 -1.31
CA ASP A 768 -34.47 25.26 -0.09
C ASP A 768 -33.18 25.37 0.73
N ALA A 769 -32.08 25.79 0.07
CA ALA A 769 -30.78 25.97 0.69
C ALA A 769 -30.59 27.43 1.10
N VAL A 770 -31.70 28.17 1.24
CA VAL A 770 -31.66 29.59 1.57
C VAL A 770 -31.12 29.85 3.01
N TRP A 771 -31.41 28.95 3.99
CA TRP A 771 -30.88 29.13 5.34
C TRP A 771 -29.38 28.89 5.37
N PHE A 772 -28.95 27.74 4.84
CA PHE A 772 -27.57 27.28 4.79
C PHE A 772 -26.64 28.30 4.14
N VAL A 773 -27.05 28.90 2.99
CA VAL A 773 -26.26 29.89 2.27
C VAL A 773 -26.04 31.13 3.14
N TRP A 774 -27.12 31.62 3.76
CA TRP A 774 -27.07 32.78 4.66
C TRP A 774 -26.22 32.50 5.90
N TRP A 775 -26.44 31.34 6.57
CA TRP A 775 -25.69 30.97 7.76
C TRP A 775 -24.18 30.94 7.48
N VAL A 776 -23.75 30.19 6.44
CA VAL A 776 -22.35 30.03 6.02
C VAL A 776 -21.67 31.39 5.77
N GLN A 777 -22.38 32.31 5.11
CA GLN A 777 -21.87 33.65 4.79
C GLN A 777 -21.65 34.51 6.04
N HIS A 778 -22.65 34.52 6.94
CA HIS A 778 -22.71 35.31 8.16
C HIS A 778 -22.26 34.59 9.45
N THR A 779 -21.52 33.47 9.35
CA THR A 779 -21.06 32.77 10.55
C THR A 779 -19.62 33.13 10.94
N GLU A 780 -19.32 33.02 12.25
CA GLU A 780 -18.00 33.25 12.83
C GLU A 780 -17.21 31.93 12.89
N VAL A 781 -17.93 30.78 12.87
CA VAL A 781 -17.42 29.39 12.88
C VAL A 781 -16.35 29.19 11.81
N THR A 782 -15.22 28.57 12.18
CA THR A 782 -14.09 28.34 11.28
C THR A 782 -14.39 27.30 10.21
N ILE A 783 -14.84 27.74 9.02
CA ILE A 783 -15.10 26.83 7.91
C ILE A 783 -13.92 26.95 6.92
N PRO A 784 -13.04 25.92 6.84
CA PRO A 784 -11.91 26.01 5.91
C PRO A 784 -12.34 25.79 4.46
N TYR A 785 -11.53 26.34 3.52
CA TYR A 785 -11.70 26.25 2.05
C TYR A 785 -13.07 26.78 1.60
N LEU A 786 -13.57 27.82 2.29
CA LEU A 786 -14.87 28.44 2.01
C LEU A 786 -14.97 29.09 0.62
N ALA A 787 -13.81 29.46 0.05
CA ALA A 787 -13.72 30.12 -1.24
C ALA A 787 -12.89 29.32 -2.25
N THR A 788 -12.90 27.99 -2.14
CA THR A 788 -12.17 27.14 -3.09
C THR A 788 -12.81 25.74 -3.20
N ASP A 789 -13.52 25.25 -2.14
CA ASP A 789 -14.15 23.93 -2.23
C ASP A 789 -15.60 23.87 -1.65
N VAL A 790 -16.12 24.97 -1.05
CA VAL A 790 -17.51 25.05 -0.57
C VAL A 790 -18.34 25.70 -1.72
N THR A 791 -18.67 24.89 -2.75
CA THR A 791 -19.30 25.29 -4.01
C THR A 791 -20.57 24.49 -4.42
N CYS A 792 -21.43 25.12 -5.27
CA CYS A 792 -22.67 24.56 -5.82
C CYS A 792 -22.40 23.62 -6.99
N VAL A 793 -23.15 22.50 -7.05
CA VAL A 793 -23.10 21.56 -8.16
C VAL A 793 -24.25 21.87 -9.14
N GLY A 794 -25.08 22.84 -8.74
CA GLY A 794 -26.24 23.31 -9.49
C GLY A 794 -27.22 24.09 -8.63
N PRO A 795 -28.42 24.44 -9.13
CA PRO A 795 -28.95 24.17 -10.49
C PRO A 795 -28.31 25.07 -11.55
N GLY A 796 -28.11 24.51 -12.73
CA GLY A 796 -27.50 25.11 -13.92
C GLY A 796 -26.75 26.42 -13.74
N ALA A 797 -27.50 27.52 -13.54
CA ALA A 797 -27.03 28.89 -13.35
C ALA A 797 -25.89 29.01 -12.32
N HIS A 798 -26.01 28.27 -11.20
CA HIS A 798 -25.08 28.28 -10.08
C HIS A 798 -23.99 27.21 -10.10
N LYS A 799 -24.00 26.29 -11.08
CA LYS A 799 -23.00 25.21 -11.16
C LYS A 799 -21.56 25.75 -11.16
N GLY A 800 -20.77 25.25 -10.21
CA GLY A 800 -19.37 25.61 -10.03
C GLY A 800 -19.10 26.95 -9.37
N GLN A 801 -20.13 27.52 -8.72
CA GLN A 801 -20.04 28.81 -8.03
C GLN A 801 -19.98 28.58 -6.51
N SER A 802 -19.14 29.34 -5.79
CA SER A 802 -19.00 29.27 -4.34
C SER A 802 -20.30 29.71 -3.64
N VAL A 803 -20.64 29.06 -2.52
CA VAL A 803 -21.89 29.39 -1.80
C VAL A 803 -21.77 30.73 -1.08
N ILE A 804 -20.53 31.16 -0.81
CA ILE A 804 -20.20 32.42 -0.15
C ILE A 804 -20.54 33.64 -1.05
N SER A 805 -20.38 33.48 -2.40
CA SER A 805 -20.65 34.51 -3.41
C SER A 805 -22.13 34.61 -3.84
N LEU A 806 -22.93 33.59 -3.49
CA LEU A 806 -24.35 33.45 -3.82
C LEU A 806 -25.22 34.56 -3.30
N ASP A 807 -26.26 34.93 -4.06
CA ASP A 807 -27.24 35.95 -3.70
C ASP A 807 -28.63 35.45 -4.06
N LEU A 808 -29.27 34.76 -3.11
CA LEU A 808 -30.59 34.16 -3.30
C LEU A 808 -31.75 35.12 -2.95
N TYR A 809 -31.63 36.39 -3.38
CA TYR A 809 -32.64 37.41 -3.13
C TYR A 809 -33.96 37.10 -3.86
N THR A 810 -33.88 36.30 -4.95
CA THR A 810 -35.01 35.88 -5.78
C THR A 810 -35.94 34.94 -5.01
N CYS A 811 -35.38 34.23 -4.03
CA CYS A 811 -36.09 33.31 -3.14
C CYS A 811 -36.85 34.09 -2.04
N GLU A 812 -36.72 35.44 -2.02
CA GLU A 812 -37.31 36.33 -1.03
C GLU A 812 -38.39 37.30 -1.53
N LEU A 813 -38.50 37.50 -2.86
CA LEU A 813 -39.46 38.43 -3.49
C LEU A 813 -40.93 38.21 -3.10
N ALA B 5 -27.77 -3.44 -36.45
CA ALA B 5 -28.33 -2.99 -35.18
C ALA B 5 -29.63 -3.72 -34.83
N ARG B 6 -29.90 -3.86 -33.50
CA ARG B 6 -31.08 -4.52 -32.90
C ARG B 6 -32.41 -3.85 -33.26
N TRP B 7 -33.47 -4.64 -33.42
CA TRP B 7 -34.80 -4.09 -33.68
C TRP B 7 -35.52 -3.82 -32.35
N PHE B 8 -35.26 -4.67 -31.36
CA PHE B 8 -35.84 -4.55 -30.03
C PHE B 8 -34.72 -4.54 -29.00
N PRO B 9 -34.50 -3.41 -28.28
CA PRO B 9 -33.42 -3.35 -27.30
C PRO B 9 -33.63 -4.31 -26.14
N LYS B 10 -32.54 -4.88 -25.62
CA LYS B 10 -32.60 -5.81 -24.50
C LYS B 10 -32.68 -4.99 -23.22
N THR B 11 -33.90 -4.90 -22.67
CA THR B 11 -34.21 -4.12 -21.47
C THR B 11 -34.07 -4.95 -20.18
N LEU B 12 -34.12 -6.30 -20.29
CA LEU B 12 -34.01 -7.22 -19.15
C LEU B 12 -32.65 -7.04 -18.42
N PRO B 13 -32.66 -6.84 -17.08
CA PRO B 13 -31.39 -6.63 -16.36
C PRO B 13 -30.63 -7.92 -16.06
N CYS B 14 -30.66 -8.89 -16.99
CA CYS B 14 -30.01 -10.20 -16.83
C CYS B 14 -29.23 -10.59 -18.06
N ASP B 15 -28.07 -11.22 -17.89
CA ASP B 15 -27.24 -11.67 -19.00
C ASP B 15 -27.86 -12.92 -19.65
N VAL B 16 -28.47 -12.73 -20.83
CA VAL B 16 -29.09 -13.80 -21.60
C VAL B 16 -28.11 -14.36 -22.63
N THR B 17 -27.86 -15.67 -22.56
CA THR B 17 -26.97 -16.43 -23.42
C THR B 17 -27.76 -17.57 -24.05
N LEU B 18 -27.33 -17.99 -25.24
CA LEU B 18 -27.98 -19.07 -25.98
C LEU B 18 -26.98 -20.18 -26.29
N ASP B 19 -27.33 -21.40 -25.89
CA ASP B 19 -26.51 -22.59 -26.09
C ASP B 19 -27.35 -23.61 -26.89
N VAL B 20 -27.43 -23.41 -28.22
CA VAL B 20 -28.22 -24.24 -29.14
C VAL B 20 -27.73 -25.70 -29.16
N SER B 21 -26.44 -25.89 -28.77
CA SER B 21 -25.77 -27.20 -28.68
C SER B 21 -26.53 -28.13 -27.73
N LYS B 22 -26.92 -27.62 -26.55
CA LYS B 22 -27.64 -28.35 -25.51
C LYS B 22 -29.10 -27.86 -25.34
N ASN B 23 -29.56 -26.94 -26.23
CA ASN B 23 -30.89 -26.30 -26.24
C ASN B 23 -31.19 -25.56 -24.93
N HIS B 24 -30.14 -24.96 -24.34
CA HIS B 24 -30.16 -24.19 -23.10
C HIS B 24 -30.23 -22.69 -23.35
N VAL B 25 -31.26 -22.05 -22.78
CA VAL B 25 -31.47 -20.60 -22.81
C VAL B 25 -31.16 -20.17 -21.37
N ILE B 26 -29.90 -19.73 -21.17
CA ILE B 26 -29.34 -19.35 -19.89
C ILE B 26 -29.58 -17.88 -19.55
N VAL B 27 -30.36 -17.63 -18.49
CA VAL B 27 -30.68 -16.29 -18.00
C VAL B 27 -30.01 -16.11 -16.63
N ASP B 28 -29.03 -15.19 -16.54
CA ASP B 28 -28.26 -14.92 -15.33
C ASP B 28 -28.54 -13.55 -14.71
N CYS B 29 -29.19 -13.54 -13.53
CA CYS B 29 -29.54 -12.33 -12.79
C CYS B 29 -28.76 -12.26 -11.49
N THR B 30 -27.50 -12.76 -11.46
CA THR B 30 -26.67 -12.74 -10.25
C THR B 30 -26.37 -11.30 -9.85
N ASP B 31 -26.68 -10.96 -8.59
CA ASP B 31 -26.48 -9.65 -7.95
C ASP B 31 -26.92 -8.47 -8.83
N LYS B 32 -28.22 -8.40 -9.13
CA LYS B 32 -28.78 -7.33 -9.95
C LYS B 32 -29.76 -6.49 -9.13
N HIS B 33 -29.62 -6.54 -7.78
CA HIS B 33 -30.40 -5.80 -6.77
C HIS B 33 -31.92 -5.90 -6.98
N LEU B 34 -32.37 -7.08 -7.45
CA LEU B 34 -33.77 -7.38 -7.73
C LEU B 34 -34.61 -7.55 -6.48
N THR B 35 -35.88 -7.14 -6.55
CA THR B 35 -36.87 -7.22 -5.47
C THR B 35 -38.11 -8.02 -5.91
N GLU B 36 -38.16 -8.36 -7.23
CA GLU B 36 -39.19 -9.13 -7.92
C GLU B 36 -38.48 -9.96 -8.98
N ILE B 37 -39.08 -11.08 -9.43
CA ILE B 37 -38.50 -11.86 -10.53
C ILE B 37 -38.70 -11.00 -11.79
N PRO B 38 -37.62 -10.60 -12.51
CA PRO B 38 -37.79 -9.70 -13.66
C PRO B 38 -38.80 -10.17 -14.70
N GLY B 39 -39.70 -9.27 -15.06
CA GLY B 39 -40.74 -9.53 -16.04
C GLY B 39 -40.14 -9.67 -17.43
N GLY B 40 -40.73 -10.57 -18.21
CA GLY B 40 -40.29 -10.82 -19.58
C GLY B 40 -39.02 -11.62 -19.70
N ILE B 41 -38.99 -12.81 -19.11
CA ILE B 41 -37.87 -13.75 -19.23
C ILE B 41 -38.30 -14.68 -20.39
N PRO B 42 -37.41 -15.10 -21.34
CA PRO B 42 -37.86 -15.97 -22.44
C PRO B 42 -38.61 -17.23 -21.97
N THR B 43 -39.66 -17.63 -22.72
CA THR B 43 -40.45 -18.82 -22.39
C THR B 43 -39.59 -20.09 -22.57
N ASN B 44 -38.70 -20.10 -23.59
CA ASN B 44 -37.79 -21.19 -23.87
C ASN B 44 -36.55 -21.27 -22.91
N THR B 45 -36.57 -20.50 -21.77
CA THR B 45 -35.50 -20.48 -20.74
C THR B 45 -35.41 -21.81 -19.99
N THR B 46 -34.19 -22.36 -19.91
CA THR B 46 -33.92 -23.61 -19.22
C THR B 46 -33.18 -23.35 -17.91
N ASN B 47 -32.05 -22.63 -17.97
CA ASN B 47 -31.26 -22.30 -16.78
C ASN B 47 -31.53 -20.86 -16.35
N LEU B 48 -32.06 -20.69 -15.12
CA LEU B 48 -32.34 -19.37 -14.55
C LEU B 48 -31.62 -19.20 -13.21
N THR B 49 -30.77 -18.15 -13.12
CA THR B 49 -29.99 -17.83 -11.91
C THR B 49 -30.45 -16.49 -11.32
N LEU B 50 -30.78 -16.51 -10.01
CA LEU B 50 -31.27 -15.35 -9.26
C LEU B 50 -30.56 -15.20 -7.91
N THR B 51 -29.26 -15.52 -7.87
CA THR B 51 -28.42 -15.44 -6.66
C THR B 51 -28.14 -13.97 -6.28
N ILE B 52 -27.95 -13.72 -4.96
CA ILE B 52 -27.64 -12.43 -4.33
C ILE B 52 -28.65 -11.34 -4.75
N ASN B 53 -29.94 -11.63 -4.57
CA ASN B 53 -31.00 -10.68 -4.84
C ASN B 53 -31.85 -10.51 -3.59
N HIS B 54 -32.94 -9.75 -3.66
CA HIS B 54 -33.81 -9.51 -2.50
C HIS B 54 -35.26 -9.87 -2.79
N ILE B 55 -35.47 -10.96 -3.54
CA ILE B 55 -36.81 -11.45 -3.86
C ILE B 55 -37.39 -12.07 -2.56
N PRO B 56 -38.50 -11.51 -2.02
CA PRO B 56 -39.00 -11.99 -0.71
C PRO B 56 -39.86 -13.25 -0.73
N ASP B 57 -40.39 -13.64 -1.91
CA ASP B 57 -41.25 -14.82 -2.03
C ASP B 57 -41.20 -15.52 -3.38
N ILE B 58 -41.64 -16.79 -3.40
CA ILE B 58 -41.77 -17.65 -4.58
C ILE B 58 -43.20 -18.19 -4.57
N SER B 59 -44.06 -17.63 -5.44
CA SER B 59 -45.46 -18.01 -5.61
C SER B 59 -45.59 -18.81 -6.94
N PRO B 60 -46.69 -19.57 -7.21
CA PRO B 60 -46.77 -20.30 -8.49
C PRO B 60 -46.59 -19.41 -9.73
N ALA B 61 -47.00 -18.14 -9.62
CA ALA B 61 -46.90 -17.12 -10.67
C ALA B 61 -45.47 -16.80 -11.11
N SER B 62 -44.46 -17.12 -10.25
CA SER B 62 -43.02 -16.87 -10.46
C SER B 62 -42.45 -17.41 -11.76
N PHE B 63 -42.65 -18.72 -12.03
CA PHE B 63 -42.11 -19.40 -13.21
C PHE B 63 -43.21 -19.81 -14.22
N HIS B 64 -44.40 -19.19 -14.09
CA HIS B 64 -45.63 -19.39 -14.86
C HIS B 64 -45.44 -19.85 -16.33
N ARG B 65 -44.84 -19.01 -17.18
CA ARG B 65 -44.65 -19.33 -18.61
C ARG B 65 -43.50 -20.27 -18.89
N LEU B 66 -42.34 -20.02 -18.24
CA LEU B 66 -41.10 -20.77 -18.42
C LEU B 66 -41.21 -22.19 -17.84
N VAL B 67 -41.87 -23.07 -18.59
CA VAL B 67 -42.10 -24.47 -18.22
C VAL B 67 -40.98 -25.37 -18.78
N HIS B 68 -40.00 -24.74 -19.44
CA HIS B 68 -38.85 -25.41 -20.07
C HIS B 68 -37.63 -25.44 -19.15
N LEU B 69 -37.80 -24.96 -17.89
CA LEU B 69 -36.74 -24.91 -16.87
C LEU B 69 -36.21 -26.29 -16.48
N VAL B 70 -34.87 -26.40 -16.35
CA VAL B 70 -34.16 -27.62 -15.93
C VAL B 70 -33.30 -27.34 -14.70
N GLU B 71 -32.98 -26.06 -14.47
CA GLU B 71 -32.18 -25.60 -13.34
C GLU B 71 -32.71 -24.26 -12.83
N ILE B 72 -32.86 -24.14 -11.50
CA ILE B 72 -33.26 -22.93 -10.80
C ILE B 72 -32.24 -22.68 -9.70
N ASP B 73 -31.57 -21.53 -9.77
CA ASP B 73 -30.54 -21.10 -8.82
C ASP B 73 -31.08 -19.91 -8.03
N PHE B 74 -31.86 -20.18 -6.98
CA PHE B 74 -32.45 -19.15 -6.13
C PHE B 74 -31.69 -19.05 -4.79
N ARG B 75 -30.36 -19.01 -4.88
CA ARG B 75 -29.47 -18.93 -3.71
C ARG B 75 -29.35 -17.52 -3.12
N CYS B 76 -28.97 -17.45 -1.84
CA CYS B 76 -28.67 -16.27 -1.02
C CYS B 76 -29.63 -15.07 -1.23
N ASN B 77 -30.96 -15.31 -1.21
CA ASN B 77 -31.96 -14.25 -1.31
C ASN B 77 -32.41 -13.78 0.07
N CYS B 78 -32.00 -14.54 1.10
CA CYS B 78 -32.23 -14.25 2.51
C CYS B 78 -31.15 -14.96 3.34
N VAL B 79 -29.89 -14.63 3.03
CA VAL B 79 -28.69 -15.21 3.66
C VAL B 79 -28.64 -14.90 5.18
N PRO B 80 -28.47 -15.96 6.04
CA PRO B 80 -28.45 -15.73 7.51
C PRO B 80 -27.53 -14.62 7.99
N ILE B 81 -28.02 -13.81 8.92
CA ILE B 81 -27.40 -12.64 9.56
C ILE B 81 -25.85 -12.71 9.66
N ARG B 82 -25.30 -13.74 10.33
CA ARG B 82 -23.85 -13.93 10.56
C ARG B 82 -23.05 -14.23 9.29
N LEU B 83 -23.71 -14.80 8.26
CA LEU B 83 -23.10 -15.16 6.98
C LEU B 83 -23.27 -14.09 5.89
N GLY B 84 -24.36 -13.32 5.95
CA GLY B 84 -24.67 -12.30 4.96
C GLY B 84 -24.35 -10.88 5.33
N SER B 85 -24.67 -9.95 4.39
CA SER B 85 -24.47 -8.50 4.47
C SER B 85 -25.17 -7.88 5.68
N LYS B 86 -24.43 -7.02 6.41
CA LYS B 86 -24.93 -6.31 7.60
C LYS B 86 -25.48 -4.92 7.26
N SER B 87 -25.10 -4.37 6.10
CA SER B 87 -25.58 -3.08 5.59
C SER B 87 -26.98 -3.29 4.98
N ASN B 88 -27.14 -4.37 4.16
CA ASN B 88 -28.41 -4.76 3.57
C ASN B 88 -28.78 -6.17 4.08
N MET B 89 -29.34 -6.21 5.29
CA MET B 89 -29.76 -7.43 5.98
C MET B 89 -31.14 -7.91 5.49
N CYS B 90 -31.40 -9.23 5.59
CA CYS B 90 -32.70 -9.78 5.20
C CYS B 90 -33.73 -9.56 6.32
N PRO B 91 -34.90 -8.96 5.99
CA PRO B 91 -35.90 -8.68 7.05
C PRO B 91 -36.67 -9.92 7.52
N ARG B 92 -37.27 -10.67 6.60
CA ARG B 92 -38.08 -11.87 6.86
C ARG B 92 -37.59 -12.98 5.91
N ARG B 93 -37.60 -14.25 6.36
CA ARG B 93 -37.17 -15.42 5.58
C ARG B 93 -37.95 -15.58 4.27
N LEU B 94 -37.32 -16.22 3.26
CA LEU B 94 -37.93 -16.47 1.94
C LEU B 94 -39.20 -17.31 2.09
N GLN B 95 -40.31 -16.82 1.53
CA GLN B 95 -41.61 -17.48 1.60
C GLN B 95 -41.90 -18.25 0.32
N ILE B 96 -41.84 -19.58 0.40
CA ILE B 96 -42.14 -20.45 -0.75
C ILE B 96 -43.59 -20.92 -0.62
N LYS B 97 -44.46 -20.35 -1.45
CA LYS B 97 -45.90 -20.64 -1.51
C LYS B 97 -46.12 -22.03 -2.13
N PRO B 98 -47.20 -22.76 -1.77
CA PRO B 98 -47.41 -24.10 -2.35
C PRO B 98 -47.64 -24.10 -3.86
N ARG B 99 -47.31 -25.24 -4.51
CA ARG B 99 -47.45 -25.52 -5.96
C ARG B 99 -46.57 -24.61 -6.84
N SER B 100 -45.53 -23.98 -6.25
CA SER B 100 -44.59 -23.08 -6.94
C SER B 100 -43.67 -23.81 -7.89
N PHE B 101 -43.33 -25.08 -7.57
CA PHE B 101 -42.41 -25.92 -8.34
C PHE B 101 -43.04 -27.10 -9.04
N SER B 102 -44.07 -27.70 -8.42
CA SER B 102 -44.76 -28.89 -8.91
C SER B 102 -45.15 -28.86 -10.40
N GLY B 103 -45.42 -27.66 -10.92
CA GLY B 103 -45.77 -27.43 -12.31
C GLY B 103 -44.62 -27.57 -13.29
N LEU B 104 -43.39 -27.26 -12.82
CA LEU B 104 -42.16 -27.29 -13.62
C LEU B 104 -41.69 -28.73 -13.89
N THR B 105 -42.41 -29.39 -14.81
CA THR B 105 -42.25 -30.78 -15.28
C THR B 105 -40.80 -31.19 -15.56
N TYR B 106 -40.00 -30.35 -16.25
CA TYR B 106 -38.64 -30.69 -16.67
C TYR B 106 -37.50 -30.32 -15.69
N LEU B 107 -37.83 -29.81 -14.49
CA LEU B 107 -36.83 -29.38 -13.49
C LEU B 107 -35.95 -30.54 -12.96
N LYS B 108 -34.61 -30.38 -13.07
CA LYS B 108 -33.60 -31.35 -12.64
C LYS B 108 -32.74 -30.85 -11.46
N SER B 109 -32.42 -29.55 -11.41
CA SER B 109 -31.63 -28.95 -10.32
C SER B 109 -32.36 -27.77 -9.68
N LEU B 110 -32.31 -27.69 -8.33
CA LEU B 110 -32.93 -26.63 -7.57
C LEU B 110 -32.07 -26.27 -6.37
N TYR B 111 -31.47 -25.07 -6.43
CA TYR B 111 -30.59 -24.50 -5.41
C TYR B 111 -31.38 -23.50 -4.60
N LEU B 112 -31.51 -23.74 -3.30
CA LEU B 112 -32.22 -22.86 -2.38
C LEU B 112 -31.39 -22.57 -1.11
N ASP B 113 -30.07 -22.47 -1.29
CA ASP B 113 -29.12 -22.20 -0.23
C ASP B 113 -29.22 -20.78 0.30
N GLY B 114 -29.03 -20.65 1.61
CA GLY B 114 -29.03 -19.37 2.32
C GLY B 114 -30.26 -18.53 2.12
N ASN B 115 -31.43 -19.08 2.47
CA ASN B 115 -32.71 -18.39 2.33
C ASN B 115 -33.50 -18.44 3.65
N GLN B 116 -32.81 -18.85 4.73
CA GLN B 116 -33.35 -19.01 6.09
C GLN B 116 -34.62 -19.91 6.13
N LEU B 117 -34.70 -20.89 5.23
CA LEU B 117 -35.83 -21.80 5.09
C LEU B 117 -36.00 -22.69 6.31
N LEU B 118 -37.23 -22.78 6.84
CA LEU B 118 -37.54 -23.58 8.04
C LEU B 118 -37.81 -25.06 7.77
N GLU B 119 -38.25 -25.42 6.55
CA GLU B 119 -38.57 -26.80 6.17
C GLU B 119 -38.18 -27.14 4.73
N ILE B 120 -38.17 -28.45 4.40
CA ILE B 120 -37.89 -28.95 3.05
C ILE B 120 -39.06 -28.53 2.16
N PRO B 121 -38.80 -27.73 1.10
CA PRO B 121 -39.89 -27.28 0.22
C PRO B 121 -40.68 -28.45 -0.35
N GLN B 122 -41.95 -28.57 0.04
CA GLN B 122 -42.79 -29.65 -0.46
C GLN B 122 -43.43 -29.23 -1.79
N GLY B 123 -43.93 -30.21 -2.54
CA GLY B 123 -44.53 -29.99 -3.85
C GLY B 123 -43.48 -29.75 -4.92
N LEU B 124 -42.47 -30.63 -4.96
CA LEU B 124 -41.38 -30.55 -5.93
C LEU B 124 -41.59 -31.57 -7.04
N PRO B 125 -41.18 -31.26 -8.30
CA PRO B 125 -41.39 -32.22 -9.40
C PRO B 125 -40.61 -33.54 -9.29
N PRO B 126 -41.20 -34.67 -9.75
CA PRO B 126 -40.51 -35.98 -9.65
C PRO B 126 -39.30 -36.15 -10.57
N SER B 127 -39.00 -35.12 -11.38
CA SER B 127 -37.89 -35.10 -12.32
C SER B 127 -36.59 -34.59 -11.68
N LEU B 128 -36.69 -33.96 -10.48
CA LEU B 128 -35.57 -33.38 -9.74
C LEU B 128 -34.52 -34.42 -9.36
N GLN B 129 -33.24 -34.11 -9.64
CA GLN B 129 -32.07 -34.94 -9.37
C GLN B 129 -31.19 -34.30 -8.31
N LEU B 130 -31.04 -32.97 -8.34
CA LEU B 130 -30.24 -32.20 -7.39
C LEU B 130 -31.11 -31.23 -6.58
N LEU B 131 -30.92 -31.24 -5.27
CA LEU B 131 -31.59 -30.33 -4.36
C LEU B 131 -30.56 -29.82 -3.37
N SER B 132 -30.38 -28.50 -3.33
CA SER B 132 -29.42 -27.86 -2.45
C SER B 132 -30.16 -26.96 -1.46
N LEU B 133 -30.01 -27.27 -0.16
CA LEU B 133 -30.66 -26.55 0.93
C LEU B 133 -29.66 -26.11 2.01
N GLU B 134 -28.39 -25.84 1.59
CA GLU B 134 -27.32 -25.38 2.47
C GLU B 134 -27.68 -24.00 3.08
N ALA B 135 -27.06 -23.65 4.23
CA ALA B 135 -27.24 -22.38 4.94
C ALA B 135 -28.73 -21.98 5.24
N ASN B 136 -29.63 -22.97 5.39
CA ASN B 136 -31.02 -22.69 5.76
C ASN B 136 -31.21 -23.07 7.23
N ASN B 137 -32.44 -23.10 7.74
CA ASN B 137 -32.68 -23.45 9.14
C ASN B 137 -33.50 -24.75 9.28
N ILE B 138 -33.11 -25.78 8.50
CA ILE B 138 -33.71 -27.12 8.51
C ILE B 138 -32.77 -28.05 9.30
N PHE B 139 -33.13 -28.34 10.56
CA PHE B 139 -32.32 -29.17 11.48
C PHE B 139 -33.12 -30.36 12.08
N SER B 140 -34.21 -30.74 11.38
CA SER B 140 -35.07 -31.86 11.73
C SER B 140 -35.58 -32.52 10.44
N ILE B 141 -34.95 -33.64 10.08
CA ILE B 141 -35.27 -34.41 8.88
C ILE B 141 -36.19 -35.57 9.26
N ARG B 142 -37.37 -35.62 8.63
CA ARG B 142 -38.38 -36.66 8.87
C ARG B 142 -38.67 -37.40 7.55
N LYS B 143 -39.05 -38.70 7.65
CA LYS B 143 -39.34 -39.56 6.49
C LYS B 143 -40.40 -38.99 5.56
N GLU B 144 -41.50 -38.43 6.14
CA GLU B 144 -42.62 -37.84 5.41
C GLU B 144 -42.14 -36.72 4.47
N GLN B 145 -41.20 -35.89 4.92
CA GLN B 145 -40.64 -34.79 4.15
C GLN B 145 -39.96 -35.23 2.84
N LEU B 146 -39.21 -36.36 2.86
CA LEU B 146 -38.48 -36.84 1.68
C LEU B 146 -39.28 -37.80 0.77
N THR B 147 -40.60 -37.99 1.00
CA THR B 147 -41.43 -38.89 0.16
C THR B 147 -41.55 -38.39 -1.27
N GLU B 148 -41.64 -37.06 -1.45
CA GLU B 148 -41.72 -36.39 -2.75
C GLU B 148 -40.40 -36.50 -3.53
N LEU B 149 -39.27 -36.56 -2.79
CA LEU B 149 -37.90 -36.61 -3.30
C LEU B 149 -37.41 -38.02 -3.66
N ALA B 150 -38.32 -38.90 -4.11
CA ALA B 150 -38.05 -40.30 -4.47
C ALA B 150 -36.89 -40.50 -5.49
N ASN B 151 -36.84 -39.64 -6.54
CA ASN B 151 -35.86 -39.69 -7.64
C ASN B 151 -34.55 -38.88 -7.42
N ILE B 152 -34.38 -38.25 -6.26
CA ILE B 152 -33.19 -37.42 -5.97
C ILE B 152 -31.88 -38.23 -6.00
N GLU B 153 -30.82 -37.63 -6.58
CA GLU B 153 -29.50 -38.22 -6.76
C GLU B 153 -28.45 -37.49 -5.93
N ILE B 154 -28.50 -36.15 -5.92
CA ILE B 154 -27.56 -35.33 -5.15
C ILE B 154 -28.34 -34.48 -4.14
N LEU B 155 -27.95 -34.55 -2.85
CA LEU B 155 -28.63 -33.84 -1.77
C LEU B 155 -27.68 -33.08 -0.83
N TYR B 156 -27.86 -31.77 -0.74
CA TYR B 156 -27.05 -30.90 0.11
C TYR B 156 -27.90 -30.35 1.24
N LEU B 157 -27.66 -30.85 2.46
CA LEU B 157 -28.38 -30.43 3.66
C LEU B 157 -27.47 -29.73 4.70
N GLY B 158 -26.19 -29.59 4.38
CA GLY B 158 -25.15 -29.00 5.22
C GLY B 158 -25.35 -27.56 5.62
N GLN B 159 -24.50 -27.07 6.56
CA GLN B 159 -24.44 -25.69 7.09
C GLN B 159 -25.77 -25.17 7.68
N ASN B 160 -26.65 -26.08 8.12
CA ASN B 160 -27.95 -25.74 8.69
C ASN B 160 -27.93 -25.53 10.20
N CYS B 161 -26.81 -25.92 10.87
CA CYS B 161 -26.64 -25.75 12.30
C CYS B 161 -25.17 -25.70 12.73
N TYR B 162 -24.49 -24.56 12.52
CA TYR B 162 -23.09 -24.39 12.93
C TYR B 162 -22.85 -22.98 13.54
N TYR B 163 -21.60 -22.62 13.92
CA TYR B 163 -21.32 -21.35 14.60
C TYR B 163 -21.75 -20.09 13.83
N ARG B 164 -21.75 -20.12 12.48
CA ARG B 164 -22.17 -18.98 11.64
C ARG B 164 -23.69 -18.97 11.40
N ASN B 165 -24.36 -20.08 11.73
CA ASN B 165 -25.81 -20.24 11.52
C ASN B 165 -26.35 -21.22 12.58
N PRO B 166 -26.45 -20.78 13.87
CA PRO B 166 -26.86 -21.72 14.93
C PRO B 166 -28.34 -22.05 14.98
N CYS B 167 -28.63 -23.24 15.53
CA CYS B 167 -29.96 -23.76 15.74
C CYS B 167 -30.19 -24.10 17.22
N TYR B 168 -29.10 -24.01 18.03
CA TYR B 168 -28.99 -24.17 19.50
C TYR B 168 -29.44 -25.57 20.01
N VAL B 169 -29.66 -26.51 19.09
CA VAL B 169 -30.07 -27.89 19.38
C VAL B 169 -29.30 -28.88 18.49
N SER B 170 -29.41 -30.19 18.79
CA SER B 170 -28.73 -31.18 17.98
C SER B 170 -29.54 -31.48 16.73
N TYR B 171 -28.85 -31.86 15.63
CA TYR B 171 -29.52 -32.19 14.37
C TYR B 171 -30.28 -33.49 14.55
N SER B 172 -31.55 -33.52 14.11
CA SER B 172 -32.41 -34.70 14.24
C SER B 172 -32.73 -35.33 12.90
N ILE B 173 -32.47 -36.63 12.77
CA ILE B 173 -32.76 -37.41 11.57
C ILE B 173 -33.48 -38.71 11.97
N GLU B 174 -34.68 -38.91 11.41
CA GLU B 174 -35.53 -40.08 11.66
C GLU B 174 -34.82 -41.37 11.25
N LYS B 175 -35.20 -42.50 11.90
CA LYS B 175 -34.63 -43.81 11.58
C LYS B 175 -35.08 -44.18 10.16
N ASP B 176 -34.11 -44.45 9.26
CA ASP B 176 -34.30 -44.81 7.86
C ASP B 176 -34.98 -43.69 7.06
N ALA B 177 -34.56 -42.43 7.31
CA ALA B 177 -35.09 -41.24 6.62
C ALA B 177 -34.72 -41.23 5.13
N PHE B 178 -33.44 -41.51 4.81
CA PHE B 178 -32.92 -41.53 3.44
C PHE B 178 -32.97 -42.91 2.77
N LEU B 179 -33.47 -43.95 3.48
CA LEU B 179 -33.51 -45.32 2.99
C LEU B 179 -34.38 -45.55 1.74
N ASN B 180 -35.53 -44.87 1.63
CA ASN B 180 -36.40 -45.05 0.46
C ASN B 180 -35.96 -44.26 -0.78
N LEU B 181 -34.98 -43.34 -0.63
CA LEU B 181 -34.42 -42.57 -1.75
C LEU B 181 -33.44 -43.49 -2.51
N THR B 182 -34.01 -44.50 -3.17
CA THR B 182 -33.38 -45.59 -3.93
C THR B 182 -32.45 -45.15 -5.08
N LYS B 183 -32.44 -43.84 -5.41
CA LYS B 183 -31.61 -43.27 -6.48
C LYS B 183 -30.51 -42.32 -5.96
N LEU B 184 -30.47 -42.10 -4.62
CA LEU B 184 -29.50 -41.21 -3.96
C LEU B 184 -28.07 -41.69 -4.15
N LYS B 185 -27.22 -40.76 -4.61
CA LYS B 185 -25.80 -41.00 -4.90
C LYS B 185 -24.90 -40.12 -4.03
N VAL B 186 -25.28 -38.83 -3.86
CA VAL B 186 -24.49 -37.90 -3.03
C VAL B 186 -25.35 -37.39 -1.87
N LEU B 187 -24.75 -37.34 -0.66
CA LEU B 187 -25.39 -36.87 0.56
C LEU B 187 -24.38 -36.13 1.47
N SER B 188 -24.54 -34.79 1.54
CA SER B 188 -23.72 -33.89 2.35
C SER B 188 -24.53 -33.48 3.59
N LEU B 189 -23.93 -33.63 4.77
CA LEU B 189 -24.54 -33.28 6.06
C LEU B 189 -23.53 -32.50 6.93
N LYS B 190 -22.51 -31.92 6.24
CA LYS B 190 -21.44 -31.11 6.81
C LYS B 190 -21.93 -29.93 7.63
N ASP B 191 -21.17 -29.53 8.67
CA ASP B 191 -21.47 -28.36 9.52
C ASP B 191 -22.93 -28.32 10.02
N ASN B 192 -23.39 -29.43 10.63
CA ASN B 192 -24.80 -29.54 11.05
C ASN B 192 -25.09 -29.93 12.51
N ASN B 193 -24.08 -30.08 13.40
CA ASN B 193 -24.33 -30.48 14.82
C ASN B 193 -24.94 -31.92 14.91
N VAL B 194 -24.62 -32.80 13.93
CA VAL B 194 -25.08 -34.20 13.85
C VAL B 194 -24.35 -35.01 14.92
N THR B 195 -25.08 -35.67 15.84
CA THR B 195 -24.48 -36.41 16.96
C THR B 195 -24.07 -37.86 16.64
N THR B 196 -24.81 -38.52 15.73
CA THR B 196 -24.59 -39.91 15.32
C THR B 196 -24.84 -40.07 13.83
N VAL B 197 -24.15 -41.04 13.20
CA VAL B 197 -24.27 -41.34 11.76
C VAL B 197 -25.72 -41.74 11.45
N PRO B 198 -26.42 -41.01 10.52
CA PRO B 198 -27.81 -41.36 10.21
C PRO B 198 -27.88 -42.74 9.56
N THR B 199 -28.76 -43.61 10.07
CA THR B 199 -28.92 -44.98 9.58
C THR B 199 -30.43 -45.35 9.50
N VAL B 200 -30.82 -46.21 8.53
CA VAL B 200 -30.00 -46.85 7.49
C VAL B 200 -29.94 -45.98 6.23
N LEU B 201 -28.72 -45.80 5.69
CA LEU B 201 -28.51 -45.03 4.46
C LEU B 201 -28.70 -45.90 3.21
N PRO B 202 -29.05 -45.33 2.02
CA PRO B 202 -29.22 -46.19 0.84
C PRO B 202 -27.90 -46.73 0.27
N SER B 203 -27.85 -48.04 -0.05
N SER B 203 -27.85 -48.04 -0.05
CA SER B 203 -26.67 -48.74 -0.59
CA SER B 203 -26.69 -48.75 -0.60
C SER B 203 -26.14 -48.11 -1.89
C SER B 203 -26.15 -48.11 -1.89
N THR B 204 -27.01 -47.37 -2.60
CA THR B 204 -26.73 -46.70 -3.86
C THR B 204 -25.80 -45.46 -3.71
N LEU B 205 -25.52 -45.01 -2.46
CA LEU B 205 -24.64 -43.87 -2.18
C LEU B 205 -23.21 -44.10 -2.67
N THR B 206 -22.55 -43.02 -3.14
CA THR B 206 -21.16 -43.04 -3.64
C THR B 206 -20.31 -41.95 -2.98
N GLU B 207 -20.97 -40.93 -2.39
CA GLU B 207 -20.31 -39.82 -1.71
C GLU B 207 -21.03 -39.49 -0.41
N LEU B 208 -20.29 -39.47 0.71
CA LEU B 208 -20.86 -39.19 2.03
C LEU B 208 -19.99 -38.21 2.77
N TYR B 209 -20.60 -37.08 3.13
CA TYR B 209 -19.94 -35.97 3.83
C TYR B 209 -20.62 -35.74 5.17
N LEU B 210 -19.93 -36.08 6.26
CA LEU B 210 -20.42 -35.96 7.64
C LEU B 210 -19.44 -35.14 8.47
N TYR B 211 -18.60 -34.33 7.81
CA TYR B 211 -17.57 -33.57 8.50
C TYR B 211 -18.11 -32.35 9.24
N ASN B 212 -17.37 -31.89 10.27
CA ASN B 212 -17.69 -30.79 11.18
C ASN B 212 -19.04 -31.02 11.90
N ASN B 213 -19.10 -32.05 12.77
CA ASN B 213 -20.31 -32.39 13.52
C ASN B 213 -20.03 -32.80 14.99
N MET B 214 -21.05 -33.37 15.68
CA MET B 214 -20.99 -33.83 17.08
C MET B 214 -20.77 -35.34 17.15
N ILE B 215 -20.44 -36.02 16.02
CA ILE B 215 -20.23 -37.47 16.01
C ILE B 215 -18.98 -37.83 16.84
N ALA B 216 -19.18 -38.52 17.97
CA ALA B 216 -18.10 -38.89 18.87
C ALA B 216 -17.64 -40.32 18.69
N GLU B 217 -18.57 -41.20 18.26
CA GLU B 217 -18.31 -42.62 18.02
C GLU B 217 -18.99 -43.08 16.74
N ILE B 218 -18.36 -44.05 16.07
CA ILE B 218 -18.88 -44.71 14.88
C ILE B 218 -19.26 -46.12 15.33
N GLN B 219 -20.39 -46.66 14.84
CA GLN B 219 -20.79 -48.04 15.14
C GLN B 219 -20.20 -48.91 14.05
N GLU B 220 -19.99 -50.22 14.30
CA GLU B 220 -19.43 -51.12 13.28
C GLU B 220 -20.40 -51.29 12.09
N ASP B 221 -21.72 -51.29 12.38
N ASP B 221 -21.72 -51.29 12.37
CA ASP B 221 -22.81 -51.42 11.41
CA ASP B 221 -22.81 -51.43 11.40
C ASP B 221 -23.28 -50.08 10.82
C ASP B 221 -23.30 -50.08 10.84
N ASP B 222 -22.49 -49.01 10.99
CA ASP B 222 -22.83 -47.67 10.48
C ASP B 222 -22.74 -47.57 8.95
N PHE B 223 -21.80 -48.32 8.32
CA PHE B 223 -21.65 -48.32 6.85
C PHE B 223 -21.66 -49.75 6.26
N ASN B 224 -22.40 -50.67 6.92
CA ASN B 224 -22.54 -52.08 6.55
C ASN B 224 -23.11 -52.35 5.16
N ASN B 225 -23.91 -51.42 4.60
CA ASN B 225 -24.54 -51.63 3.30
C ASN B 225 -23.99 -50.75 2.16
N LEU B 226 -23.22 -49.70 2.50
CA LEU B 226 -22.68 -48.77 1.49
C LEU B 226 -21.48 -49.36 0.73
N ASN B 227 -21.72 -50.46 -0.02
CA ASN B 227 -20.70 -51.13 -0.83
C ASN B 227 -20.26 -50.26 -2.03
N GLN B 228 -21.18 -49.46 -2.59
CA GLN B 228 -20.94 -48.58 -3.73
C GLN B 228 -20.21 -47.28 -3.38
N LEU B 229 -20.05 -46.97 -2.08
CA LEU B 229 -19.40 -45.75 -1.58
C LEU B 229 -17.96 -45.57 -2.07
N GLN B 230 -17.67 -44.38 -2.63
CA GLN B 230 -16.38 -44.01 -3.18
C GLN B 230 -15.66 -42.96 -2.34
N ILE B 231 -16.39 -41.95 -1.80
CA ILE B 231 -15.83 -40.89 -0.95
C ILE B 231 -16.55 -40.84 0.40
N LEU B 232 -15.77 -40.77 1.50
CA LEU B 232 -16.27 -40.64 2.88
C LEU B 232 -15.43 -39.62 3.64
N ASP B 233 -16.09 -38.62 4.25
CA ASP B 233 -15.44 -37.57 5.04
C ASP B 233 -16.01 -37.53 6.44
N LEU B 234 -15.18 -37.86 7.46
CA LEU B 234 -15.59 -37.86 8.87
C LEU B 234 -14.78 -36.84 9.70
N SER B 235 -14.22 -35.83 9.03
CA SER B 235 -13.40 -34.77 9.63
C SER B 235 -14.16 -33.85 10.60
N GLY B 236 -13.43 -33.15 11.47
CA GLY B 236 -14.01 -32.20 12.42
C GLY B 236 -15.02 -32.75 13.41
N ASN B 237 -14.83 -34.02 13.79
CA ASN B 237 -15.60 -34.78 14.78
C ASN B 237 -14.52 -35.17 15.80
N CYS B 238 -14.50 -34.49 16.97
CA CYS B 238 -13.45 -34.56 18.01
C CYS B 238 -12.26 -33.79 17.39
N PRO B 239 -12.34 -32.46 17.21
CA PRO B 239 -11.24 -31.76 16.54
C PRO B 239 -10.03 -31.38 17.39
N ARG B 240 -8.89 -31.17 16.72
CA ARG B 240 -7.65 -30.70 17.31
C ARG B 240 -7.82 -29.17 17.31
N CYS B 241 -8.28 -28.61 18.44
CA CYS B 241 -8.63 -27.19 18.55
C CYS B 241 -7.46 -26.24 18.80
N TYR B 242 -6.21 -26.74 18.80
CA TYR B 242 -5.05 -25.87 19.02
C TYR B 242 -4.78 -24.95 17.85
N ASN B 243 -4.78 -23.62 18.12
CA ASN B 243 -4.57 -22.53 17.17
C ASN B 243 -5.67 -22.47 16.08
N ALA B 244 -6.89 -22.91 16.44
CA ALA B 244 -8.04 -22.91 15.56
C ALA B 244 -8.57 -21.49 15.39
N PRO B 245 -8.66 -20.97 14.13
CA PRO B 245 -9.16 -19.59 13.92
C PRO B 245 -10.69 -19.52 13.79
N PHE B 246 -11.39 -20.45 14.45
CA PHE B 246 -12.85 -20.54 14.46
C PHE B 246 -13.28 -21.19 15.77
N PRO B 247 -14.48 -20.87 16.34
CA PRO B 247 -14.91 -21.53 17.60
C PRO B 247 -14.91 -23.05 17.45
N CYS B 248 -13.96 -23.68 18.13
CA CYS B 248 -13.70 -25.11 18.07
C CYS B 248 -13.87 -25.73 19.46
N THR B 249 -14.68 -26.81 19.55
CA THR B 249 -14.90 -27.52 20.81
C THR B 249 -14.53 -29.01 20.63
N PRO B 250 -13.48 -29.49 21.36
CA PRO B 250 -13.08 -30.90 21.19
C PRO B 250 -13.88 -31.88 22.03
N CYS B 251 -13.84 -33.18 21.65
CA CYS B 251 -14.51 -34.28 22.36
C CYS B 251 -13.98 -34.31 23.80
N LYS B 252 -14.84 -34.52 24.81
CA LYS B 252 -14.40 -34.49 26.20
C LYS B 252 -13.19 -35.39 26.46
N ASN B 253 -12.23 -34.86 27.28
CA ASN B 253 -10.95 -35.48 27.66
C ASN B 253 -10.01 -35.59 26.44
N ASN B 254 -10.24 -34.73 25.41
CA ASN B 254 -9.50 -34.65 24.14
C ASN B 254 -9.52 -35.97 23.33
N SER B 255 -10.45 -36.88 23.71
CA SER B 255 -10.71 -38.20 23.13
C SER B 255 -10.80 -38.17 21.60
N PRO B 256 -10.29 -39.19 20.89
CA PRO B 256 -10.39 -39.16 19.42
C PRO B 256 -11.73 -39.66 18.92
N LEU B 257 -12.00 -39.52 17.61
CA LEU B 257 -13.20 -40.07 17.00
C LEU B 257 -13.04 -41.59 17.09
N GLN B 258 -13.83 -42.22 17.97
CA GLN B 258 -13.76 -43.67 18.20
C GLN B 258 -14.36 -44.40 17.01
N ILE B 259 -13.50 -45.08 16.23
CA ILE B 259 -13.93 -45.85 15.06
C ILE B 259 -13.59 -47.33 15.29
N PRO B 260 -14.57 -48.27 15.21
CA PRO B 260 -14.24 -49.70 15.34
C PRO B 260 -13.33 -50.13 14.20
N VAL B 261 -12.47 -51.13 14.46
CA VAL B 261 -11.51 -51.66 13.49
C VAL B 261 -12.18 -52.20 12.21
N ASN B 262 -13.38 -52.81 12.35
CA ASN B 262 -14.15 -53.39 11.24
C ASN B 262 -15.22 -52.43 10.65
N ALA B 263 -15.14 -51.11 10.93
CA ALA B 263 -16.11 -50.12 10.45
C ALA B 263 -16.12 -49.91 8.94
N PHE B 264 -14.94 -49.98 8.29
CA PHE B 264 -14.81 -49.76 6.84
C PHE B 264 -14.74 -51.06 6.01
N ASP B 265 -15.20 -52.20 6.58
CA ASP B 265 -15.19 -53.52 5.93
C ASP B 265 -16.06 -53.64 4.68
N ALA B 266 -17.21 -52.94 4.65
CA ALA B 266 -18.13 -53.00 3.51
C ALA B 266 -17.72 -52.10 2.34
N LEU B 267 -16.93 -51.04 2.60
CA LEU B 267 -16.51 -50.03 1.62
C LEU B 267 -15.33 -50.48 0.74
N THR B 268 -15.57 -51.47 -0.12
CA THR B 268 -14.57 -52.02 -1.04
C THR B 268 -14.22 -51.03 -2.15
N GLU B 269 -15.21 -50.25 -2.58
CA GLU B 269 -15.06 -49.27 -3.65
C GLU B 269 -14.58 -47.91 -3.17
N LEU B 270 -14.22 -47.79 -1.87
CA LEU B 270 -13.74 -46.54 -1.30
C LEU B 270 -12.39 -46.13 -1.91
N LYS B 271 -12.32 -44.86 -2.34
CA LYS B 271 -11.15 -44.26 -2.98
C LYS B 271 -10.61 -43.07 -2.15
N VAL B 272 -11.52 -42.32 -1.50
CA VAL B 272 -11.19 -41.14 -0.68
C VAL B 272 -11.70 -41.31 0.75
N LEU B 273 -10.80 -41.19 1.74
CA LEU B 273 -11.13 -41.27 3.16
C LEU B 273 -10.46 -40.10 3.86
N ARG B 274 -11.27 -39.08 4.23
CA ARG B 274 -10.77 -37.88 4.88
C ARG B 274 -11.09 -37.89 6.37
N LEU B 275 -10.01 -37.96 7.18
CA LEU B 275 -10.06 -38.01 8.63
C LEU B 275 -9.24 -36.89 9.26
N HIS B 276 -9.44 -35.66 8.76
CA HIS B 276 -8.80 -34.43 9.22
C HIS B 276 -9.41 -33.98 10.56
N SER B 277 -8.58 -33.51 11.52
CA SER B 277 -9.05 -33.03 12.82
C SER B 277 -10.07 -33.95 13.52
N ASN B 278 -9.59 -35.14 13.94
CA ASN B 278 -10.36 -36.18 14.65
C ASN B 278 -9.62 -36.63 15.92
N SER B 279 -8.63 -35.82 16.38
CA SER B 279 -7.81 -36.02 17.58
C SER B 279 -7.15 -37.44 17.68
N LEU B 280 -7.05 -38.17 16.53
CA LEU B 280 -6.51 -39.53 16.43
C LEU B 280 -5.08 -39.67 16.95
N GLN B 281 -4.83 -40.73 17.74
CA GLN B 281 -3.53 -41.02 18.31
C GLN B 281 -2.91 -42.28 17.67
N HIS B 282 -3.77 -43.23 17.27
CA HIS B 282 -3.37 -44.48 16.64
C HIS B 282 -4.20 -44.75 15.39
N VAL B 283 -3.54 -45.26 14.33
CA VAL B 283 -4.22 -45.67 13.09
C VAL B 283 -4.09 -47.21 13.02
N PRO B 284 -5.17 -47.96 13.36
CA PRO B 284 -5.08 -49.42 13.30
C PRO B 284 -5.00 -49.96 11.87
N PRO B 285 -4.04 -50.86 11.60
CA PRO B 285 -3.91 -51.44 10.24
C PRO B 285 -5.15 -52.21 9.79
N ARG B 286 -5.91 -52.77 10.76
CA ARG B 286 -7.14 -53.52 10.54
C ARG B 286 -8.24 -52.71 9.78
N TRP B 287 -8.22 -51.36 9.86
CA TRP B 287 -9.17 -50.49 9.18
C TRP B 287 -9.23 -50.79 7.67
N PHE B 288 -8.06 -50.84 7.02
CA PHE B 288 -7.85 -51.02 5.58
C PHE B 288 -7.64 -52.47 5.13
N LYS B 289 -8.31 -53.42 5.80
CA LYS B 289 -8.22 -54.85 5.47
C LYS B 289 -8.90 -55.15 4.13
N ASN B 290 -10.07 -54.53 3.88
CA ASN B 290 -10.86 -54.73 2.67
C ASN B 290 -10.86 -53.54 1.70
N ILE B 291 -10.15 -52.45 2.02
CA ILE B 291 -10.06 -51.31 1.11
C ILE B 291 -8.71 -51.30 0.40
N ASN B 292 -8.62 -52.03 -0.73
CA ASN B 292 -7.38 -52.10 -1.50
C ASN B 292 -7.37 -51.16 -2.71
N ASN B 293 -8.41 -50.30 -2.82
CA ASN B 293 -8.57 -49.35 -3.91
C ASN B 293 -8.47 -47.89 -3.45
N LEU B 294 -8.11 -47.67 -2.15
CA LEU B 294 -7.97 -46.32 -1.58
C LEU B 294 -6.81 -45.56 -2.22
N GLN B 295 -7.07 -44.32 -2.66
CA GLN B 295 -6.10 -43.46 -3.32
C GLN B 295 -5.80 -42.18 -2.54
N GLU B 296 -6.83 -41.62 -1.84
CA GLU B 296 -6.66 -40.40 -1.07
C GLU B 296 -6.99 -40.59 0.42
N LEU B 297 -5.98 -40.40 1.28
CA LEU B 297 -6.12 -40.50 2.72
C LEU B 297 -5.61 -39.23 3.43
N ASP B 298 -6.54 -38.43 3.99
CA ASP B 298 -6.23 -37.20 4.71
C ASP B 298 -6.20 -37.49 6.21
N LEU B 299 -5.00 -37.51 6.80
CA LEU B 299 -4.81 -37.75 8.23
C LEU B 299 -4.22 -36.52 8.95
N SER B 300 -4.46 -35.33 8.38
CA SER B 300 -3.98 -34.08 8.96
C SER B 300 -4.75 -33.65 10.24
N GLN B 301 -4.14 -32.75 11.05
CA GLN B 301 -4.67 -32.19 12.30
C GLN B 301 -5.07 -33.25 13.34
N ASN B 302 -4.23 -34.27 13.53
CA ASN B 302 -4.45 -35.30 14.55
C ASN B 302 -3.24 -35.29 15.48
N PHE B 303 -3.03 -36.35 16.27
CA PHE B 303 -1.87 -36.48 17.15
C PHE B 303 -1.12 -37.76 16.77
N LEU B 304 -0.73 -37.86 15.50
CA LEU B 304 -0.06 -39.06 14.99
C LEU B 304 1.44 -38.88 14.83
N ALA B 305 2.06 -37.91 15.57
CA ALA B 305 3.50 -37.65 15.52
C ALA B 305 4.32 -38.91 15.84
N LYS B 306 3.89 -39.68 16.86
CA LYS B 306 4.55 -40.93 17.25
C LYS B 306 4.21 -42.05 16.25
N GLU B 307 2.94 -42.06 15.75
CA GLU B 307 2.46 -43.02 14.77
C GLU B 307 3.19 -42.91 13.42
N ILE B 308 3.70 -41.71 13.06
CA ILE B 308 4.47 -41.49 11.82
C ILE B 308 5.74 -42.37 11.82
N GLY B 309 6.35 -42.54 12.99
CA GLY B 309 7.55 -43.35 13.16
C GLY B 309 7.30 -44.85 13.14
N ASP B 310 6.03 -45.28 13.31
CA ASP B 310 5.61 -46.68 13.31
C ASP B 310 4.84 -47.04 12.03
N ALA B 311 3.67 -46.43 11.82
CA ALA B 311 2.76 -46.52 10.66
C ALA B 311 2.66 -47.91 10.00
N LYS B 312 2.27 -48.93 10.79
CA LYS B 312 2.10 -50.31 10.32
C LYS B 312 0.96 -50.44 9.31
N PHE B 313 0.02 -49.46 9.31
CA PHE B 313 -1.14 -49.41 8.42
C PHE B 313 -0.77 -49.14 6.95
N LEU B 314 0.40 -48.51 6.70
CA LEU B 314 0.88 -48.14 5.34
C LEU B 314 1.12 -49.32 4.41
N HIS B 315 1.29 -50.52 4.99
CA HIS B 315 1.51 -51.77 4.27
C HIS B 315 0.25 -52.25 3.54
N PHE B 316 -0.94 -51.80 4.02
CA PHE B 316 -2.24 -52.16 3.45
C PHE B 316 -2.72 -51.15 2.40
N LEU B 317 -1.90 -50.10 2.12
CA LEU B 317 -2.21 -49.05 1.15
C LEU B 317 -1.17 -49.00 -0.01
N PRO B 318 -1.02 -50.05 -0.85
CA PRO B 318 -0.03 -49.97 -1.95
C PRO B 318 -0.56 -49.29 -3.21
N ASN B 319 -1.85 -48.87 -3.20
CA ASN B 319 -2.52 -48.21 -4.31
C ASN B 319 -2.73 -46.74 -4.03
N LEU B 320 -2.42 -46.29 -2.79
CA LEU B 320 -2.56 -44.90 -2.32
C LEU B 320 -1.73 -43.93 -3.16
N ILE B 321 -2.36 -42.82 -3.58
CA ILE B 321 -1.75 -41.77 -4.39
C ILE B 321 -1.40 -40.53 -3.54
N GLN B 322 -2.37 -40.05 -2.75
CA GLN B 322 -2.20 -38.87 -1.89
C GLN B 322 -2.16 -39.22 -0.41
N LEU B 323 -1.15 -38.70 0.30
CA LEU B 323 -1.03 -38.90 1.74
C LEU B 323 -0.70 -37.60 2.43
N ASP B 324 -1.65 -37.12 3.25
CA ASP B 324 -1.53 -35.90 4.02
C ASP B 324 -1.47 -36.22 5.50
N LEU B 325 -0.33 -35.91 6.14
CA LEU B 325 -0.09 -36.14 7.57
C LEU B 325 0.36 -34.83 8.22
N SER B 326 -0.22 -33.71 7.76
CA SER B 326 0.14 -32.37 8.22
C SER B 326 -0.48 -31.96 9.57
N PHE B 327 0.31 -31.22 10.38
CA PHE B 327 -0.01 -30.68 11.69
C PHE B 327 -0.44 -31.80 12.68
N ASN B 328 0.46 -32.77 12.86
CA ASN B 328 0.31 -33.90 13.74
C ASN B 328 1.26 -33.77 14.93
N PHE B 329 1.95 -32.61 15.05
CA PHE B 329 2.92 -32.28 16.10
C PHE B 329 2.38 -32.41 17.51
N GLU B 330 3.24 -32.80 18.45
CA GLU B 330 2.89 -32.84 19.85
C GLU B 330 3.44 -31.53 20.41
N LEU B 331 2.56 -30.63 20.91
CA LEU B 331 3.05 -29.36 21.48
C LEU B 331 3.87 -29.61 22.76
N GLN B 332 4.80 -28.66 23.07
CA GLN B 332 5.78 -28.73 24.18
C GLN B 332 6.99 -29.61 23.79
N VAL B 333 6.94 -30.22 22.58
CA VAL B 333 7.95 -31.10 22.00
C VAL B 333 8.50 -30.49 20.71
N TYR B 334 9.76 -30.05 20.75
CA TYR B 334 10.45 -29.52 19.58
C TYR B 334 11.49 -30.59 19.24
N ARG B 335 11.09 -31.53 18.34
CA ARG B 335 11.89 -32.67 17.92
C ARG B 335 13.23 -32.32 17.34
N ALA B 336 14.24 -33.16 17.57
CA ALA B 336 15.58 -32.96 17.03
C ALA B 336 15.61 -33.31 15.54
N SER B 337 14.89 -34.38 15.14
CA SER B 337 14.80 -34.87 13.77
C SER B 337 13.46 -35.55 13.50
N MET B 338 13.10 -35.69 12.21
CA MET B 338 11.86 -36.32 11.80
C MET B 338 11.99 -37.83 11.66
N ASN B 339 11.29 -38.56 12.55
CA ASN B 339 11.27 -40.02 12.54
C ASN B 339 10.21 -40.52 11.54
N LEU B 340 10.68 -40.89 10.34
CA LEU B 340 9.84 -41.46 9.28
C LEU B 340 9.95 -42.96 9.35
N SER B 341 8.81 -43.67 9.35
CA SER B 341 8.77 -45.13 9.40
C SER B 341 9.29 -45.76 8.11
N GLN B 342 10.02 -46.89 8.23
CA GLN B 342 10.52 -47.63 7.07
C GLN B 342 9.36 -48.21 6.22
N ALA B 343 8.12 -48.17 6.76
CA ALA B 343 6.89 -48.64 6.12
C ALA B 343 6.48 -47.77 4.95
N PHE B 344 6.93 -46.48 4.91
CA PHE B 344 6.64 -45.54 3.83
C PHE B 344 7.11 -46.06 2.45
N SER B 345 8.05 -47.01 2.45
CA SER B 345 8.62 -47.66 1.26
C SER B 345 7.63 -48.62 0.57
N SER B 346 6.56 -49.03 1.27
CA SER B 346 5.54 -49.95 0.76
C SER B 346 4.42 -49.22 -0.02
N LEU B 347 4.55 -47.88 -0.17
CA LEU B 347 3.57 -47.05 -0.87
C LEU B 347 3.92 -46.87 -2.36
N LYS B 348 4.15 -48.02 -3.06
CA LYS B 348 4.52 -48.21 -4.47
C LYS B 348 3.83 -47.25 -5.48
N SER B 349 2.62 -46.75 -5.16
CA SER B 349 1.82 -45.87 -6.03
C SER B 349 1.95 -44.37 -5.73
N LEU B 350 2.19 -44.00 -4.44
CA LEU B 350 2.25 -42.63 -3.92
C LEU B 350 2.93 -41.62 -4.83
N LYS B 351 2.19 -40.54 -5.16
CA LYS B 351 2.63 -39.41 -6.00
C LYS B 351 2.79 -38.16 -5.12
N ILE B 352 1.83 -37.92 -4.19
CA ILE B 352 1.84 -36.75 -3.31
C ILE B 352 1.96 -37.15 -1.83
N LEU B 353 2.98 -36.60 -1.16
CA LEU B 353 3.21 -36.77 0.27
C LEU B 353 3.30 -35.39 0.92
N ARG B 354 2.50 -35.16 1.96
CA ARG B 354 2.46 -33.90 2.69
C ARG B 354 2.69 -34.14 4.18
N ILE B 355 3.78 -33.59 4.73
CA ILE B 355 4.10 -33.67 6.15
C ILE B 355 4.52 -32.29 6.66
N ARG B 356 3.54 -31.39 6.75
CA ARG B 356 3.75 -30.07 7.30
C ARG B 356 3.46 -30.17 8.80
N GLY B 357 3.95 -29.23 9.58
CA GLY B 357 3.69 -29.18 11.01
C GLY B 357 3.96 -30.42 11.85
N TYR B 358 5.02 -31.16 11.52
CA TYR B 358 5.49 -32.30 12.29
C TYR B 358 6.32 -31.65 13.42
N VAL B 359 7.09 -30.60 13.06
CA VAL B 359 7.97 -29.76 13.88
C VAL B 359 9.22 -30.51 14.33
N PHE B 360 10.37 -30.13 13.77
CA PHE B 360 11.70 -30.70 14.06
C PHE B 360 12.83 -29.74 13.69
N LYS B 361 13.89 -29.75 14.49
CA LYS B 361 15.05 -28.88 14.38
C LYS B 361 15.96 -29.14 13.18
N GLU B 362 16.17 -30.41 12.81
CA GLU B 362 17.13 -30.78 11.77
C GLU B 362 16.65 -31.78 10.73
N LEU B 363 16.93 -31.50 9.44
CA LEU B 363 16.62 -32.39 8.32
C LEU B 363 17.93 -33.00 7.78
N LYS B 364 17.96 -34.34 7.66
CA LYS B 364 19.12 -35.10 7.16
C LYS B 364 18.69 -36.12 6.10
N SER B 365 19.60 -36.44 5.16
CA SER B 365 19.38 -37.38 4.05
C SER B 365 18.82 -38.72 4.55
N PHE B 366 19.40 -39.24 5.64
CA PHE B 366 19.04 -40.49 6.30
C PHE B 366 17.54 -40.57 6.68
N GLN B 367 16.96 -39.44 7.15
CA GLN B 367 15.56 -39.35 7.60
C GLN B 367 14.58 -39.69 6.48
N LEU B 368 14.88 -39.25 5.25
CA LEU B 368 14.06 -39.44 4.05
C LEU B 368 14.34 -40.73 3.28
N SER B 369 15.14 -41.65 3.88
CA SER B 369 15.50 -42.94 3.29
C SER B 369 14.31 -43.85 2.90
N PRO B 370 13.16 -43.94 3.62
CA PRO B 370 12.08 -44.82 3.14
C PRO B 370 11.43 -44.35 1.82
N LEU B 371 11.61 -43.06 1.48
CA LEU B 371 11.06 -42.45 0.26
C LEU B 371 11.99 -42.56 -0.96
N HIS B 372 13.26 -42.99 -0.73
CA HIS B 372 14.31 -43.13 -1.75
C HIS B 372 13.94 -43.99 -2.96
N ASN B 373 13.10 -45.02 -2.77
CA ASN B 373 12.71 -45.91 -3.86
C ASN B 373 11.24 -45.75 -4.31
N LEU B 374 10.54 -44.68 -3.84
CA LEU B 374 9.17 -44.38 -4.25
C LEU B 374 9.17 -43.77 -5.65
N GLN B 375 9.18 -44.65 -6.66
CA GLN B 375 9.25 -44.38 -8.10
C GLN B 375 8.24 -43.36 -8.63
N ASN B 376 7.00 -43.37 -8.13
CA ASN B 376 5.95 -42.47 -8.62
C ASN B 376 5.88 -41.11 -7.92
N LEU B 377 6.64 -40.91 -6.81
CA LEU B 377 6.63 -39.67 -6.03
C LEU B 377 6.97 -38.42 -6.86
N GLU B 378 6.05 -37.44 -6.82
CA GLU B 378 6.11 -36.14 -7.51
C GLU B 378 6.22 -34.96 -6.54
N VAL B 379 5.42 -34.97 -5.46
CA VAL B 379 5.41 -33.87 -4.49
C VAL B 379 5.81 -34.32 -3.07
N LEU B 380 6.70 -33.53 -2.42
CA LEU B 380 7.14 -33.71 -1.04
C LEU B 380 7.02 -32.34 -0.35
N ASP B 381 6.00 -32.19 0.50
CA ASP B 381 5.70 -30.97 1.21
C ASP B 381 6.13 -31.05 2.68
N LEU B 382 7.25 -30.41 3.01
CA LEU B 382 7.77 -30.41 4.39
C LEU B 382 7.85 -29.00 4.95
N GLY B 383 6.89 -28.17 4.54
CA GLY B 383 6.75 -26.79 4.98
C GLY B 383 6.25 -26.66 6.41
N THR B 384 6.29 -25.42 6.96
CA THR B 384 5.88 -25.06 8.33
C THR B 384 6.33 -26.17 9.29
N ASN B 385 7.66 -26.33 9.44
CA ASN B 385 8.25 -27.39 10.29
C ASN B 385 9.35 -26.88 11.21
N PHE B 386 9.67 -25.58 11.12
CA PHE B 386 10.69 -24.88 11.89
C PHE B 386 12.07 -25.55 11.82
N ILE B 387 12.40 -26.13 10.65
CA ILE B 387 13.68 -26.80 10.40
C ILE B 387 14.76 -25.72 10.38
N LYS B 388 15.71 -25.81 11.33
CA LYS B 388 16.82 -24.85 11.50
C LYS B 388 17.99 -25.21 10.60
N ILE B 389 18.38 -26.49 10.59
CA ILE B 389 19.52 -27.03 9.83
C ILE B 389 19.02 -28.03 8.77
N ALA B 390 19.50 -27.88 7.52
CA ALA B 390 19.18 -28.75 6.38
C ALA B 390 20.19 -28.59 5.23
N ASN B 391 20.75 -29.72 4.74
CA ASN B 391 21.70 -29.73 3.63
C ASN B 391 20.99 -30.10 2.32
N LEU B 392 20.67 -29.07 1.53
CA LEU B 392 19.94 -29.13 0.24
C LEU B 392 20.49 -30.13 -0.77
N SER B 393 21.79 -30.48 -0.68
CA SER B 393 22.45 -31.46 -1.55
C SER B 393 21.87 -32.89 -1.40
N MET B 394 21.05 -33.13 -0.34
CA MET B 394 20.38 -34.41 -0.05
C MET B 394 19.28 -34.76 -1.07
N PHE B 395 18.72 -33.72 -1.74
CA PHE B 395 17.63 -33.85 -2.71
C PHE B 395 18.12 -34.31 -4.10
N LYS B 396 19.35 -34.86 -4.17
CA LYS B 396 19.92 -35.43 -5.39
C LYS B 396 19.30 -36.81 -5.64
N GLN B 397 18.73 -37.41 -4.58
CA GLN B 397 18.03 -38.70 -4.62
C GLN B 397 16.54 -38.47 -4.87
N PHE B 398 16.17 -37.21 -5.22
CA PHE B 398 14.79 -36.77 -5.50
C PHE B 398 14.66 -35.96 -6.80
N LYS B 399 15.52 -36.27 -7.82
CA LYS B 399 15.54 -35.64 -9.15
C LYS B 399 14.24 -35.86 -9.93
N ARG B 400 13.59 -37.03 -9.71
CA ARG B 400 12.33 -37.42 -10.34
C ARG B 400 11.14 -36.55 -9.91
N LEU B 401 11.22 -35.98 -8.68
CA LEU B 401 10.19 -35.16 -8.07
C LEU B 401 9.97 -33.82 -8.76
N LYS B 402 8.69 -33.44 -8.87
CA LYS B 402 8.23 -32.20 -9.49
C LYS B 402 8.38 -31.01 -8.54
N VAL B 403 7.93 -31.17 -7.26
CA VAL B 403 7.96 -30.11 -6.23
C VAL B 403 8.53 -30.62 -4.89
N ILE B 404 9.57 -29.92 -4.38
CA ILE B 404 10.18 -30.20 -3.09
C ILE B 404 9.98 -28.91 -2.28
N ASP B 405 8.88 -28.88 -1.53
CA ASP B 405 8.45 -27.75 -0.72
C ASP B 405 9.07 -27.76 0.67
N LEU B 406 9.74 -26.67 1.03
CA LEU B 406 10.38 -26.43 2.33
C LEU B 406 10.07 -24.99 2.78
N SER B 407 8.98 -24.43 2.22
CA SER B 407 8.47 -23.09 2.45
C SER B 407 8.02 -22.90 3.91
N VAL B 408 8.30 -21.71 4.48
CA VAL B 408 7.97 -21.34 5.86
C VAL B 408 8.75 -22.22 6.86
N ASN B 409 10.08 -22.08 6.86
CA ASN B 409 10.94 -22.81 7.79
C ASN B 409 11.97 -21.84 8.38
N LYS B 410 13.03 -22.36 9.05
CA LYS B 410 14.06 -21.52 9.64
C LYS B 410 15.46 -21.93 9.17
N ILE B 411 15.57 -22.44 7.91
CA ILE B 411 16.83 -22.91 7.31
C ILE B 411 17.75 -21.70 7.04
N SER B 412 18.99 -21.77 7.57
CA SER B 412 20.01 -20.72 7.44
C SER B 412 21.43 -21.35 7.42
N PRO B 413 22.44 -20.67 6.81
CA PRO B 413 23.80 -21.26 6.79
C PRO B 413 24.48 -21.27 8.16
N VAL B 437 -1.13 -25.63 -6.51
CA VAL B 437 -0.75 -24.78 -5.39
C VAL B 437 -1.89 -24.62 -4.39
N LEU B 438 -1.59 -24.84 -3.07
CA LEU B 438 -2.56 -24.73 -1.96
C LEU B 438 -2.75 -23.27 -1.50
N GLU B 439 -3.94 -22.95 -0.94
CA GLU B 439 -4.30 -21.61 -0.47
C GLU B 439 -3.54 -21.13 0.77
N GLN B 440 -3.72 -19.83 1.12
CA GLN B 440 -3.10 -19.17 2.28
C GLN B 440 -3.53 -19.82 3.61
N LEU B 441 -4.83 -20.19 3.69
CA LEU B 441 -5.46 -20.88 4.81
C LEU B 441 -6.06 -22.16 4.22
N TYR B 442 -5.43 -23.31 4.50
CA TYR B 442 -5.83 -24.61 3.97
C TYR B 442 -6.13 -25.64 5.06
N TYR B 443 -5.20 -25.83 6.00
CA TYR B 443 -5.34 -26.78 7.10
C TYR B 443 -6.04 -26.18 8.31
N PHE B 444 -6.09 -24.83 8.37
CA PHE B 444 -6.67 -24.16 9.52
C PHE B 444 -8.02 -23.49 9.23
N ARG B 445 -8.63 -23.74 8.06
CA ARG B 445 -9.96 -23.18 7.86
C ARG B 445 -11.05 -24.22 8.16
N TYR B 446 -12.15 -23.74 8.78
CA TYR B 446 -13.31 -24.52 9.19
C TYR B 446 -13.84 -25.42 8.09
N ASP B 447 -14.10 -24.85 6.91
CA ASP B 447 -14.56 -25.62 5.78
C ASP B 447 -13.98 -25.04 4.48
N LYS B 448 -12.98 -25.74 3.92
CA LYS B 448 -12.35 -25.31 2.68
C LYS B 448 -13.25 -25.53 1.49
N TYR B 449 -14.10 -26.57 1.56
CA TYR B 449 -15.04 -26.90 0.49
C TYR B 449 -16.38 -26.15 0.64
N ALA B 450 -16.41 -25.07 1.48
CA ALA B 450 -17.61 -24.25 1.70
C ALA B 450 -17.93 -23.45 0.44
N ARG B 451 -19.23 -23.34 0.13
CA ARG B 451 -19.76 -22.67 -1.06
C ARG B 451 -20.05 -21.18 -0.83
N SER B 452 -19.84 -20.36 -1.88
CA SER B 452 -20.10 -18.91 -1.89
C SER B 452 -21.49 -18.61 -2.52
N CYS B 453 -21.79 -17.33 -2.81
CA CYS B 453 -23.04 -16.94 -3.45
C CYS B 453 -22.77 -16.42 -4.89
N SER B 468 2.83 -19.32 -11.51
CA SER B 468 3.61 -20.36 -10.84
C SER B 468 4.51 -21.16 -11.79
N CYS B 469 5.82 -21.12 -11.49
CA CYS B 469 6.99 -21.69 -12.17
C CYS B 469 7.00 -23.22 -12.35
N TYR B 470 6.19 -23.97 -11.58
CA TYR B 470 6.07 -25.43 -11.60
C TYR B 470 6.16 -26.07 -13.01
N LYS B 471 5.60 -25.37 -14.02
CA LYS B 471 5.57 -25.74 -15.44
C LYS B 471 6.97 -25.93 -16.06
N TYR B 472 7.99 -25.19 -15.55
CA TYR B 472 9.36 -25.22 -16.03
C TYR B 472 10.10 -26.54 -15.75
N GLY B 473 9.63 -27.29 -14.74
CA GLY B 473 10.22 -28.57 -14.35
C GLY B 473 10.36 -28.73 -12.86
N GLN B 474 11.49 -29.33 -12.43
CA GLN B 474 11.80 -29.60 -11.02
C GLN B 474 11.89 -28.29 -10.26
N THR B 475 11.14 -28.20 -9.15
CA THR B 475 11.05 -27.00 -8.32
C THR B 475 11.45 -27.28 -6.86
N LEU B 476 12.28 -26.38 -6.29
CA LEU B 476 12.69 -26.42 -4.89
C LEU B 476 12.25 -25.12 -4.21
N ASP B 477 11.21 -25.21 -3.37
CA ASP B 477 10.66 -24.06 -2.66
C ASP B 477 11.41 -23.86 -1.35
N LEU B 478 12.14 -22.75 -1.24
CA LEU B 478 12.90 -22.39 -0.03
C LEU B 478 12.44 -21.01 0.47
N SER B 479 11.23 -20.60 0.05
CA SER B 479 10.65 -19.32 0.40
C SER B 479 10.28 -19.22 1.88
N LYS B 480 10.29 -18.00 2.43
CA LYS B 480 9.96 -17.66 3.82
C LYS B 480 10.92 -18.36 4.84
N ASN B 481 12.18 -18.54 4.45
CA ASN B 481 13.19 -19.16 5.32
C ASN B 481 14.11 -18.12 5.98
N SER B 482 15.31 -18.53 6.46
CA SER B 482 16.21 -17.61 7.14
C SER B 482 17.62 -17.54 6.54
N ILE B 483 17.78 -18.00 5.28
CA ILE B 483 19.06 -17.98 4.53
C ILE B 483 19.51 -16.50 4.39
N PHE B 484 20.57 -16.12 5.09
CA PHE B 484 21.11 -14.75 5.06
C PHE B 484 22.26 -14.57 4.07
N PHE B 485 23.00 -15.65 3.80
CA PHE B 485 24.14 -15.67 2.88
C PHE B 485 24.11 -16.93 2.03
N ILE B 486 24.43 -16.79 0.74
CA ILE B 486 24.46 -17.90 -0.23
C ILE B 486 25.82 -18.04 -0.91
N LYS B 487 26.18 -19.29 -1.26
CA LYS B 487 27.42 -19.66 -1.93
C LYS B 487 27.20 -20.86 -2.86
N SER B 488 28.08 -21.04 -3.87
CA SER B 488 27.99 -22.12 -4.86
C SER B 488 27.90 -23.52 -4.25
N SER B 489 28.63 -23.76 -3.13
CA SER B 489 28.65 -25.04 -2.40
C SER B 489 27.28 -25.46 -1.81
N ASP B 490 26.36 -24.48 -1.58
CA ASP B 490 25.02 -24.73 -1.04
C ASP B 490 24.15 -25.52 -2.02
N PHE B 491 24.31 -25.24 -3.32
CA PHE B 491 23.51 -25.83 -4.41
C PHE B 491 24.25 -26.97 -5.15
N GLN B 492 25.32 -27.49 -4.53
CA GLN B 492 26.12 -28.59 -5.05
C GLN B 492 25.19 -29.80 -5.24
N HIS B 493 25.35 -30.53 -6.38
CA HIS B 493 24.59 -31.71 -6.81
C HIS B 493 23.16 -31.39 -7.29
N LEU B 494 22.68 -30.12 -7.16
CA LEU B 494 21.34 -29.71 -7.56
C LEU B 494 21.27 -29.11 -8.99
N SER B 495 22.21 -29.49 -9.86
CA SER B 495 22.34 -29.05 -11.25
C SER B 495 21.05 -29.23 -12.09
N PHE B 496 20.25 -30.23 -11.73
CA PHE B 496 19.01 -30.64 -12.37
C PHE B 496 17.85 -29.65 -12.25
N LEU B 497 17.83 -28.82 -11.18
CA LEU B 497 16.74 -27.89 -10.91
C LEU B 497 16.38 -26.97 -12.07
N LYS B 498 15.07 -26.70 -12.19
CA LYS B 498 14.51 -25.85 -13.24
C LYS B 498 13.89 -24.58 -12.63
N CYS B 499 13.37 -24.67 -11.39
CA CYS B 499 12.83 -23.52 -10.66
C CYS B 499 13.30 -23.51 -9.21
N LEU B 500 13.75 -22.35 -8.73
CA LEU B 500 14.15 -22.18 -7.34
C LEU B 500 13.48 -20.94 -6.76
N ASN B 501 12.80 -21.12 -5.61
CA ASN B 501 12.14 -20.04 -4.91
C ASN B 501 12.92 -19.67 -3.65
N LEU B 502 13.54 -18.50 -3.65
CA LEU B 502 14.30 -17.97 -2.52
C LEU B 502 13.61 -16.69 -2.00
N SER B 503 12.31 -16.53 -2.28
CA SER B 503 11.52 -15.39 -1.82
C SER B 503 11.48 -15.38 -0.30
N GLY B 504 11.35 -14.19 0.27
CA GLY B 504 11.25 -14.02 1.72
C GLY B 504 12.36 -14.62 2.55
N ASN B 505 13.59 -14.39 2.13
CA ASN B 505 14.75 -14.85 2.87
C ASN B 505 15.46 -13.62 3.43
N LEU B 506 16.66 -13.77 3.98
CA LEU B 506 17.37 -12.63 4.57
C LEU B 506 18.67 -12.30 3.80
N ILE B 507 18.70 -12.65 2.50
CA ILE B 507 19.86 -12.45 1.62
C ILE B 507 20.10 -10.94 1.40
N SER B 508 21.07 -10.40 2.17
CA SER B 508 21.50 -9.00 2.13
C SER B 508 22.94 -9.02 1.60
N GLN B 509 23.09 -9.51 0.35
CA GLN B 509 24.37 -9.77 -0.32
C GLN B 509 24.64 -9.00 -1.60
N THR B 510 25.94 -8.84 -1.96
CA THR B 510 26.41 -8.24 -3.21
C THR B 510 26.79 -9.39 -4.17
N LEU B 511 25.85 -9.80 -5.04
CA LEU B 511 26.07 -10.91 -5.97
C LEU B 511 26.99 -10.49 -7.11
N ASN B 512 28.02 -11.31 -7.36
CA ASN B 512 29.02 -11.09 -8.41
C ASN B 512 28.94 -12.17 -9.52
N GLY B 513 27.89 -13.00 -9.47
CA GLY B 513 27.66 -14.06 -10.43
C GLY B 513 28.50 -15.31 -10.20
N SER B 514 28.74 -15.64 -8.91
CA SER B 514 29.50 -16.82 -8.49
C SER B 514 28.84 -17.46 -7.26
N GLU B 515 27.50 -17.34 -7.16
CA GLU B 515 26.72 -17.85 -6.04
C GLU B 515 25.88 -19.08 -6.39
N PHE B 516 25.39 -19.16 -7.64
CA PHE B 516 24.53 -20.25 -8.11
C PHE B 516 25.17 -21.08 -9.25
N GLN B 517 26.52 -21.19 -9.25
CA GLN B 517 27.29 -21.93 -10.27
C GLN B 517 26.74 -23.36 -10.56
N PRO B 518 26.34 -24.23 -9.58
CA PRO B 518 25.85 -25.57 -9.94
C PRO B 518 24.54 -25.62 -10.72
N LEU B 519 23.59 -24.70 -10.44
CA LEU B 519 22.26 -24.64 -11.08
C LEU B 519 22.35 -24.19 -12.56
N ALA B 520 22.84 -25.09 -13.43
CA ALA B 520 23.01 -24.87 -14.86
C ALA B 520 21.72 -25.04 -15.65
N GLU B 521 20.80 -25.93 -15.20
CA GLU B 521 19.53 -26.18 -15.89
C GLU B 521 18.44 -25.15 -15.56
N LEU B 522 18.57 -24.45 -14.39
CA LEU B 522 17.62 -23.46 -13.88
C LEU B 522 17.09 -22.47 -14.92
N ARG B 523 15.76 -22.38 -15.02
CA ARG B 523 15.03 -21.53 -15.95
C ARG B 523 14.23 -20.43 -15.24
N TYR B 524 13.89 -20.65 -13.96
CA TYR B 524 13.14 -19.68 -13.15
C TYR B 524 13.79 -19.48 -11.77
N LEU B 525 14.02 -18.21 -11.39
CA LEU B 525 14.51 -17.84 -10.07
C LEU B 525 13.60 -16.76 -9.46
N ASP B 526 12.92 -17.08 -8.34
CA ASP B 526 12.11 -16.11 -7.62
C ASP B 526 12.99 -15.64 -6.45
N PHE B 527 13.56 -14.42 -6.57
CA PHE B 527 14.46 -13.81 -5.59
C PHE B 527 13.80 -12.59 -4.96
N SER B 528 12.45 -12.56 -4.96
CA SER B 528 11.68 -11.47 -4.37
C SER B 528 11.78 -11.45 -2.83
N ASN B 529 11.46 -10.31 -2.19
CA ASN B 529 11.48 -10.12 -0.73
C ASN B 529 12.82 -10.51 -0.09
N ASN B 530 13.88 -9.89 -0.60
CA ASN B 530 15.25 -10.04 -0.12
C ASN B 530 15.92 -8.66 -0.13
N ARG B 531 17.23 -8.60 0.15
CA ARG B 531 17.96 -7.33 0.17
C ARG B 531 19.10 -7.41 -0.84
N LEU B 532 18.75 -7.52 -2.13
CA LEU B 532 19.71 -7.59 -3.23
C LEU B 532 20.53 -6.30 -3.25
N ASP B 533 21.85 -6.44 -3.46
CA ASP B 533 22.76 -5.30 -3.54
C ASP B 533 23.43 -5.35 -4.90
N LEU B 534 22.93 -4.53 -5.86
CA LEU B 534 23.47 -4.49 -7.22
C LEU B 534 24.73 -3.61 -7.35
N LEU B 535 25.81 -4.03 -6.68
CA LEU B 535 27.10 -3.37 -6.70
C LEU B 535 27.83 -3.81 -7.96
N HIS B 536 27.63 -5.09 -8.36
CA HIS B 536 28.26 -5.68 -9.54
C HIS B 536 27.21 -5.95 -10.63
N SER B 537 27.57 -5.63 -11.90
CA SER B 537 26.73 -5.86 -13.08
C SER B 537 26.88 -7.31 -13.54
N THR B 538 27.77 -8.08 -12.87
CA THR B 538 28.05 -9.50 -13.11
C THR B 538 27.08 -10.37 -12.30
N ALA B 539 26.10 -9.76 -11.62
CA ALA B 539 25.12 -10.48 -10.82
C ALA B 539 24.23 -11.35 -11.71
N PHE B 540 23.87 -12.55 -11.21
CA PHE B 540 23.01 -13.58 -11.82
C PHE B 540 23.55 -14.20 -13.13
N GLU B 541 24.70 -13.75 -13.66
CA GLU B 541 25.27 -14.22 -14.93
C GLU B 541 25.58 -15.73 -14.99
N GLU B 542 25.82 -16.40 -13.83
CA GLU B 542 26.14 -17.83 -13.77
C GLU B 542 24.96 -18.73 -14.19
N LEU B 543 23.71 -18.22 -14.05
CA LEU B 543 22.47 -18.91 -14.42
C LEU B 543 22.24 -18.66 -15.91
N ARG B 544 23.03 -19.36 -16.71
CA ARG B 544 23.13 -19.25 -18.17
C ARG B 544 21.92 -19.77 -18.95
N LYS B 545 21.00 -20.53 -18.30
CA LYS B 545 19.80 -21.06 -18.95
C LYS B 545 18.51 -20.39 -18.47
N LEU B 546 18.64 -19.40 -17.56
CA LEU B 546 17.55 -18.63 -16.94
C LEU B 546 16.69 -17.84 -17.92
N GLU B 547 15.36 -18.05 -17.82
CA GLU B 547 14.33 -17.41 -18.62
C GLU B 547 13.50 -16.42 -17.80
N VAL B 548 13.27 -16.69 -16.51
CA VAL B 548 12.48 -15.79 -15.66
C VAL B 548 13.21 -15.47 -14.34
N LEU B 549 13.41 -14.16 -14.08
CA LEU B 549 14.06 -13.65 -12.89
C LEU B 549 13.15 -12.64 -12.21
N ASP B 550 12.89 -12.83 -10.91
CA ASP B 550 12.05 -11.95 -10.12
C ASP B 550 12.88 -11.35 -9.00
N ILE B 551 13.23 -10.06 -9.14
CA ILE B 551 14.02 -9.34 -8.14
C ILE B 551 13.18 -8.28 -7.45
N SER B 552 11.83 -8.43 -7.49
CA SER B 552 10.87 -7.51 -6.89
C SER B 552 10.95 -7.44 -5.37
N SER B 553 10.55 -6.30 -4.78
CA SER B 553 10.53 -6.05 -3.33
C SER B 553 11.90 -6.26 -2.66
N ASN B 554 12.97 -5.74 -3.30
CA ASN B 554 14.36 -5.78 -2.83
C ASN B 554 14.85 -4.33 -2.66
N SER B 555 13.90 -3.47 -2.23
CA SER B 555 13.97 -2.02 -2.04
C SER B 555 15.06 -1.51 -1.09
N HIS B 556 15.42 -2.30 -0.06
CA HIS B 556 16.37 -1.97 1.00
C HIS B 556 17.52 -1.05 0.61
N TYR B 557 18.31 -1.45 -0.38
CA TYR B 557 19.48 -0.66 -0.75
C TYR B 557 19.14 0.51 -1.64
N PHE B 558 18.04 0.43 -2.44
CA PHE B 558 17.60 1.51 -3.32
C PHE B 558 17.02 2.67 -2.53
N GLN B 559 16.61 2.39 -1.26
CA GLN B 559 16.01 3.34 -0.33
C GLN B 559 17.05 4.18 0.43
N SER B 560 18.34 4.07 0.08
CA SER B 560 19.42 4.80 0.73
C SER B 560 20.32 5.48 -0.31
N GLU B 561 20.66 6.76 -0.05
CA GLU B 561 21.44 7.60 -0.98
C GLU B 561 22.93 7.26 -1.10
N GLY B 562 23.45 7.43 -2.32
CA GLY B 562 24.87 7.26 -2.65
C GLY B 562 25.36 5.87 -2.98
N ILE B 563 24.49 4.86 -2.79
CA ILE B 563 24.78 3.44 -3.04
C ILE B 563 24.77 3.16 -4.57
N THR B 564 25.76 2.38 -5.05
CA THR B 564 25.91 2.01 -6.46
C THR B 564 24.86 0.97 -6.84
N HIS B 565 24.09 1.24 -7.91
CA HIS B 565 23.06 0.34 -8.43
C HIS B 565 23.32 0.09 -9.93
N MET B 566 23.66 -1.18 -10.29
CA MET B 566 23.99 -1.58 -11.67
C MET B 566 22.80 -2.30 -12.29
N LEU B 567 21.96 -1.57 -13.04
CA LEU B 567 20.76 -2.14 -13.66
C LEU B 567 21.06 -2.77 -15.02
N ASN B 568 22.28 -2.53 -15.54
CA ASN B 568 22.76 -3.07 -16.82
C ASN B 568 23.14 -4.56 -16.72
N PHE B 569 22.95 -5.17 -15.53
CA PHE B 569 23.22 -6.59 -15.21
C PHE B 569 22.47 -7.57 -16.14
N THR B 570 21.39 -7.07 -16.78
CA THR B 570 20.49 -7.75 -17.71
C THR B 570 21.19 -8.23 -18.99
N LYS B 571 22.30 -7.55 -19.38
CA LYS B 571 23.10 -7.78 -20.57
C LYS B 571 23.71 -9.17 -20.66
N ASN B 572 24.24 -9.68 -19.52
CA ASN B 572 24.90 -10.98 -19.45
C ASN B 572 23.92 -12.18 -19.51
N LEU B 573 22.63 -11.94 -19.14
CA LEU B 573 21.57 -12.96 -19.17
C LEU B 573 21.05 -13.05 -20.62
N LYS B 574 21.71 -13.93 -21.40
CA LYS B 574 21.54 -14.16 -22.83
C LYS B 574 20.21 -14.83 -23.23
N VAL B 575 19.48 -15.45 -22.28
CA VAL B 575 18.21 -16.12 -22.58
C VAL B 575 17.04 -15.62 -21.72
N LEU B 576 17.25 -14.57 -20.90
CA LEU B 576 16.21 -14.02 -20.03
C LEU B 576 15.04 -13.51 -20.87
N GLN B 577 13.83 -13.93 -20.51
CA GLN B 577 12.58 -13.61 -21.22
C GLN B 577 11.74 -12.60 -20.45
N LYS B 578 11.60 -12.83 -19.13
CA LYS B 578 10.81 -12.00 -18.24
C LYS B 578 11.63 -11.53 -17.04
N LEU B 579 11.51 -10.23 -16.70
CA LEU B 579 12.18 -9.64 -15.55
C LEU B 579 11.22 -8.80 -14.73
N MET B 580 11.20 -9.02 -13.42
CA MET B 580 10.34 -8.27 -12.52
C MET B 580 11.15 -7.56 -11.49
N MET B 581 11.07 -6.23 -11.48
CA MET B 581 11.71 -5.43 -10.45
C MET B 581 10.71 -4.44 -9.87
N ASN B 582 9.60 -5.01 -9.38
CA ASN B 582 8.47 -4.29 -8.79
C ASN B 582 8.71 -3.89 -7.37
N ASP B 583 8.15 -2.75 -6.95
CA ASP B 583 8.21 -2.21 -5.58
C ASP B 583 9.63 -2.25 -4.99
N ASN B 584 10.58 -1.72 -5.75
CA ASN B 584 11.98 -1.66 -5.38
C ASN B 584 12.39 -0.24 -4.98
N ASP B 585 11.48 0.72 -5.20
CA ASP B 585 11.69 2.14 -4.90
C ASP B 585 12.95 2.75 -5.59
N ILE B 586 13.30 2.25 -6.80
CA ILE B 586 14.45 2.67 -7.61
C ILE B 586 14.30 4.13 -8.02
N SER B 587 15.15 5.00 -7.46
CA SER B 587 15.16 6.44 -7.71
C SER B 587 16.49 6.88 -8.31
N SER B 588 17.50 6.01 -8.23
CA SER B 588 18.83 6.25 -8.77
C SER B 588 19.36 5.00 -9.46
N SER B 589 20.35 5.17 -10.36
CA SER B 589 21.00 4.08 -11.08
C SER B 589 22.35 4.56 -11.54
N THR B 590 23.39 3.76 -11.30
CA THR B 590 24.76 4.09 -11.70
C THR B 590 24.93 3.91 -13.23
N SER B 591 24.21 2.94 -13.80
CA SER B 591 24.17 2.64 -15.23
C SER B 591 22.99 3.38 -15.86
N ARG B 592 23.25 4.15 -16.93
CA ARG B 592 22.27 4.97 -17.64
C ARG B 592 21.33 4.17 -18.55
N THR B 593 21.71 2.92 -18.91
CA THR B 593 20.92 2.05 -19.78
C THR B 593 20.89 0.60 -19.34
N MET B 594 19.76 -0.07 -19.61
CA MET B 594 19.56 -1.49 -19.40
C MET B 594 19.70 -2.13 -20.78
N GLU B 595 20.55 -3.14 -20.89
CA GLU B 595 20.84 -3.78 -22.17
C GLU B 595 20.33 -5.22 -22.19
N SER B 596 19.67 -5.63 -23.29
CA SER B 596 19.16 -6.99 -23.51
C SER B 596 18.77 -7.25 -24.95
N GLU B 597 19.13 -8.44 -25.45
CA GLU B 597 18.81 -8.90 -26.79
C GLU B 597 17.78 -10.04 -26.73
N SER B 598 17.38 -10.46 -25.50
CA SER B 598 16.45 -11.57 -25.29
C SER B 598 15.16 -11.19 -24.59
N LEU B 599 15.24 -10.25 -23.62
CA LEU B 599 14.12 -9.81 -22.79
C LEU B 599 12.91 -9.33 -23.60
N ARG B 600 11.71 -9.83 -23.22
CA ARG B 600 10.42 -9.54 -23.85
C ARG B 600 9.43 -8.88 -22.92
N THR B 601 9.58 -9.12 -21.60
CA THR B 601 8.69 -8.57 -20.57
C THR B 601 9.48 -7.98 -19.42
N LEU B 602 9.18 -6.73 -19.08
CA LEU B 602 9.79 -6.06 -17.94
C LEU B 602 8.73 -5.36 -17.10
N GLU B 603 8.65 -5.76 -15.81
CA GLU B 603 7.75 -5.20 -14.82
C GLU B 603 8.57 -4.26 -13.93
N PHE B 604 8.27 -2.96 -14.01
CA PHE B 604 8.98 -1.90 -13.29
C PHE B 604 8.01 -1.10 -12.43
N ARG B 605 6.91 -1.74 -12.01
CA ARG B 605 5.84 -1.17 -11.20
C ARG B 605 6.33 -0.83 -9.79
N GLY B 606 5.98 0.35 -9.28
CA GLY B 606 6.34 0.74 -7.92
C GLY B 606 7.74 1.24 -7.67
N ASN B 607 8.32 1.93 -8.64
CA ASN B 607 9.66 2.51 -8.50
C ASN B 607 9.56 4.04 -8.52
N HIS B 608 10.68 4.74 -8.75
CA HIS B 608 10.69 6.20 -8.78
C HIS B 608 11.28 6.72 -10.07
N LEU B 609 10.61 6.38 -11.19
CA LEU B 609 11.00 6.85 -12.50
C LEU B 609 10.85 8.37 -12.57
N ASP B 610 9.92 8.95 -11.77
CA ASP B 610 9.71 10.39 -11.67
C ASP B 610 10.97 11.13 -11.22
N VAL B 611 11.84 10.45 -10.41
CA VAL B 611 13.11 11.01 -9.93
C VAL B 611 14.22 10.76 -10.97
N LEU B 612 14.22 9.57 -11.62
CA LEU B 612 15.18 9.23 -12.68
C LEU B 612 14.97 10.12 -13.91
N TRP B 613 13.70 10.48 -14.18
CA TRP B 613 13.24 11.30 -15.29
C TRP B 613 12.93 12.74 -14.90
N ARG B 614 13.41 13.20 -13.72
CA ARG B 614 13.27 14.57 -13.21
C ARG B 614 13.53 15.56 -14.37
N ASP B 615 12.58 16.48 -14.67
CA ASP B 615 12.74 17.42 -15.78
C ASP B 615 14.05 18.21 -15.64
N GLY B 616 14.89 18.10 -16.66
CA GLY B 616 16.22 18.69 -16.69
C GLY B 616 17.29 17.62 -16.79
N ASP B 617 17.01 16.45 -16.18
CA ASP B 617 17.87 15.25 -16.16
C ASP B 617 17.49 14.30 -17.33
N ASN B 618 18.30 14.32 -18.39
CA ASN B 618 18.08 13.57 -19.63
C ASN B 618 18.92 12.29 -19.74
N ARG B 619 19.65 11.95 -18.68
CA ARG B 619 20.55 10.80 -18.63
C ARG B 619 19.86 9.45 -18.66
N TYR B 620 18.67 9.33 -18.07
CA TYR B 620 18.00 8.03 -17.99
C TYR B 620 16.79 7.89 -18.93
N LEU B 621 16.67 8.78 -19.92
CA LEU B 621 15.54 8.75 -20.86
C LEU B 621 15.60 7.58 -21.85
N GLN B 622 16.82 7.07 -22.14
CA GLN B 622 17.02 5.93 -23.04
C GLN B 622 17.31 4.63 -22.26
N LEU B 623 16.89 4.59 -20.96
CA LEU B 623 17.09 3.46 -20.05
C LEU B 623 16.59 2.13 -20.60
N PHE B 624 15.32 2.10 -21.04
CA PHE B 624 14.68 0.89 -21.59
C PHE B 624 14.85 0.71 -23.10
N LYS B 625 15.47 1.69 -23.80
CA LYS B 625 15.68 1.70 -25.25
C LYS B 625 16.48 0.52 -25.80
N ASN B 626 17.47 0.02 -25.04
CA ASN B 626 18.36 -1.04 -25.52
C ASN B 626 17.88 -2.46 -25.22
N LEU B 627 16.65 -2.62 -24.71
CA LEU B 627 16.05 -3.94 -24.49
C LEU B 627 15.26 -4.12 -25.79
N LEU B 628 15.95 -4.53 -26.86
CA LEU B 628 15.46 -4.62 -28.25
C LEU B 628 14.22 -5.49 -28.46
N LYS B 629 14.25 -6.75 -27.98
CA LYS B 629 13.14 -7.68 -28.18
C LYS B 629 11.90 -7.42 -27.27
N LEU B 630 12.00 -6.42 -26.33
CA LEU B 630 10.94 -6.04 -25.38
C LEU B 630 9.65 -5.66 -26.07
N GLU B 631 8.55 -6.31 -25.64
CA GLU B 631 7.19 -6.16 -26.14
C GLU B 631 6.22 -5.64 -25.06
N GLU B 632 6.53 -5.93 -23.79
CA GLU B 632 5.72 -5.55 -22.64
C GLU B 632 6.55 -4.75 -21.63
N LEU B 633 6.02 -3.60 -21.20
CA LEU B 633 6.66 -2.75 -20.20
C LEU B 633 5.64 -2.16 -19.22
N ASP B 634 5.73 -2.58 -17.95
CA ASP B 634 4.84 -2.07 -16.90
C ASP B 634 5.54 -0.99 -16.10
N ILE B 635 5.22 0.29 -16.37
CA ILE B 635 5.82 1.37 -15.59
C ILE B 635 4.71 2.11 -14.80
N SER B 636 3.76 1.33 -14.25
CA SER B 636 2.70 1.83 -13.41
C SER B 636 3.29 2.14 -12.03
N LYS B 637 2.52 2.78 -11.12
CA LYS B 637 2.95 3.13 -9.75
C LYS B 637 4.35 3.79 -9.64
N ASN B 638 4.77 4.56 -10.67
CA ASN B 638 6.09 5.22 -10.67
C ASN B 638 6.04 6.71 -10.35
N SER B 639 4.89 7.19 -9.82
CA SER B 639 4.63 8.57 -9.40
C SER B 639 4.87 9.63 -10.53
N LEU B 640 4.59 9.21 -11.79
CA LEU B 640 4.76 10.04 -12.98
C LEU B 640 3.52 10.87 -13.26
N SER B 641 3.53 12.12 -12.75
CA SER B 641 2.43 13.08 -12.90
C SER B 641 2.39 13.66 -14.30
N PHE B 642 3.54 13.60 -15.00
CA PHE B 642 3.77 14.05 -16.36
C PHE B 642 4.85 13.17 -16.96
N LEU B 643 4.82 12.94 -18.27
CA LEU B 643 5.87 12.20 -18.93
C LEU B 643 6.80 13.19 -19.60
N PRO B 644 8.10 13.18 -19.25
CA PRO B 644 9.03 14.12 -19.90
C PRO B 644 9.20 13.81 -21.38
N SER B 645 9.32 14.85 -22.20
CA SER B 645 9.51 14.73 -23.65
C SER B 645 10.83 13.99 -23.88
N GLY B 646 10.76 12.88 -24.60
CA GLY B 646 11.93 12.06 -24.90
C GLY B 646 11.81 10.65 -24.36
N VAL B 647 10.78 10.41 -23.52
CA VAL B 647 10.48 9.10 -22.94
C VAL B 647 9.96 8.20 -24.07
N PHE B 648 9.07 8.73 -24.94
CA PHE B 648 8.48 8.02 -26.08
C PHE B 648 9.52 7.69 -27.14
N ASP B 649 10.44 8.64 -27.41
CA ASP B 649 11.51 8.46 -28.39
C ASP B 649 12.55 7.42 -27.93
N GLY B 650 12.76 7.31 -26.61
CA GLY B 650 13.69 6.35 -26.01
C GLY B 650 13.03 5.08 -25.52
N MET B 651 12.02 4.59 -26.26
CA MET B 651 11.31 3.35 -25.95
C MET B 651 11.81 2.23 -26.87
N PRO B 652 11.88 0.96 -26.41
CA PRO B 652 12.32 -0.14 -27.32
C PRO B 652 11.49 -0.24 -28.61
N PRO B 653 12.12 -0.59 -29.75
CA PRO B 653 11.41 -0.56 -31.04
C PRO B 653 10.19 -1.47 -31.18
N ASN B 654 10.17 -2.64 -30.50
CA ASN B 654 9.07 -3.60 -30.64
C ASN B 654 8.06 -3.56 -29.50
N LEU B 655 7.93 -2.42 -28.79
CA LEU B 655 6.98 -2.32 -27.66
C LEU B 655 5.53 -2.41 -28.14
N LYS B 656 4.75 -3.30 -27.51
CA LYS B 656 3.35 -3.58 -27.84
C LYS B 656 2.38 -3.14 -26.72
N ASN B 657 2.61 -3.64 -25.49
N ASN B 657 2.60 -3.66 -25.49
CA ASN B 657 1.78 -3.36 -24.31
CA ASN B 657 1.76 -3.36 -24.34
C ASN B 657 2.55 -2.45 -23.37
C ASN B 657 2.51 -2.47 -23.35
N LEU B 658 1.97 -1.28 -23.05
CA LEU B 658 2.57 -0.31 -22.13
C LEU B 658 1.55 0.19 -21.09
N SER B 659 1.87 -0.02 -19.81
CA SER B 659 1.03 0.46 -18.72
C SER B 659 1.66 1.65 -18.02
N LEU B 660 0.87 2.70 -17.86
CA LEU B 660 1.22 3.93 -17.16
C LEU B 660 0.13 4.18 -16.12
N ALA B 661 -0.57 3.10 -15.71
CA ALA B 661 -1.66 3.11 -14.74
C ALA B 661 -1.15 3.54 -13.36
N LYS B 662 -2.05 4.03 -12.48
CA LYS B 662 -1.74 4.42 -11.09
C LYS B 662 -0.49 5.33 -10.96
N ASN B 663 -0.38 6.36 -11.81
CA ASN B 663 0.74 7.29 -11.82
C ASN B 663 0.38 8.71 -11.40
N GLY B 664 -0.91 9.01 -11.40
CA GLY B 664 -1.40 10.36 -11.11
C GLY B 664 -1.08 11.31 -12.24
N LEU B 665 -1.06 10.78 -13.49
CA LEU B 665 -0.77 11.53 -14.71
C LEU B 665 -1.82 12.60 -14.91
N LYS B 666 -1.42 13.87 -14.81
CA LYS B 666 -2.35 14.98 -14.97
C LYS B 666 -2.41 15.40 -16.45
N SER B 667 -1.27 15.29 -17.17
CA SER B 667 -1.17 15.67 -18.58
C SER B 667 -0.40 14.64 -19.41
N PHE B 668 -0.88 14.39 -20.62
CA PHE B 668 -0.29 13.43 -21.55
C PHE B 668 -0.28 14.00 -22.97
N ILE B 669 0.87 13.89 -23.66
CA ILE B 669 1.00 14.35 -25.06
C ILE B 669 0.77 13.16 -25.97
N TRP B 670 -0.51 12.92 -26.27
CA TRP B 670 -1.03 11.83 -27.08
C TRP B 670 -0.32 11.70 -28.42
N GLU B 671 -0.01 12.84 -29.06
CA GLU B 671 0.66 12.93 -30.37
C GLU B 671 1.97 12.15 -30.39
N LYS B 672 2.70 12.15 -29.27
CA LYS B 672 3.97 11.46 -29.08
C LYS B 672 3.87 9.95 -29.19
N LEU B 673 2.64 9.39 -29.26
CA LEU B 673 2.44 7.96 -29.45
C LEU B 673 2.84 7.53 -30.90
N ARG B 674 3.14 8.53 -31.75
CA ARG B 674 3.58 8.33 -33.13
C ARG B 674 4.94 7.61 -33.15
N TYR B 675 5.72 7.72 -32.04
CA TYR B 675 7.03 7.08 -31.90
C TYR B 675 6.89 5.58 -31.62
N LEU B 676 5.84 5.19 -30.87
CA LEU B 676 5.54 3.82 -30.47
C LEU B 676 4.80 3.14 -31.65
N LYS B 677 5.57 2.83 -32.70
CA LYS B 677 5.09 2.32 -33.99
C LYS B 677 4.57 0.86 -33.94
N ASN B 678 4.85 0.12 -32.85
CA ASN B 678 4.40 -1.26 -32.71
C ASN B 678 3.34 -1.42 -31.61
N LEU B 679 2.98 -0.32 -30.90
CA LEU B 679 2.04 -0.29 -29.79
C LEU B 679 0.66 -0.82 -30.14
N GLU B 680 0.12 -1.73 -29.31
CA GLU B 680 -1.20 -2.30 -29.49
C GLU B 680 -2.09 -2.03 -28.28
N THR B 681 -1.51 -2.06 -27.07
CA THR B 681 -2.24 -1.81 -25.81
C THR B 681 -1.65 -0.62 -25.02
N LEU B 682 -2.52 0.21 -24.43
CA LEU B 682 -2.11 1.36 -23.62
C LEU B 682 -3.02 1.53 -22.41
N ASP B 683 -2.47 1.18 -21.23
CA ASP B 683 -3.17 1.26 -19.97
C ASP B 683 -2.86 2.59 -19.25
N LEU B 684 -3.86 3.47 -19.15
CA LEU B 684 -3.75 4.78 -18.50
C LEU B 684 -4.81 4.90 -17.39
N SER B 685 -5.24 3.75 -16.84
CA SER B 685 -6.22 3.66 -15.76
C SER B 685 -5.70 4.28 -14.45
N HIS B 686 -6.62 4.78 -13.58
CA HIS B 686 -6.29 5.37 -12.28
C HIS B 686 -5.28 6.52 -12.39
N ASN B 687 -5.65 7.53 -13.18
CA ASN B 687 -4.84 8.71 -13.39
C ASN B 687 -5.68 9.97 -13.21
N GLN B 688 -5.11 11.13 -13.53
CA GLN B 688 -5.78 12.41 -13.33
C GLN B 688 -6.06 13.10 -14.67
N LEU B 689 -6.12 12.31 -15.75
CA LEU B 689 -6.35 12.79 -17.11
C LEU B 689 -7.76 13.31 -17.32
N THR B 690 -7.88 14.55 -17.80
CA THR B 690 -9.16 15.24 -18.03
C THR B 690 -9.58 15.32 -19.49
N THR B 691 -8.61 15.16 -20.43
CA THR B 691 -8.89 15.28 -21.87
C THR B 691 -8.32 14.16 -22.73
N VAL B 692 -9.07 13.80 -23.78
CA VAL B 692 -8.70 12.81 -24.79
C VAL B 692 -8.08 13.57 -26.01
N PRO B 693 -7.35 12.90 -26.95
CA PRO B 693 -6.78 13.65 -28.09
C PRO B 693 -7.85 14.10 -29.09
N GLU B 694 -7.56 15.17 -29.87
CA GLU B 694 -8.51 15.69 -30.87
C GLU B 694 -8.83 14.64 -31.95
N ARG B 695 -7.82 13.83 -32.33
CA ARG B 695 -7.92 12.75 -33.33
C ARG B 695 -7.02 11.57 -32.88
N LEU B 696 -7.63 10.42 -32.47
CA LEU B 696 -6.85 9.26 -32.01
C LEU B 696 -6.08 8.58 -33.14
N SER B 697 -6.62 8.65 -34.37
CA SER B 697 -5.97 8.08 -35.55
C SER B 697 -4.72 8.89 -35.91
N ASN B 698 -4.71 10.20 -35.55
CA ASN B 698 -3.58 11.09 -35.80
C ASN B 698 -2.44 10.86 -34.81
N CYS B 699 -2.69 10.04 -33.75
CA CYS B 699 -1.72 9.73 -32.71
C CYS B 699 -1.06 8.38 -32.90
N SER B 700 -1.84 7.32 -33.22
CA SER B 700 -1.33 5.98 -33.48
C SER B 700 -2.27 5.20 -34.40
N ARG B 701 -1.68 4.54 -35.42
CA ARG B 701 -2.36 3.72 -36.43
C ARG B 701 -2.30 2.24 -36.05
N SER B 702 -1.53 1.94 -35.00
CA SER B 702 -1.28 0.60 -34.50
C SER B 702 -2.17 0.23 -33.33
N LEU B 703 -2.42 1.20 -32.41
CA LEU B 703 -3.18 1.06 -31.16
C LEU B 703 -4.57 0.40 -31.30
N LYS B 704 -4.72 -0.81 -30.72
CA LYS B 704 -5.95 -1.62 -30.72
C LYS B 704 -6.76 -1.45 -29.43
N ASN B 705 -6.13 -1.63 -28.24
CA ASN B 705 -6.81 -1.53 -26.94
C ASN B 705 -6.38 -0.34 -26.11
N LEU B 706 -7.32 0.58 -25.86
CA LEU B 706 -7.08 1.79 -25.06
C LEU B 706 -7.86 1.74 -23.73
N ILE B 707 -7.15 1.93 -22.61
CA ILE B 707 -7.74 1.93 -21.27
C ILE B 707 -7.59 3.32 -20.65
N LEU B 708 -8.74 3.96 -20.37
CA LEU B 708 -8.83 5.28 -19.78
C LEU B 708 -9.79 5.28 -18.56
N LYS B 709 -9.97 4.11 -17.92
CA LYS B 709 -10.84 3.98 -16.75
C LYS B 709 -10.25 4.69 -15.55
N ASN B 710 -11.10 5.21 -14.64
CA ASN B 710 -10.72 5.91 -13.42
C ASN B 710 -9.79 7.13 -13.70
N ASN B 711 -10.34 8.08 -14.45
CA ASN B 711 -9.71 9.36 -14.81
C ASN B 711 -10.72 10.50 -14.53
N GLN B 712 -10.45 11.72 -15.01
CA GLN B 712 -11.33 12.85 -14.77
C GLN B 712 -11.94 13.41 -16.07
N ILE B 713 -12.13 12.56 -17.11
CA ILE B 713 -12.67 13.02 -18.40
C ILE B 713 -14.13 13.46 -18.25
N ARG B 714 -14.44 14.70 -18.64
CA ARG B 714 -15.82 15.21 -18.56
C ARG B 714 -16.50 15.27 -19.94
N SER B 715 -15.70 15.43 -21.00
CA SER B 715 -16.20 15.50 -22.38
C SER B 715 -15.16 14.99 -23.38
N LEU B 716 -15.63 14.28 -24.40
CA LEU B 716 -14.75 13.76 -25.44
C LEU B 716 -14.59 14.83 -26.52
N THR B 717 -13.52 14.72 -27.33
CA THR B 717 -13.24 15.67 -28.40
C THR B 717 -14.25 15.47 -29.55
N LYS B 718 -14.53 16.53 -30.35
CA LYS B 718 -15.51 16.51 -31.45
C LYS B 718 -15.38 15.32 -32.40
N TYR B 719 -14.14 14.96 -32.81
CA TYR B 719 -13.93 13.83 -33.71
C TYR B 719 -12.88 12.86 -33.16
N PHE B 720 -13.01 12.51 -31.86
CA PHE B 720 -12.10 11.64 -31.10
C PHE B 720 -11.75 10.33 -31.84
N LEU B 721 -12.69 9.39 -31.89
CA LEU B 721 -12.50 8.08 -32.51
C LEU B 721 -12.67 8.08 -34.00
N GLN B 722 -12.82 9.27 -34.64
CA GLN B 722 -13.00 9.40 -36.09
C GLN B 722 -11.84 8.79 -36.84
N ASP B 723 -12.13 7.95 -37.86
CA ASP B 723 -11.14 7.25 -38.70
C ASP B 723 -10.12 6.32 -37.97
N ALA B 724 -10.45 5.85 -36.75
CA ALA B 724 -9.54 4.97 -35.99
C ALA B 724 -10.04 3.52 -36.09
N PHE B 725 -10.05 3.00 -37.34
CA PHE B 725 -10.57 1.67 -37.71
C PHE B 725 -9.82 0.45 -37.13
N GLN B 726 -8.62 0.68 -36.55
CA GLN B 726 -7.80 -0.40 -35.97
C GLN B 726 -8.22 -0.76 -34.54
N LEU B 727 -8.87 0.20 -33.83
CA LEU B 727 -9.33 0.08 -32.44
C LEU B 727 -10.35 -1.06 -32.22
N ARG B 728 -10.07 -1.95 -31.23
CA ARG B 728 -10.88 -3.13 -30.86
C ARG B 728 -11.37 -3.14 -29.39
N TYR B 729 -10.74 -2.34 -28.52
CA TYR B 729 -11.12 -2.29 -27.11
C TYR B 729 -10.98 -0.85 -26.59
N LEU B 730 -12.04 -0.37 -25.92
CA LEU B 730 -12.08 0.95 -25.31
C LEU B 730 -12.77 0.93 -23.95
N ASP B 731 -12.02 1.30 -22.92
CA ASP B 731 -12.49 1.41 -21.55
C ASP B 731 -12.50 2.91 -21.21
N LEU B 732 -13.69 3.47 -21.06
CA LEU B 732 -13.90 4.87 -20.66
C LEU B 732 -14.78 4.89 -19.40
N SER B 733 -14.92 3.72 -18.75
CA SER B 733 -15.69 3.55 -17.52
C SER B 733 -15.10 4.38 -16.39
N SER B 734 -15.92 4.66 -15.36
CA SER B 734 -15.55 5.40 -14.15
C SER B 734 -14.80 6.71 -14.45
N ASN B 735 -15.50 7.63 -15.12
CA ASN B 735 -15.06 8.99 -15.46
C ASN B 735 -16.20 9.96 -15.11
N LYS B 736 -16.23 11.18 -15.67
CA LYS B 736 -17.24 12.20 -15.38
C LYS B 736 -17.98 12.65 -16.67
N ILE B 737 -17.90 11.84 -17.75
CA ILE B 737 -18.53 12.11 -19.05
C ILE B 737 -20.03 12.33 -18.91
N GLN B 738 -20.53 13.43 -19.50
CA GLN B 738 -21.95 13.81 -19.50
C GLN B 738 -22.65 13.42 -20.80
N MET B 739 -22.08 13.82 -21.95
CA MET B 739 -22.63 13.56 -23.27
C MET B 739 -21.58 12.91 -24.17
N ILE B 740 -22.05 12.11 -25.14
CA ILE B 740 -21.27 11.46 -26.19
C ILE B 740 -22.06 11.65 -27.49
N GLN B 741 -21.43 12.29 -28.49
CA GLN B 741 -22.06 12.57 -29.77
C GLN B 741 -21.61 11.61 -30.88
N LYS B 742 -22.39 11.51 -31.97
CA LYS B 742 -22.11 10.64 -33.11
C LYS B 742 -20.75 10.93 -33.75
N THR B 743 -20.34 12.22 -33.79
CA THR B 743 -19.06 12.67 -34.37
C THR B 743 -17.84 12.12 -33.62
N SER B 744 -17.89 12.13 -32.26
CA SER B 744 -16.81 11.66 -31.39
C SER B 744 -16.69 10.16 -31.45
N PHE B 745 -17.84 9.48 -31.59
CA PHE B 745 -17.99 8.04 -31.60
C PHE B 745 -18.63 7.56 -32.92
N PRO B 746 -17.92 7.59 -34.07
CA PRO B 746 -18.56 7.13 -35.32
C PRO B 746 -18.88 5.64 -35.33
N GLU B 747 -20.07 5.30 -35.85
CA GLU B 747 -20.61 3.94 -35.92
C GLU B 747 -19.69 2.93 -36.66
N ASN B 748 -19.04 3.36 -37.76
CA ASN B 748 -18.11 2.53 -38.56
C ASN B 748 -16.89 2.08 -37.76
N VAL B 749 -16.49 2.90 -36.77
CA VAL B 749 -15.37 2.65 -35.86
C VAL B 749 -15.90 1.81 -34.68
N LEU B 750 -16.99 2.28 -34.05
CA LEU B 750 -17.66 1.66 -32.90
C LEU B 750 -18.11 0.23 -33.13
N ASN B 751 -18.73 -0.06 -34.30
CA ASN B 751 -19.28 -1.38 -34.62
C ASN B 751 -18.18 -2.44 -34.90
N ASN B 752 -16.91 -2.01 -34.91
CA ASN B 752 -15.78 -2.92 -35.06
C ASN B 752 -15.13 -3.26 -33.70
N LEU B 753 -15.55 -2.54 -32.62
CA LEU B 753 -15.07 -2.78 -31.26
C LEU B 753 -15.58 -4.12 -30.73
N LYS B 754 -14.71 -4.84 -29.99
CA LYS B 754 -15.02 -6.12 -29.37
C LYS B 754 -15.77 -5.86 -28.07
N MET B 755 -15.32 -4.84 -27.31
CA MET B 755 -15.91 -4.42 -26.04
C MET B 755 -15.72 -2.91 -25.82
N LEU B 756 -16.78 -2.22 -25.36
CA LEU B 756 -16.81 -0.80 -25.05
C LEU B 756 -17.33 -0.61 -23.62
N LEU B 757 -16.47 -0.11 -22.71
CA LEU B 757 -16.78 0.11 -21.30
C LEU B 757 -17.12 1.58 -21.06
N LEU B 758 -18.36 1.85 -20.59
CA LEU B 758 -18.91 3.19 -20.38
C LEU B 758 -19.50 3.43 -18.98
N HIS B 759 -19.70 2.36 -18.19
CA HIS B 759 -20.32 2.40 -16.87
C HIS B 759 -19.62 3.33 -15.86
N HIS B 760 -20.37 3.76 -14.84
CA HIS B 760 -19.95 4.63 -13.74
C HIS B 760 -19.53 6.05 -14.21
N ASN B 761 -20.27 6.61 -15.20
CA ASN B 761 -20.04 7.96 -15.72
C ASN B 761 -21.20 8.93 -15.33
N ARG B 762 -21.01 10.24 -15.54
CA ARG B 762 -22.00 11.26 -15.16
C ARG B 762 -22.97 11.67 -16.30
N PHE B 763 -23.64 10.66 -16.91
CA PHE B 763 -24.54 10.82 -18.07
C PHE B 763 -25.80 11.65 -17.85
N LEU B 764 -25.97 12.67 -18.71
CA LEU B 764 -27.09 13.60 -18.69
C LEU B 764 -28.06 13.25 -19.82
N CYS B 765 -29.21 12.71 -19.42
CA CYS B 765 -30.25 12.20 -20.29
C CYS B 765 -31.25 13.26 -20.75
N THR B 766 -30.75 14.28 -21.44
CA THR B 766 -31.55 15.36 -22.03
C THR B 766 -31.84 15.01 -23.49
N CYS B 767 -32.32 15.96 -24.29
CA CYS B 767 -32.61 15.70 -25.70
C CYS B 767 -31.36 15.76 -26.60
N ASP B 768 -30.21 16.20 -26.05
CA ASP B 768 -28.93 16.27 -26.78
C ASP B 768 -28.25 14.88 -26.76
N ALA B 769 -28.68 14.02 -25.82
CA ALA B 769 -28.16 12.66 -25.68
C ALA B 769 -29.09 11.68 -26.38
N VAL B 770 -29.89 12.16 -27.34
CA VAL B 770 -30.86 11.35 -28.06
C VAL B 770 -30.16 10.31 -28.97
N TRP B 771 -28.99 10.64 -29.58
CA TRP B 771 -28.28 9.67 -30.41
C TRP B 771 -27.69 8.54 -29.55
N PHE B 772 -26.93 8.93 -28.51
CA PHE B 772 -26.25 8.03 -27.59
C PHE B 772 -27.20 7.02 -26.95
N VAL B 773 -28.39 7.47 -26.48
CA VAL B 773 -29.38 6.60 -25.84
C VAL B 773 -29.87 5.54 -26.83
N TRP B 774 -30.21 5.97 -28.06
CA TRP B 774 -30.66 5.09 -29.12
C TRP B 774 -29.57 4.10 -29.56
N TRP B 775 -28.33 4.60 -29.77
CA TRP B 775 -27.20 3.76 -30.19
C TRP B 775 -26.96 2.64 -29.17
N VAL B 776 -26.80 2.99 -27.87
CA VAL B 776 -26.56 2.07 -26.75
C VAL B 776 -27.62 0.97 -26.66
N GLN B 777 -28.90 1.35 -26.85
CA GLN B 777 -30.03 0.41 -26.80
C GLN B 777 -30.03 -0.61 -27.95
N HIS B 778 -29.81 -0.15 -29.19
CA HIS B 778 -29.83 -0.97 -30.40
C HIS B 778 -28.48 -1.49 -30.89
N THR B 779 -27.40 -1.34 -30.09
CA THR B 779 -26.07 -1.81 -30.52
C THR B 779 -25.84 -3.28 -30.17
N GLU B 780 -25.00 -3.95 -30.98
CA GLU B 780 -24.58 -5.34 -30.81
C GLU B 780 -23.29 -5.39 -29.97
N VAL B 781 -22.51 -4.27 -29.93
CA VAL B 781 -21.26 -4.05 -29.19
C VAL B 781 -21.42 -4.44 -27.73
N THR B 782 -20.45 -5.19 -27.20
CA THR B 782 -20.47 -5.69 -25.83
C THR B 782 -20.24 -4.58 -24.80
N ILE B 783 -21.35 -4.01 -24.27
CA ILE B 783 -21.24 -2.98 -23.24
C ILE B 783 -21.55 -3.64 -21.89
N PRO B 784 -20.55 -3.85 -21.01
CA PRO B 784 -20.83 -4.49 -19.72
C PRO B 784 -21.51 -3.54 -18.75
N TYR B 785 -22.26 -4.14 -17.77
CA TYR B 785 -23.00 -3.47 -16.70
C TYR B 785 -24.01 -2.44 -17.26
N LEU B 786 -24.61 -2.75 -18.42
CA LEU B 786 -25.58 -1.90 -19.11
C LEU B 786 -26.86 -1.65 -18.31
N ALA B 787 -27.17 -2.58 -17.40
CA ALA B 787 -28.37 -2.55 -16.57
C ALA B 787 -28.07 -2.52 -15.08
N THR B 788 -26.94 -1.89 -14.70
CA THR B 788 -26.56 -1.77 -13.29
C THR B 788 -25.65 -0.54 -13.06
N ASP B 789 -24.87 -0.09 -14.08
CA ASP B 789 -24.01 1.08 -13.87
C ASP B 789 -24.00 2.09 -15.06
N VAL B 790 -24.70 1.78 -16.18
CA VAL B 790 -24.84 2.73 -17.32
C VAL B 790 -26.19 3.49 -17.09
N THR B 791 -26.13 4.49 -16.18
CA THR B 791 -27.28 5.25 -15.69
C THR B 791 -27.17 6.81 -15.78
N CYS B 792 -28.35 7.51 -15.80
CA CYS B 792 -28.48 8.97 -15.83
C CYS B 792 -28.27 9.59 -14.46
N VAL B 793 -27.59 10.76 -14.45
CA VAL B 793 -27.39 11.57 -13.24
C VAL B 793 -28.45 12.68 -13.20
N GLY B 794 -29.24 12.75 -14.28
CA GLY B 794 -30.32 13.70 -14.47
C GLY B 794 -30.75 13.82 -15.91
N PRO B 795 -31.57 14.84 -16.29
CA PRO B 795 -32.18 15.86 -15.42
C PRO B 795 -33.29 15.27 -14.58
N GLY B 796 -33.42 15.79 -13.35
CA GLY B 796 -34.41 15.43 -12.32
C GLY B 796 -35.18 14.13 -12.50
N ALA B 797 -36.15 14.16 -13.44
CA ALA B 797 -37.04 13.05 -13.81
C ALA B 797 -36.31 11.70 -14.02
N HIS B 798 -35.15 11.73 -14.71
CA HIS B 798 -34.38 10.53 -15.03
C HIS B 798 -33.23 10.21 -14.08
N LYS B 799 -32.98 11.04 -13.05
CA LYS B 799 -31.89 10.78 -12.08
C LYS B 799 -31.97 9.36 -11.50
N GLY B 800 -30.87 8.61 -11.65
CA GLY B 800 -30.74 7.25 -11.17
C GLY B 800 -31.41 6.17 -12.00
N GLN B 801 -31.79 6.50 -13.25
CA GLN B 801 -32.44 5.57 -14.17
C GLN B 801 -31.45 5.13 -15.25
N SER B 802 -31.49 3.82 -15.63
CA SER B 802 -30.61 3.24 -16.66
C SER B 802 -30.92 3.85 -18.02
N VAL B 803 -29.88 4.04 -18.87
CA VAL B 803 -30.05 4.65 -20.20
C VAL B 803 -30.74 3.68 -21.16
N ILE B 804 -30.65 2.37 -20.86
CA ILE B 804 -31.24 1.29 -21.64
C ILE B 804 -32.79 1.31 -21.54
N SER B 805 -33.33 1.71 -20.36
CA SER B 805 -34.77 1.78 -20.06
C SER B 805 -35.44 3.10 -20.55
N LEU B 806 -34.63 4.10 -20.88
CA LEU B 806 -35.05 5.44 -21.30
C LEU B 806 -35.89 5.44 -22.55
N ASP B 807 -36.85 6.38 -22.62
CA ASP B 807 -37.76 6.59 -23.75
C ASP B 807 -37.86 8.10 -24.05
N LEU B 808 -36.96 8.60 -24.89
CA LEU B 808 -36.90 10.02 -25.26
C LEU B 808 -37.79 10.37 -26.46
N TYR B 809 -39.03 9.83 -26.48
CA TYR B 809 -39.99 10.08 -27.55
C TYR B 809 -40.45 11.54 -27.60
N THR B 810 -40.33 12.25 -26.45
CA THR B 810 -40.68 13.67 -26.27
C THR B 810 -39.75 14.57 -27.07
N CYS B 811 -38.51 14.10 -27.31
CA CYS B 811 -37.48 14.80 -28.07
C CYS B 811 -37.73 14.63 -29.58
N GLU B 812 -38.80 13.90 -29.97
CA GLU B 812 -39.16 13.58 -31.36
C GLU B 812 -40.48 14.16 -31.86
N LEU B 813 -41.36 14.66 -30.96
CA LEU B 813 -42.68 15.21 -31.29
C LEU B 813 -42.67 16.34 -32.33
C1 NAG C . 26.83 27.58 -18.69
C2 NAG C . 25.62 27.02 -19.45
C3 NAG C . 26.10 26.13 -20.60
C4 NAG C . 27.06 26.89 -21.51
C5 NAG C . 28.18 27.52 -20.68
C6 NAG C . 29.11 28.41 -21.47
C7 NAG C . 23.49 26.34 -18.39
C8 NAG C . 22.87 25.54 -17.28
N2 NAG C . 24.83 26.25 -18.50
O3 NAG C . 24.97 25.69 -21.35
O4 NAG C . 27.62 25.98 -22.45
O5 NAG C . 27.61 28.32 -19.63
O6 NAG C . 30.36 28.58 -20.81
O7 NAG C . 22.82 27.04 -19.15
C1 NAG C . 27.35 26.16 -23.84
C2 NAG C . 28.38 25.35 -24.63
C3 NAG C . 28.10 25.56 -26.13
C4 NAG C . 26.68 25.13 -26.47
C5 NAG C . 25.67 25.83 -25.56
C6 NAG C . 24.27 25.28 -25.67
C7 NAG C . 30.46 25.28 -23.31
C8 NAG C . 31.89 25.76 -23.23
N2 NAG C . 29.73 25.79 -24.32
O3 NAG C . 29.02 24.83 -26.93
O4 NAG C . 26.42 25.44 -27.85
O5 NAG C . 26.06 25.64 -24.18
O6 NAG C . 24.06 24.18 -24.79
O7 NAG C . 30.00 24.47 -22.51
C1 NAG D . -25.49 -28.10 19.07
C2 NAG D . -25.76 -26.59 19.18
C3 NAG D . -25.55 -26.15 20.63
C4 NAG D . -26.37 -27.00 21.59
C5 NAG D . -26.11 -28.49 21.36
C6 NAG D . -27.02 -29.39 22.16
C7 NAG D . -25.24 -24.89 17.46
C8 NAG D . -24.16 -24.24 16.66
N2 NAG D . -24.86 -25.88 18.28
O3 NAG D . -25.90 -24.78 20.74
O4 NAG D . -26.04 -26.67 22.94
O5 NAG D . -26.30 -28.83 19.98
O6 NAG D . -26.62 -30.75 22.06
O7 NAG D . -26.42 -24.54 17.37
C1 NAG D . -27.03 -26.12 23.80
C2 NAG D . -26.63 -26.44 25.24
C3 NAG D . -27.60 -25.79 26.22
C4 NAG D . -27.70 -24.27 25.96
C5 NAG D . -28.06 -24.02 24.50
C6 NAG D . -28.02 -22.56 24.11
C7 NAG D . -25.49 -28.62 25.48
C8 NAG D . -25.67 -30.10 25.63
N2 NAG D . -26.61 -27.89 25.43
O3 NAG D . -27.13 -26.02 27.55
O4 NAG D . -28.66 -23.69 26.82
O5 NAG D . -27.13 -24.70 23.63
O6 NAG D . -26.69 -22.08 23.91
O7 NAG D . -24.36 -28.10 25.43
C1 NAG E . -27.78 -25.78 -16.89
C2 NAG E . -26.28 -25.83 -16.60
C3 NAG E . -25.79 -27.26 -16.80
C4 NAG E . -26.55 -28.23 -15.89
C5 NAG E . -28.05 -28.05 -16.13
C6 NAG E . -28.93 -28.87 -15.20
C7 NAG E . -25.18 -23.67 -17.08
C8 NAG E . -24.33 -22.92 -18.06
N2 NAG E . -25.55 -24.90 -17.45
O3 NAG E . -24.39 -27.31 -16.56
O4 NAG E . -26.20 -29.59 -16.17
O5 NAG E . -28.44 -26.68 -15.98
O6 NAG E . -29.00 -28.32 -13.89
O7 NAG E . -25.51 -23.19 -16.00
C1 NAG E . -25.04 -30.18 -15.56
C2 NAG E . -25.33 -31.66 -15.31
C3 NAG E . -24.07 -32.30 -14.72
C4 NAG E . -22.87 -32.13 -15.64
C5 NAG E . -22.68 -30.66 -15.97
C6 NAG E . -21.64 -30.41 -17.04
C7 NAG E . -27.62 -32.38 -14.72
C8 NAG E . -28.64 -32.47 -13.62
N2 NAG E . -26.46 -31.80 -14.40
O3 NAG E . -24.30 -33.69 -14.47
O4 NAG E . -21.70 -32.66 -15.04
O5 NAG E . -23.92 -30.09 -16.46
O6 NAG E . -21.54 -29.03 -17.37
O7 NAG E . -27.84 -32.82 -15.85
C1 NAG F . 14.46 4.10 13.42
C2 NAG F . 13.69 5.40 13.62
C3 NAG F . 12.64 5.45 12.52
C4 NAG F . 13.25 5.35 11.13
C5 NAG F . 14.23 4.18 11.02
C6 NAG F . 15.10 4.26 9.79
C7 NAG F . 12.78 6.40 15.69
C8 NAG F . 12.29 6.10 17.06
N2 NAG F . 13.08 5.33 14.93
O3 NAG F . 11.94 6.69 12.58
O4 NAG F . 12.22 5.19 10.16
O5 NAG F . 15.13 4.16 12.15
O6 NAG F . 15.66 3.00 9.41
O7 NAG F . 12.90 7.55 15.27
C1 NAG G . 5.08 40.83 7.10
C2 NAG G . 5.70 39.56 7.68
C3 NAG G . 6.87 39.98 8.57
C4 NAG G . 7.91 40.77 7.76
C5 NAG G . 7.24 41.96 7.06
C6 NAG G . 8.15 42.65 6.08
C7 NAG G . 4.01 37.78 7.89
C8 NAG G . 3.17 36.99 8.85
N2 NAG G . 4.74 38.77 8.42
O3 NAG G . 7.49 38.84 9.15
O4 NAG G . 8.96 41.20 8.63
O5 NAG G . 6.08 41.52 6.33
O6 NAG G . 8.52 41.80 5.00
O7 NAG G . 4.02 37.53 6.68
C1 NAG H . -0.74 -15.86 27.72
C2 NAG H . -0.17 -16.09 29.12
C3 NAG H . 0.37 -17.53 29.13
C4 NAG H . -0.75 -18.52 28.86
C5 NAG H . -1.51 -18.17 27.58
C6 NAG H . -2.82 -18.92 27.45
C7 NAG H . 0.69 -14.09 30.27
C8 NAG H . 1.90 -13.25 30.56
N2 NAG H . 0.87 -15.15 29.47
O3 NAG H . 0.99 -17.81 30.38
O4 NAG H . -0.20 -19.83 28.74
O5 NAG H . -1.84 -16.76 27.57
O6 NAG H . -3.76 -18.21 26.66
O7 NAG H . -0.41 -13.82 30.75
C1 NAG I . -31.77 8.33 24.25
C2 NAG I . -31.32 8.41 25.71
C3 NAG I . -32.30 7.55 26.52
C4 NAG I . -33.73 8.07 26.35
C5 NAG I . -34.11 8.06 24.86
C6 NAG I . -35.46 8.68 24.57
C7 NAG I . -28.87 8.70 25.97
C8 NAG I . -27.55 7.99 26.08
N2 NAG I . -29.96 7.91 25.86
O3 NAG I . -31.93 7.50 27.88
O4 NAG I . -34.63 7.25 27.09
O5 NAG I . -33.12 8.79 24.10
O6 NAG I . -35.35 10.08 24.34
O7 NAG I . -28.95 9.92 25.98
C1 NAG J . 33.38 -6.46 23.10
C2 NAG J . 33.88 -7.90 23.27
C3 NAG J . 34.08 -8.25 24.75
C4 NAG J . 34.87 -7.17 25.49
C5 NAG J . 34.27 -5.78 25.22
C6 NAG J . 35.07 -4.65 25.80
C7 NAG J . 33.07 -9.35 21.45
C8 NAG J . 31.98 -10.29 21.02
N2 NAG J . 32.93 -8.82 22.68
O3 NAG J . 34.76 -9.49 24.87
O4 NAG J . 34.80 -7.43 26.88
O5 NAG J . 34.23 -5.56 23.80
O6 NAG J . 34.56 -3.39 25.35
O7 NAG J . 34.01 -9.07 20.71
C1 NAG K . 15.71 -18.18 26.86
C2 NAG K . 15.90 -19.51 27.59
C3 NAG K . 17.39 -19.74 27.82
C4 NAG K . 18.17 -19.68 26.50
C5 NAG K . 17.85 -18.39 25.74
C6 NAG K . 18.42 -18.35 24.34
C7 NAG K . 13.91 -19.97 28.99
C8 NAG K . 13.42 -20.16 30.40
N2 NAG K . 15.18 -19.55 28.85
O3 NAG K . 17.57 -21.00 28.44
O4 NAG K . 19.58 -19.73 26.76
O5 NAG K . 16.43 -18.24 25.61
O6 NAG K . 17.81 -19.32 23.49
O7 NAG K . 13.19 -20.19 28.02
C1 NAG L . 46.51 7.25 8.83
C2 NAG L . 47.62 6.28 9.28
C3 NAG L . 48.96 7.01 9.27
C4 NAG L . 49.23 7.65 7.93
C5 NAG L . 48.08 8.61 7.57
C6 NAG L . 48.20 9.23 6.19
C7 NAG L . 46.70 4.56 10.80
C8 NAG L . 46.64 4.11 12.22
N2 NAG L . 47.33 5.73 10.60
O3 NAG L . 49.99 6.09 9.60
O4 NAG L . 50.46 8.38 7.98
O5 NAG L . 46.84 7.89 7.59
O6 NAG L . 47.11 10.10 5.93
O7 NAG L . 46.18 3.93 9.89
S SO4 M . 52.26 32.36 4.65
O1 SO4 M . 53.33 33.00 3.87
O2 SO4 M . 52.33 30.90 4.51
O3 SO4 M . 52.38 32.72 6.06
O4 SO4 M . 50.97 32.83 4.12
S SO4 N . 15.52 -18.99 17.95
O1 SO4 N . 15.04 -20.38 17.95
O2 SO4 N . 16.60 -18.86 16.97
O3 SO4 N . 14.43 -18.09 17.58
O4 SO4 N . 16.02 -18.65 19.29
S SO4 O . 36.98 -4.17 19.64
O1 SO4 O . 37.77 -3.00 20.06
O2 SO4 O . 37.84 -5.02 18.81
O3 SO4 O . 36.54 -4.93 20.80
O4 SO4 O . 35.80 -3.73 18.86
S SO4 P . 5.12 -18.81 27.57
O1 SO4 P . 6.16 -18.00 28.21
O2 SO4 P . 5.77 -19.97 26.98
O3 SO4 P . 4.14 -19.23 28.57
O4 SO4 P . 4.43 -18.04 26.54
S SO4 Q . -11.43 49.25 2.40
O1 SO4 Q . -11.17 50.49 1.67
O2 SO4 Q . -11.48 48.13 1.45
O3 SO4 Q . -10.36 49.02 3.37
O4 SO4 Q . -12.72 49.37 3.08
S SO4 R . -25.41 14.15 -7.14
O1 SO4 R . -24.41 14.97 -7.84
O2 SO4 R . -25.05 12.73 -7.26
O3 SO4 R . -25.46 14.52 -5.72
O4 SO4 R . -26.71 14.37 -7.76
S SO4 S . 31.93 8.72 29.19
O1 SO4 S . 33.29 9.20 29.01
O2 SO4 S . 31.91 7.27 29.07
O3 SO4 S . 31.43 9.10 30.52
O4 SO4 S . 31.05 9.31 28.17
S SO4 T . -9.77 47.20 -6.41
O1 SO4 T . -8.44 47.70 -6.10
O2 SO4 T . -9.66 46.06 -7.32
O3 SO4 T . -10.44 46.79 -5.19
O4 SO4 T . -10.56 48.26 -7.05
S SO4 U . 25.33 25.53 -12.45
O1 SO4 U . 24.45 24.87 -13.42
O2 SO4 U . 26.63 25.80 -13.03
O3 SO4 U . 25.49 24.64 -11.30
O4 SO4 U . 24.74 26.79 -12.01
S SO4 V . 21.02 12.62 13.58
O1 SO4 V . 21.24 12.93 12.18
O2 SO4 V . 22.25 12.09 14.16
O3 SO4 V . 20.59 13.83 14.30
O4 SO4 V . 19.97 11.59 13.68
S SO4 W . -8.57 16.95 15.60
O1 SO4 W . -8.24 17.24 14.21
O2 SO4 W . -7.79 15.82 16.06
O3 SO4 W . -10.00 16.64 15.71
O4 SO4 W . -8.29 18.13 16.44
S SO4 X . 10.71 12.67 28.15
O1 SO4 X . 10.32 12.60 26.74
O2 SO4 X . 11.91 11.86 28.38
O3 SO4 X . 11.00 14.06 28.52
O4 SO4 X . 9.62 12.17 28.98
S SO4 Y . -22.23 9.17 -7.30
O1 SO4 Y . -21.05 9.64 -8.04
O2 SO4 Y . -21.85 7.97 -6.54
O3 SO4 Y . -23.30 8.84 -8.23
O4 SO4 Y . -22.69 10.21 -6.40
S SO4 Z . 2.39 18.79 -13.19
O1 SO4 Z . 3.74 19.01 -13.68
O2 SO4 Z . 1.41 19.21 -14.19
O3 SO4 Z . 2.18 19.56 -11.96
O4 SO4 Z . 2.19 17.37 -12.95
S SO4 AA . 21.93 9.34 32.76
O1 SO4 AA . 21.07 9.81 31.68
O2 SO4 AA . 23.06 8.61 32.22
O3 SO4 AA . 21.16 8.45 33.65
O4 SO4 AA . 22.41 10.50 33.52
S SO4 BA . -14.68 24.29 26.08
O1 SO4 BA . -13.92 25.36 26.72
O2 SO4 BA . -13.98 23.81 24.88
O3 SO4 BA . -15.99 24.81 25.69
O4 SO4 BA . -14.85 23.17 27.01
S SO4 CA . 22.19 39.13 9.15
O1 SO4 CA . 21.79 39.79 7.90
O2 SO4 CA . 23.44 38.40 8.93
O3 SO4 CA . 21.13 38.20 9.56
O4 SO4 CA . 22.39 40.14 10.18
S SO4 DA . -17.46 7.69 -6.30
O1 SO4 DA . -16.57 8.77 -6.73
O2 SO4 DA . -17.07 6.44 -6.97
O3 SO4 DA . -17.36 7.51 -4.85
O4 SO4 DA . -18.84 8.02 -6.67
N1 QCX EA . 5.33 -23.69 17.69
C7 QCX EA . 3.56 -24.16 15.28
C8 QCX EA . 3.98 -23.68 20.34
N2 QCX EA . 8.56 -23.65 17.31
C9 QCX EA . 3.40 -24.35 19.11
O1 QCX EA . 8.47 -26.47 28.37
C1 QCX EA . 6.11 -22.67 17.26
C5 QCX EA . 3.86 -23.74 17.77
C6 QCX EA . 3.29 -24.64 16.69
N3 QCX EA . 9.77 -23.11 16.99
C4 QCX EA . 6.12 -20.46 16.63
C3 QCX EA . 8.14 -21.53 16.71
C2 QCX EA . 7.55 -22.74 17.15
N4 QCX EA . 7.46 -20.40 16.45
O QCX EA . 3.41 -24.20 21.54
C10 QCX EA . 4.08 -25.28 14.41
N5 QCX EA . 5.42 -21.56 16.99
N QCX EA . 5.46 -19.31 16.61
C QCX EA . 9.54 -21.86 16.64
C11 QCX EA . 8.47 -25.06 17.65
C12 QCX EA . 8.35 -25.30 19.13
C17 QCX EA . 9.18 -24.64 20.03
C16 QCX EA . 9.04 -24.80 21.40
C15 QCX EA . 8.06 -25.62 21.91
C14 QCX EA . 7.25 -26.35 21.04
C13 QCX EA . 7.38 -26.17 19.66
O2 QCX EA . 6.58 -26.77 18.73
C24 QCX EA . 5.63 -27.73 19.17
C18 QCX EA . 7.73 -25.59 23.39
N6 QCX EA . 8.82 -26.13 24.19
C19 QCX EA . 8.78 -25.70 25.61
C21 QCX EA . 7.42 -25.75 26.31
C22 QCX EA . 7.57 -25.53 27.79
C23 QCX EA . 9.79 -26.32 27.82
C20 QCX EA . 9.79 -26.59 26.34
H2 QCX EA . 5.77 -24.55 18.01
H7 QCX EA . 4.24 -23.32 15.27
H8 QCX EA . 2.64 -23.76 14.84
H10 QCX EA . 5.06 -23.80 20.35
H9 QCX EA . 3.77 -22.61 20.31
H12 QCX EA . 2.32 -24.31 19.17
H11 QCX EA . 3.63 -25.41 19.13
H4 QCX EA . 3.41 -22.75 17.68
H6 QCX EA . 2.21 -24.72 16.83
H5 QCX EA . 3.65 -25.66 16.79
H16 QCX EA . 4.16 -24.52 22.10
H14 QCX EA . 5.07 -25.60 14.71
H13 QCX EA . 4.17 -24.96 13.37
H15 QCX EA . 3.43 -26.15 14.42
H QCX EA . 4.48 -19.25 16.90
H1 QCX EA . 5.90 -18.44 16.30
H3 QCX EA . 10.33 -21.18 16.31
H18 QCX EA . 7.66 -25.49 17.07
H17 QCX EA . 9.38 -25.56 17.30
H21 QCX EA . 9.97 -23.99 19.65
H20 QCX EA . 9.70 -24.27 22.08
H19 QCX EA . 6.54 -27.04 21.46
H36 QCX EA . 5.15 -28.17 18.29
H35 QCX EA . 4.89 -27.19 19.75
H34 QCX EA . 6.01 -28.56 19.78
H23 QCX EA . 7.58 -24.54 23.66
H22 QCX EA . 6.76 -26.05 23.57
H24 QCX EA . 8.91 -27.13 24.05
H25 QCX EA . 9.15 -24.69 25.72
H29 QCX EA . 6.75 -25.00 25.90
H28 QCX EA . 6.94 -26.71 26.13
H31 QCX EA . 7.87 -24.50 28.01
H30 QCX EA . 6.64 -25.70 28.33
H32 QCX EA . 10.38 -27.02 28.38
H33 QCX EA . 10.19 -25.33 28.04
H27 QCX EA . 9.59 -27.66 26.17
H26 QCX EA . 10.79 -26.43 25.95
S SO4 FA . 28.93 -9.15 0.81
O1 SO4 FA . 29.61 -7.85 0.77
O2 SO4 FA . 29.62 -10.10 -0.06
O3 SO4 FA . 28.92 -9.66 2.19
O4 SO4 FA . 27.55 -9.00 0.36
N1 QCX GA . 29.93 1.07 -2.63
C7 QCX GA . 28.62 3.59 -1.51
C8 QCX GA . 31.11 1.24 -5.27
N2 QCX GA . 30.52 -1.50 -0.76
C9 QCX GA . 30.81 2.47 -4.45
O1 QCX GA . 39.48 -3.57 -7.78
C1 QCX GA . 29.11 0.01 -2.38
C5 QCX GA . 29.68 2.27 -3.42
C6 QCX GA . 29.73 3.51 -2.53
N3 QCX GA . 30.25 -2.69 -0.14
C4 QCX GA . 27.07 -0.94 -2.85
C3 QCX GA . 28.43 -2.05 -1.39
C2 QCX GA . 29.45 -1.07 -1.51
N4 QCX GA . 27.25 -2.00 -2.04
O QCX GA . 32.13 1.51 -6.22
C10 QCX GA . 29.13 3.98 -0.15
N5 QCX GA . 27.94 0.08 -3.03
N QCX GA . 26.02 -0.99 -3.68
C QCX GA . 29.02 -3.02 -0.50
C11 QCX GA . 31.81 -0.87 -0.58
C12 QCX GA . 32.78 -1.15 -1.72
C17 QCX GA . 32.95 -2.44 -2.21
C16 QCX GA . 33.81 -2.69 -3.25
C15 QCX GA . 34.55 -1.68 -3.85
C14 QCX GA . 34.43 -0.39 -3.32
C13 QCX GA . 33.54 -0.12 -2.28
O2 QCX GA . 33.28 1.13 -1.80
C24 QCX GA . 34.01 2.23 -2.36
C18 QCX GA . 35.29 -1.90 -5.14
N6 QCX GA . 36.54 -2.62 -4.92
C19 QCX GA . 37.14 -3.16 -6.16
C21 QCX GA . 37.70 -2.07 -7.07
C22 QCX GA . 38.43 -2.70 -8.23
C23 QCX GA . 38.93 -4.65 -7.02
C20 QCX GA . 38.22 -4.15 -5.78
H2 QCX GA . 30.86 1.04 -2.25
H7 QCX GA . 28.09 2.64 -1.48
H8 QCX GA . 27.86 4.30 -1.84
H10 QCX GA . 31.39 0.40 -4.64
H9 QCX GA . 30.22 0.93 -5.82
H12 QCX GA . 30.51 3.26 -5.13
H11 QCX GA . 31.71 2.84 -3.98
H4 QCX GA . 28.74 2.25 -3.95
H6 QCX GA . 29.67 4.40 -3.18
H5 QCX GA . 30.68 3.60 -2.03
H16 QCX GA . 32.81 0.78 -6.14
H14 QCX GA . 29.71 3.18 0.31
H13 QCX GA . 28.31 4.18 0.53
H15 QCX GA . 29.76 4.87 -0.18
H QCX GA . 25.89 -0.30 -4.42
H1 QCX GA . 25.32 -1.71 -3.60
H3 QCX GA . 28.55 -3.94 -0.15
H18 QCX GA . 31.64 0.19 -0.40
H17 QCX GA . 32.25 -1.25 0.34
H21 QCX GA . 32.40 -3.26 -1.76
H20 QCX GA . 33.94 -3.71 -3.63
H19 QCX GA . 35.08 0.38 -3.74
H36 QCX GA . 33.64 3.14 -1.88
H35 QCX GA . 33.75 2.26 -3.41
H34 QCX GA . 35.09 2.20 -2.27
H23 QCX GA . 34.66 -2.50 -5.78
H22 QCX GA . 35.41 -0.96 -5.67
H24 QCX GA . 37.20 -2.09 -4.36
H25 QCX GA . 36.41 -3.70 -6.75
H29 QCX GA . 36.93 -1.39 -7.43
H28 QCX GA . 38.41 -1.46 -6.52
H31 QCX GA . 37.75 -3.21 -8.91
H30 QCX GA . 38.96 -1.96 -8.84
H32 QCX GA . 39.81 -5.26 -6.78
H33 QCX GA . 38.29 -5.28 -7.62
H27 QCX GA . 38.94 -3.72 -5.09
H26 QCX GA . 37.79 -5.00 -5.25
C1 NAG HA . 7.56 -18.28 -4.14
C2 NAG HA . 6.41 -18.34 -5.15
C3 NAG HA . 5.55 -17.11 -4.88
C4 NAG HA . 5.04 -17.09 -3.44
C5 NAG HA . 6.17 -17.30 -2.43
C6 NAG HA . 5.66 -17.60 -1.04
C7 NAG HA . 6.47 -18.81 -7.59
C8 NAG HA . 7.32 -18.75 -8.82
N2 NAG HA . 7.02 -18.27 -6.48
O3 NAG HA . 4.42 -17.12 -5.75
O4 NAG HA . 4.40 -15.85 -3.20
O5 NAG HA . 6.99 -18.42 -2.83
O6 NAG HA . 6.63 -17.34 -0.02
O7 NAG HA . 5.35 -19.29 -7.60
C1 NAG IA . 27.45 -1.39 -16.43
C2 NAG IA . 28.63 -1.96 -17.21
C3 NAG IA . 29.74 -1.62 -16.24
C4 NAG IA . 30.03 -0.12 -16.23
C5 NAG IA . 28.77 0.74 -16.17
C6 NAG IA . 28.61 1.68 -17.35
C7 NAG IA . 27.78 -4.01 -18.31
C8 NAG IA . 27.53 -5.48 -18.12
N2 NAG IA . 28.47 -3.40 -17.33
O3 NAG IA . 30.93 -2.35 -16.54
O4 NAG IA . 30.87 0.19 -15.12
O5 NAG IA . 27.54 -0.01 -16.03
O6 NAG IA . 27.50 2.56 -17.21
O7 NAG IA . 27.35 -3.41 -19.29
C1 NAG JA . 33.01 -13.32 -6.27
C2 NAG JA . 34.49 -13.33 -6.63
C3 NAG JA . 35.17 -14.50 -5.92
C4 NAG JA . 34.89 -14.49 -4.41
C5 NAG JA . 33.39 -14.37 -4.14
C6 NAG JA . 33.06 -14.16 -2.67
C7 NAG JA . 34.77 -12.36 -8.89
C8 NAG JA . 34.98 -12.67 -10.34
N2 NAG JA . 34.68 -13.42 -8.06
O3 NAG JA . 36.57 -14.46 -6.16
O4 NAG JA . 35.39 -15.68 -3.82
O5 NAG JA . 32.84 -13.24 -4.85
O6 NAG JA . 31.66 -14.08 -2.46
O7 NAG JA . 34.65 -11.21 -8.48
C1 NAG KA . 26.05 -31.68 2.05
C2 NAG KA . 27.42 -31.47 2.69
C3 NAG KA . 28.48 -31.68 1.61
C4 NAG KA . 28.33 -33.05 0.96
C5 NAG KA . 26.90 -33.23 0.43
C6 NAG KA . 26.61 -34.62 -0.10
C7 NAG KA . 27.88 -29.90 4.53
C8 NAG KA . 28.01 -28.45 4.92
N2 NAG KA . 27.53 -30.14 3.26
O3 NAG KA . 29.78 -31.55 2.18
O4 NAG KA . 29.25 -33.18 -0.12
O5 NAG KA . 25.95 -32.99 1.49
O6 NAG KA . 25.26 -34.73 -0.54
O7 NAG KA . 28.06 -30.79 5.35
C1 NAG LA . 10.51 -43.97 15.57
C2 NAG LA . 11.80 -44.52 16.16
C3 NAG LA . 11.57 -45.94 16.71
C4 NAG LA . 10.36 -45.96 17.66
C5 NAG LA . 9.14 -45.42 16.94
C6 NAG LA . 7.91 -45.34 17.83
C7 NAG LA . 13.78 -43.54 15.05
C8 NAG LA . 14.87 -43.80 14.07
N2 NAG LA . 12.87 -44.54 15.19
O3 NAG LA . 12.74 -46.38 17.38
O4 NAG LA . 10.14 -47.29 18.13
O5 NAG LA . 9.40 -44.09 16.48
O6 NAG LA . 6.79 -44.78 17.15
O7 NAG LA . 13.68 -42.48 15.68
S SO4 MA . -22.09 16.70 -12.45
O1 SO4 MA . -21.02 16.06 -13.24
O2 SO4 MA . -22.06 18.15 -12.67
O3 SO4 MA . -21.87 16.46 -11.02
O4 SO4 MA . -23.39 16.17 -12.85
S SO4 NA . -10.35 -60.09 11.71
O1 SO4 NA . -10.41 -61.46 12.20
O2 SO4 NA . -9.30 -59.96 10.71
O3 SO4 NA . -10.06 -59.20 12.84
O4 SO4 NA . -11.64 -59.72 11.12
S SO4 OA . 31.16 -4.18 -12.39
O1 SO4 OA . 32.54 -3.72 -12.50
O2 SO4 OA . 30.47 -3.82 -13.62
O3 SO4 OA . 30.51 -3.55 -11.25
O4 SO4 OA . 31.14 -5.63 -12.20
S SO4 PA . -21.38 -5.88 5.24
O1 SO4 PA . -19.99 -5.98 4.81
O2 SO4 PA . -22.22 -5.98 4.04
O3 SO4 PA . -21.66 -7.00 6.15
O4 SO4 PA . -21.61 -4.61 5.93
S SO4 QA . 16.77 -33.32 -17.07
O1 SO4 QA . 16.63 -32.29 -18.10
O2 SO4 QA . 16.96 -34.62 -17.70
O3 SO4 QA . 15.57 -33.34 -16.25
O4 SO4 QA . 17.94 -33.02 -16.24
S SO4 RA . 16.14 -39.92 -8.71
O1 SO4 RA . 17.39 -39.18 -8.50
O2 SO4 RA . 16.06 -40.37 -10.09
O3 SO4 RA . 15.01 -39.06 -8.40
O4 SO4 RA . 16.13 -41.07 -7.81
S SO4 SA . 6.86 -22.84 -20.10
O1 SO4 SA . 8.09 -22.26 -20.64
O2 SO4 SA . 6.13 -23.49 -21.19
O3 SO4 SA . 7.19 -23.83 -19.08
O4 SO4 SA . 6.03 -21.80 -19.51
S SO4 TA . -46.13 -23.64 -12.40
O1 SO4 TA . -45.48 -24.03 -11.14
O2 SO4 TA . -45.23 -23.95 -13.52
O3 SO4 TA . -46.41 -22.21 -12.40
O4 SO4 TA . -47.37 -24.38 -12.56
S SO4 UA . -41.23 -14.68 -24.69
O1 SO4 UA . -41.28 -13.65 -25.72
O2 SO4 UA . -40.18 -15.66 -25.01
O3 SO4 UA . -40.94 -14.05 -23.39
O4 SO4 UA . -42.52 -15.36 -24.63
S SO4 VA . 13.82 -36.58 18.99
O1 SO4 VA . 15.24 -36.97 19.06
O2 SO4 VA . 13.57 -35.91 17.71
O3 SO4 VA . 12.97 -37.77 19.09
O4 SO4 VA . 13.51 -35.67 20.10
#